data_3M0L
#
_entry.id   3M0L
#
_cell.length_a   74.576
_cell.length_b   104.117
_cell.length_c   111.230
_cell.angle_alpha   90.00
_cell.angle_beta   106.21
_cell.angle_gamma   90.00
#
_symmetry.space_group_name_H-M   'P 1 21 1'
#
loop_
_entity.id
_entity.type
_entity.pdbx_description
1 polymer 'L-rhamnose isomerase'
2 non-polymer 'MANGANESE (II) ION'
3 non-polymer D-psicose
4 water water
#
_entity_poly.entity_id   1
_entity_poly.type   'polypeptide(L)'
_entity_poly.pdbx_seq_one_letter_code
;MAEFRIAQDVVARENDRRASALKEDYEALGANLARRGVDIEAVTAKVEKFFVAVPSWGVGTGGTRFARFPGTGEPRGIFD
KLDDCAVIQQLTRATPNVSLHIPWDKADPKELKARGDALGLGFDAMNSNTFSDAPGQAHSYKYGSLSHTNAATRAQAVEH
NLECIEIGKAIGSKALTVWIGDGSNFPGQSNFTRAFERYLSAMAEIYKGLPDDWKLFSEHKMYEPAFYSTVVQDWGTNYL
IAQTLGPKAQCLVDLGHHAPNTNIEMIVARLIQFGKLGGFHFNDSKYGDDDLDAGAIEPYRLFLVFNELVDAEARGVKGF
HPAHMIDQFHNVTDPIESLINSANEIRRAYAQALLVDRAALSGYQEDNDALMATETLKRAYRTDVEPILAEARRRTGGAV
DPVATYRASGYRARVAAERPASVAGGGGIIGSHHHHHH
;
_entity_poly.pdbx_strand_id   A,B,C,D
#
loop_
_chem_comp.id
_chem_comp.type
_chem_comp.name
_chem_comp.formula
MN non-polymer 'MANGANESE (II) ION' 'Mn 2'
PSJ D-saccharide D-psicose 'C6 H12 O6'
#
# COMPACT_ATOMS: atom_id res chain seq x y z
N PHE A 4 -36.74 -17.45 24.70
CA PHE A 4 -36.63 -16.16 23.96
C PHE A 4 -35.78 -15.15 24.72
N ARG A 5 -34.55 -14.91 24.25
CA ARG A 5 -33.66 -13.97 24.90
C ARG A 5 -34.32 -12.59 24.91
N ILE A 6 -34.98 -12.23 23.82
CA ILE A 6 -35.68 -10.96 23.70
C ILE A 6 -37.18 -11.21 23.77
N ALA A 7 -37.88 -10.54 24.67
CA ALA A 7 -39.32 -10.72 24.83
C ALA A 7 -40.06 -10.57 23.52
N GLN A 8 -40.93 -11.53 23.22
CA GLN A 8 -41.70 -11.49 21.98
C GLN A 8 -42.60 -10.28 21.87
N ASP A 9 -43.16 -9.83 22.99
CA ASP A 9 -44.05 -8.67 22.96
C ASP A 9 -43.30 -7.42 22.54
N VAL A 10 -41.99 -7.38 22.84
CA VAL A 10 -41.16 -6.23 22.47
C VAL A 10 -40.93 -6.25 20.96
N VAL A 11 -40.58 -7.41 20.44
CA VAL A 11 -40.34 -7.54 19.00
C VAL A 11 -41.62 -7.19 18.26
N ALA A 12 -42.76 -7.64 18.79
CA ALA A 12 -44.05 -7.37 18.18
C ALA A 12 -44.32 -5.86 18.17
N ARG A 13 -44.18 -5.23 19.33
CA ARG A 13 -44.42 -3.81 19.46
C ARG A 13 -43.54 -2.98 18.54
N GLU A 14 -42.26 -3.31 18.47
CA GLU A 14 -41.34 -2.56 17.62
C GLU A 14 -41.61 -2.78 16.13
N ASN A 15 -42.06 -3.98 15.77
CA ASN A 15 -42.38 -4.27 14.37
C ASN A 15 -43.64 -3.51 13.98
N ASP A 16 -44.65 -3.54 14.84
CA ASP A 16 -45.90 -2.84 14.57
C ASP A 16 -45.65 -1.35 14.39
N ARG A 17 -44.82 -0.79 15.25
CA ARG A 17 -44.50 0.63 15.18
C ARG A 17 -43.88 1.02 13.84
N ARG A 18 -43.31 0.05 13.13
CA ARG A 18 -42.66 0.31 11.85
C ARG A 18 -43.29 -0.37 10.64
N ALA A 19 -44.38 -1.11 10.86
CA ALA A 19 -45.05 -1.84 9.79
C ALA A 19 -45.54 -0.97 8.64
N SER A 20 -46.14 0.17 8.97
CA SER A 20 -46.67 1.07 7.94
C SER A 20 -45.56 1.54 7.00
N ALA A 21 -44.48 2.08 7.56
CA ALA A 21 -43.37 2.56 6.76
C ALA A 21 -42.77 1.43 5.90
N LEU A 22 -42.64 0.25 6.51
CA LEU A 22 -42.08 -0.90 5.77
C LEU A 22 -42.96 -1.24 4.57
N LYS A 23 -44.27 -1.27 4.80
CA LYS A 23 -45.22 -1.58 3.74
C LYS A 23 -45.02 -0.61 2.58
N GLU A 24 -45.01 0.68 2.87
CA GLU A 24 -44.83 1.69 1.83
C GLU A 24 -43.52 1.51 1.04
N ASP A 25 -42.41 1.37 1.77
CA ASP A 25 -41.11 1.19 1.13
C ASP A 25 -40.98 -0.11 0.36
N TYR A 26 -41.49 -1.20 0.92
CA TYR A 26 -41.40 -2.49 0.25
C TYR A 26 -42.22 -2.51 -1.03
N GLU A 27 -43.45 -2.01 -0.96
CA GLU A 27 -44.32 -2.00 -2.14
C GLU A 27 -43.76 -1.07 -3.19
N ALA A 28 -43.17 0.05 -2.76
CA ALA A 28 -42.56 0.98 -3.70
C ALA A 28 -41.39 0.29 -4.38
N LEU A 29 -40.55 -0.36 -3.58
CA LEU A 29 -39.41 -1.08 -4.12
C LEU A 29 -39.90 -2.20 -5.03
N GLY A 30 -40.99 -2.84 -4.63
CA GLY A 30 -41.54 -3.93 -5.42
C GLY A 30 -41.94 -3.51 -6.82
N ALA A 31 -42.61 -2.36 -6.91
CA ALA A 31 -43.05 -1.84 -8.20
C ALA A 31 -41.86 -1.45 -9.06
N ASN A 32 -40.85 -0.83 -8.43
CA ASN A 32 -39.66 -0.42 -9.16
C ASN A 32 -38.95 -1.65 -9.73
N LEU A 33 -38.87 -2.70 -8.93
CA LEU A 33 -38.22 -3.92 -9.36
C LEU A 33 -39.01 -4.62 -10.47
N ALA A 34 -40.34 -4.62 -10.34
CA ALA A 34 -41.19 -5.24 -11.35
C ALA A 34 -40.93 -4.56 -12.69
N ARG A 35 -40.81 -3.24 -12.67
CA ARG A 35 -40.54 -2.47 -13.87
C ARG A 35 -39.19 -2.86 -14.49
N ARG A 36 -38.30 -3.39 -13.65
CA ARG A 36 -36.97 -3.82 -14.09
C ARG A 36 -36.97 -5.31 -14.40
N GLY A 37 -38.15 -5.92 -14.39
CA GLY A 37 -38.27 -7.33 -14.69
C GLY A 37 -37.84 -8.26 -13.57
N VAL A 38 -37.86 -7.76 -12.34
CA VAL A 38 -37.47 -8.54 -11.19
C VAL A 38 -38.65 -8.73 -10.23
N ASP A 39 -38.79 -9.95 -9.72
CA ASP A 39 -39.86 -10.28 -8.78
C ASP A 39 -39.31 -10.12 -7.37
N ILE A 40 -39.73 -9.06 -6.68
CA ILE A 40 -39.25 -8.80 -5.33
C ILE A 40 -39.50 -10.00 -4.40
N GLU A 41 -40.59 -10.72 -4.63
CA GLU A 41 -40.89 -11.86 -3.77
C GLU A 41 -39.82 -12.93 -3.89
N ALA A 42 -39.30 -13.14 -5.10
CA ALA A 42 -38.27 -14.16 -5.32
C ALA A 42 -36.97 -13.77 -4.64
N VAL A 43 -36.66 -12.48 -4.62
CA VAL A 43 -35.45 -12.00 -3.98
C VAL A 43 -35.55 -12.18 -2.47
N THR A 44 -36.69 -11.79 -1.91
CA THR A 44 -36.92 -11.93 -0.48
C THR A 44 -36.85 -13.38 -0.03
N ALA A 45 -37.43 -14.29 -0.82
CA ALA A 45 -37.41 -15.71 -0.47
C ALA A 45 -35.98 -16.25 -0.36
N LYS A 46 -35.09 -15.78 -1.22
CA LYS A 46 -33.71 -16.23 -1.17
C LYS A 46 -32.95 -15.54 -0.04
N VAL A 47 -33.25 -14.27 0.19
CA VAL A 47 -32.58 -13.52 1.24
C VAL A 47 -32.87 -14.08 2.63
N GLU A 48 -34.11 -14.52 2.87
CA GLU A 48 -34.42 -15.05 4.19
C GLU A 48 -33.74 -16.39 4.44
N LYS A 49 -33.11 -16.94 3.41
CA LYS A 49 -32.41 -18.21 3.55
C LYS A 49 -30.90 -18.07 3.48
N PHE A 50 -30.40 -16.84 3.42
CA PHE A 50 -28.95 -16.67 3.38
C PHE A 50 -28.46 -16.60 4.83
N PHE A 51 -27.55 -17.50 5.20
CA PHE A 51 -27.04 -17.54 6.56
C PHE A 51 -25.52 -17.35 6.65
N VAL A 52 -25.09 -16.70 7.72
CA VAL A 52 -23.67 -16.47 7.97
C VAL A 52 -23.40 -16.77 9.44
N ALA A 53 -22.36 -17.56 9.70
CA ALA A 53 -22.03 -17.92 11.07
C ALA A 53 -21.53 -16.75 11.89
N VAL A 54 -21.96 -16.70 13.15
CA VAL A 54 -21.55 -15.64 14.07
C VAL A 54 -20.39 -16.19 14.90
N PRO A 55 -19.30 -15.42 15.02
CA PRO A 55 -18.12 -15.83 15.78
C PRO A 55 -18.33 -15.67 17.29
N SER A 56 -17.99 -16.72 18.04
CA SER A 56 -18.14 -16.66 19.49
C SER A 56 -17.26 -15.54 20.02
N TRP A 57 -16.10 -15.35 19.40
CA TRP A 57 -15.17 -14.33 19.84
C TRP A 57 -15.56 -12.91 19.46
N GLY A 58 -16.68 -12.77 18.74
CA GLY A 58 -17.13 -11.46 18.35
C GLY A 58 -18.21 -10.89 19.27
N VAL A 59 -18.71 -11.73 20.18
CA VAL A 59 -19.76 -11.30 21.10
C VAL A 59 -19.23 -10.55 22.31
N GLY A 60 -17.94 -10.74 22.61
CA GLY A 60 -17.34 -10.04 23.71
C GLY A 60 -16.57 -8.89 23.10
N THR A 61 -16.33 -7.82 23.87
CA THR A 61 -15.58 -6.69 23.34
C THR A 61 -14.15 -7.09 23.00
N GLY A 62 -13.64 -6.61 21.87
CA GLY A 62 -12.29 -6.92 21.47
C GLY A 62 -11.33 -5.84 21.90
N GLY A 63 -10.08 -5.93 21.46
CA GLY A 63 -9.10 -4.94 21.81
C GLY A 63 -7.92 -4.99 20.86
N THR A 64 -6.95 -4.11 21.08
CA THR A 64 -5.76 -4.04 20.25
C THR A 64 -4.55 -4.37 21.10
N ARG A 65 -3.36 -4.33 20.51
CA ARG A 65 -2.18 -4.64 21.30
C ARG A 65 -1.92 -3.53 22.32
N PHE A 66 -2.63 -2.42 22.17
CA PHE A 66 -2.46 -1.28 23.08
C PHE A 66 -3.42 -1.29 24.27
N ALA A 67 -4.66 -1.72 24.04
CA ALA A 67 -5.62 -1.74 25.14
C ALA A 67 -6.94 -2.40 24.74
N ARG A 68 -7.74 -2.67 25.76
CA ARG A 68 -9.05 -3.27 25.60
C ARG A 68 -9.97 -2.49 26.52
N PHE A 69 -11.12 -2.06 26.00
CA PHE A 69 -12.08 -1.28 26.77
C PHE A 69 -13.40 -2.03 26.83
N PRO A 70 -13.55 -2.96 27.78
CA PRO A 70 -14.80 -3.71 27.88
C PRO A 70 -16.01 -2.87 28.25
N GLY A 71 -17.18 -3.30 27.81
CA GLY A 71 -18.40 -2.60 28.14
C GLY A 71 -19.05 -3.34 29.28
N THR A 72 -20.34 -3.13 29.51
CA THR A 72 -21.03 -3.82 30.60
C THR A 72 -21.57 -5.16 30.13
N GLY A 73 -21.76 -6.07 31.08
CA GLY A 73 -22.29 -7.38 30.76
C GLY A 73 -21.49 -8.24 29.80
N GLU A 74 -20.17 -8.18 29.89
CA GLU A 74 -19.33 -8.98 29.00
C GLU A 74 -19.61 -10.45 29.33
N PRO A 75 -19.69 -11.31 28.30
CA PRO A 75 -19.96 -12.72 28.56
C PRO A 75 -18.87 -13.36 29.41
N ARG A 76 -19.28 -14.18 30.38
CA ARG A 76 -18.35 -14.84 31.30
C ARG A 76 -17.64 -16.02 30.64
N GLY A 77 -18.33 -16.69 29.73
CA GLY A 77 -17.77 -17.83 29.04
C GLY A 77 -18.54 -18.13 27.79
N ILE A 78 -18.32 -19.31 27.23
CA ILE A 78 -19.00 -19.70 26.00
C ILE A 78 -20.52 -19.78 26.14
N PHE A 79 -21.00 -20.21 27.31
CA PHE A 79 -22.44 -20.33 27.48
C PHE A 79 -23.11 -18.96 27.43
N ASP A 80 -22.48 -17.95 28.02
CA ASP A 80 -23.02 -16.59 27.97
C ASP A 80 -22.95 -16.12 26.53
N LYS A 81 -21.85 -16.47 25.86
CA LYS A 81 -21.67 -16.07 24.47
C LYS A 81 -22.76 -16.67 23.58
N LEU A 82 -23.10 -17.93 23.82
CA LEU A 82 -24.16 -18.57 23.03
C LEU A 82 -25.49 -17.85 23.29
N ASP A 83 -25.73 -17.47 24.53
CA ASP A 83 -26.95 -16.75 24.88
C ASP A 83 -27.04 -15.46 24.07
N ASP A 84 -25.91 -14.77 23.94
CA ASP A 84 -25.88 -13.51 23.20
C ASP A 84 -26.02 -13.76 21.70
N CYS A 85 -25.46 -14.88 21.22
CA CYS A 85 -25.57 -15.22 19.82
C CYS A 85 -27.04 -15.48 19.48
N ALA A 86 -27.80 -15.97 20.47
CA ALA A 86 -29.21 -16.26 20.29
C ALA A 86 -30.01 -14.98 20.04
N VAL A 87 -29.54 -13.88 20.63
CA VAL A 87 -30.19 -12.58 20.45
C VAL A 87 -30.02 -12.16 18.98
N ILE A 88 -28.79 -12.29 18.50
CA ILE A 88 -28.47 -11.92 17.13
C ILE A 88 -29.32 -12.72 16.14
N GLN A 89 -29.43 -14.03 16.38
CA GLN A 89 -30.23 -14.89 15.51
C GLN A 89 -31.72 -14.57 15.62
N GLN A 90 -32.20 -14.36 16.84
CA GLN A 90 -33.62 -14.05 17.02
C GLN A 90 -34.03 -12.77 16.32
N LEU A 91 -33.16 -11.76 16.35
CA LEU A 91 -33.49 -10.48 15.74
C LEU A 91 -33.21 -10.36 14.24
N THR A 92 -32.13 -10.95 13.76
CA THR A 92 -31.79 -10.89 12.34
C THR A 92 -32.23 -12.11 11.56
N ARG A 93 -32.30 -13.25 12.24
CA ARG A 93 -32.67 -14.53 11.63
C ARG A 93 -31.70 -14.89 10.52
N ALA A 94 -30.50 -14.30 10.56
CA ALA A 94 -29.49 -14.57 9.55
C ALA A 94 -28.24 -15.26 10.09
N THR A 95 -28.24 -15.56 11.39
CA THR A 95 -27.09 -16.20 12.03
C THR A 95 -27.46 -17.39 12.91
N PRO A 96 -28.05 -18.44 12.32
CA PRO A 96 -28.44 -19.64 13.07
C PRO A 96 -27.29 -20.51 13.57
N ASN A 97 -26.09 -20.30 13.02
CA ASN A 97 -24.94 -21.10 13.43
C ASN A 97 -23.82 -20.28 14.04
N VAL A 98 -23.15 -20.87 15.02
CA VAL A 98 -22.06 -20.22 15.73
C VAL A 98 -20.73 -20.87 15.41
N SER A 99 -19.68 -20.06 15.34
CA SER A 99 -18.35 -20.56 15.07
C SER A 99 -17.59 -20.57 16.41
N LEU A 100 -17.12 -21.75 16.81
CA LEU A 100 -16.38 -21.89 18.07
C LEU A 100 -14.87 -21.85 17.89
N HIS A 101 -14.18 -21.41 18.94
CA HIS A 101 -12.73 -21.32 18.92
C HIS A 101 -12.20 -22.07 20.14
N ILE A 102 -11.32 -23.04 19.91
CA ILE A 102 -10.75 -23.85 20.96
C ILE A 102 -9.29 -23.42 21.16
N PRO A 103 -8.82 -23.31 22.42
CA PRO A 103 -9.49 -23.57 23.70
C PRO A 103 -10.39 -22.50 24.31
N TRP A 104 -10.51 -21.33 23.68
CA TRP A 104 -11.36 -20.29 24.26
C TRP A 104 -12.73 -20.80 24.70
N ASP A 105 -13.40 -21.54 23.81
CA ASP A 105 -14.73 -22.04 24.11
C ASP A 105 -14.79 -23.49 24.55
N LYS A 106 -13.66 -24.02 25.02
CA LYS A 106 -13.63 -25.41 25.45
C LYS A 106 -14.58 -25.67 26.62
N ALA A 107 -15.41 -26.69 26.46
CA ALA A 107 -16.39 -27.07 27.46
C ALA A 107 -16.93 -28.44 27.04
N ASP A 108 -17.73 -29.06 27.90
CA ASP A 108 -18.28 -30.38 27.56
C ASP A 108 -19.12 -30.27 26.29
N PRO A 109 -18.76 -31.05 25.26
CA PRO A 109 -19.49 -31.04 23.99
C PRO A 109 -20.99 -31.26 24.17
N LYS A 110 -21.34 -32.18 25.07
CA LYS A 110 -22.73 -32.48 25.35
C LYS A 110 -23.47 -31.24 25.85
N GLU A 111 -22.84 -30.49 26.75
CA GLU A 111 -23.45 -29.29 27.29
C GLU A 111 -23.53 -28.21 26.21
N LEU A 112 -22.46 -28.07 25.43
CA LEU A 112 -22.44 -27.08 24.36
C LEU A 112 -23.63 -27.34 23.43
N LYS A 113 -23.73 -28.59 22.98
CA LYS A 113 -24.81 -29.02 22.09
C LYS A 113 -26.19 -28.78 22.70
N ALA A 114 -26.33 -29.07 23.99
CA ALA A 114 -27.62 -28.88 24.66
C ALA A 114 -28.01 -27.41 24.70
N ARG A 115 -27.04 -26.53 24.96
CA ARG A 115 -27.31 -25.10 25.00
C ARG A 115 -27.69 -24.64 23.60
N GLY A 116 -26.95 -25.11 22.61
CA GLY A 116 -27.24 -24.74 21.24
C GLY A 116 -28.66 -25.11 20.85
N ASP A 117 -29.02 -26.37 21.05
CA ASP A 117 -30.37 -26.83 20.71
C ASP A 117 -31.43 -26.04 21.47
N ALA A 118 -31.17 -25.75 22.73
CA ALA A 118 -32.12 -25.01 23.56
C ALA A 118 -32.35 -23.60 23.00
N LEU A 119 -31.30 -22.99 22.45
CA LEU A 119 -31.39 -21.64 21.90
C LEU A 119 -31.78 -21.61 20.44
N GLY A 120 -31.78 -22.78 19.80
CA GLY A 120 -32.13 -22.83 18.38
C GLY A 120 -30.92 -22.44 17.54
N LEU A 121 -29.74 -22.76 18.05
CA LEU A 121 -28.50 -22.43 17.35
C LEU A 121 -27.74 -23.69 16.96
N GLY A 122 -27.01 -23.60 15.86
CA GLY A 122 -26.22 -24.73 15.39
C GLY A 122 -24.76 -24.32 15.45
N PHE A 123 -23.87 -25.18 14.98
CA PHE A 123 -22.44 -24.88 15.00
C PHE A 123 -21.76 -25.00 13.65
N ASP A 124 -21.04 -23.96 13.28
CA ASP A 124 -20.32 -23.95 12.01
C ASP A 124 -18.93 -24.53 12.23
N ALA A 125 -18.00 -24.23 11.34
CA ALA A 125 -16.64 -24.74 11.41
C ALA A 125 -15.95 -24.50 12.75
N MET A 126 -15.15 -25.47 13.19
CA MET A 126 -14.40 -25.32 14.43
C MET A 126 -13.16 -24.50 14.07
N ASN A 127 -12.58 -23.83 15.06
CA ASN A 127 -11.39 -23.03 14.86
C ASN A 127 -10.36 -23.45 15.90
N SER A 128 -9.17 -23.82 15.44
CA SER A 128 -8.10 -24.22 16.35
C SER A 128 -7.26 -23.01 16.76
N ASN A 129 -6.52 -23.15 17.85
CA ASN A 129 -5.69 -22.07 18.36
C ASN A 129 -4.28 -22.50 18.73
N THR A 130 -3.33 -22.31 17.81
CA THR A 130 -1.94 -22.64 18.11
C THR A 130 -1.10 -21.40 17.85
N PHE A 131 -1.71 -20.25 18.11
CA PHE A 131 -1.05 -18.96 17.95
C PHE A 131 -0.92 -18.27 19.31
N SER A 132 -1.19 -19.04 20.36
CA SER A 132 -1.10 -18.59 21.75
C SER A 132 -0.89 -19.83 22.61
N ASP A 133 -0.21 -19.69 23.75
CA ASP A 133 0.04 -20.84 24.63
C ASP A 133 -1.00 -21.01 25.72
N ALA A 134 -1.44 -22.25 25.90
CA ALA A 134 -2.41 -22.58 26.93
C ALA A 134 -1.61 -23.22 28.08
N PRO A 135 -2.18 -23.20 29.30
CA PRO A 135 -1.53 -23.77 30.48
C PRO A 135 -1.19 -25.27 30.35
N GLY A 136 -0.12 -25.69 31.01
CA GLY A 136 0.28 -27.08 30.98
C GLY A 136 0.72 -27.59 29.63
N GLN A 137 1.14 -26.67 28.77
CA GLN A 137 1.60 -27.02 27.43
C GLN A 137 3.07 -27.41 27.52
N ALA A 138 3.44 -28.54 26.91
CA ALA A 138 4.83 -28.99 26.94
C ALA A 138 5.74 -28.13 26.07
N HIS A 139 5.21 -27.66 24.96
CA HIS A 139 5.99 -26.84 24.03
C HIS A 139 5.30 -25.52 23.71
N SER A 140 6.09 -24.46 23.62
CA SER A 140 5.57 -23.13 23.34
C SER A 140 5.44 -22.87 21.85
N TYR A 141 4.45 -22.08 21.46
CA TYR A 141 4.25 -21.73 20.06
C TYR A 141 4.88 -20.39 19.70
N LYS A 142 5.77 -19.91 20.57
CA LYS A 142 6.44 -18.63 20.35
C LYS A 142 7.10 -18.55 18.98
N TYR A 143 7.77 -19.61 18.57
CA TYR A 143 8.46 -19.63 17.28
C TYR A 143 7.72 -20.46 16.23
N GLY A 144 6.42 -20.65 16.44
CA GLY A 144 5.65 -21.42 15.47
C GLY A 144 4.86 -22.56 16.09
N SER A 145 4.04 -23.21 15.28
CA SER A 145 3.22 -24.32 15.74
C SER A 145 3.29 -25.49 14.78
N LEU A 146 2.39 -25.52 13.79
CA LEU A 146 2.39 -26.60 12.81
C LEU A 146 3.65 -26.60 11.93
N SER A 147 4.37 -25.48 11.91
CA SER A 147 5.59 -25.39 11.09
C SER A 147 6.84 -25.16 11.94
N HIS A 148 6.69 -25.35 13.25
CA HIS A 148 7.80 -25.17 14.19
C HIS A 148 8.92 -26.15 13.84
N THR A 149 10.17 -25.71 14.02
CA THR A 149 11.32 -26.56 13.71
C THR A 149 11.37 -27.81 14.60
N ASN A 150 10.79 -27.72 15.79
CA ASN A 150 10.80 -28.83 16.73
C ASN A 150 9.65 -29.80 16.42
N ALA A 151 10.00 -31.02 16.04
CA ALA A 151 9.01 -32.05 15.70
C ALA A 151 7.96 -32.27 16.78
N ALA A 152 8.39 -32.25 18.04
CA ALA A 152 7.48 -32.46 19.16
C ALA A 152 6.45 -31.35 19.28
N THR A 153 6.86 -30.14 18.88
CA THR A 153 5.97 -29.00 18.94
C THR A 153 4.91 -29.11 17.85
N ARG A 154 5.32 -29.60 16.69
CA ARG A 154 4.39 -29.78 15.58
C ARG A 154 3.39 -30.86 15.94
N ALA A 155 3.86 -31.90 16.63
CA ALA A 155 2.98 -33.00 17.02
C ALA A 155 1.94 -32.52 18.03
N GLN A 156 2.38 -31.67 18.95
CA GLN A 156 1.48 -31.12 19.97
C GLN A 156 0.39 -30.28 19.32
N ALA A 157 0.76 -29.58 18.25
CA ALA A 157 -0.18 -28.73 17.53
C ALA A 157 -1.17 -29.58 16.74
N VAL A 158 -0.66 -30.67 16.16
CA VAL A 158 -1.51 -31.58 15.39
C VAL A 158 -2.56 -32.17 16.33
N GLU A 159 -2.10 -32.64 17.49
CA GLU A 159 -3.00 -33.23 18.46
C GLU A 159 -4.09 -32.24 18.87
N HIS A 160 -3.74 -30.97 18.98
CA HIS A 160 -4.72 -29.97 19.35
C HIS A 160 -5.78 -29.87 18.25
N ASN A 161 -5.34 -29.86 17.00
CA ASN A 161 -6.30 -29.78 15.91
C ASN A 161 -7.22 -31.00 15.87
N LEU A 162 -6.67 -32.18 16.13
CA LEU A 162 -7.48 -33.40 16.12
C LEU A 162 -8.53 -33.31 17.23
N GLU A 163 -8.17 -32.71 18.35
CA GLU A 163 -9.10 -32.55 19.45
C GLU A 163 -10.24 -31.63 19.05
N CYS A 164 -9.93 -30.62 18.24
CA CYS A 164 -10.96 -29.69 17.77
C CYS A 164 -11.96 -30.44 16.90
N ILE A 165 -11.45 -31.42 16.16
CA ILE A 165 -12.31 -32.22 15.29
C ILE A 165 -13.23 -33.12 16.12
N GLU A 166 -12.72 -33.63 17.23
CA GLU A 166 -13.52 -34.48 18.09
C GLU A 166 -14.65 -33.69 18.73
N ILE A 167 -14.34 -32.47 19.16
CA ILE A 167 -15.35 -31.59 19.77
C ILE A 167 -16.40 -31.25 18.73
N GLY A 168 -15.94 -30.88 17.53
CA GLY A 168 -16.85 -30.53 16.45
C GLY A 168 -17.78 -31.66 16.05
N LYS A 169 -17.26 -32.89 15.99
CA LYS A 169 -18.09 -34.03 15.63
C LYS A 169 -19.20 -34.23 16.63
N ALA A 170 -18.88 -34.03 17.91
CA ALA A 170 -19.86 -34.20 18.97
C ALA A 170 -20.97 -33.14 18.98
N ILE A 171 -20.66 -31.94 18.50
CA ILE A 171 -21.66 -30.87 18.51
C ILE A 171 -22.37 -30.59 17.19
N GLY A 172 -21.94 -31.25 16.11
CA GLY A 172 -22.62 -31.04 14.84
C GLY A 172 -21.82 -30.29 13.78
N SER A 173 -20.60 -29.90 14.11
CA SER A 173 -19.76 -29.18 13.15
C SER A 173 -19.30 -30.13 12.05
N LYS A 174 -18.97 -29.58 10.89
CA LYS A 174 -18.53 -30.40 9.76
C LYS A 174 -17.28 -29.83 9.09
N ALA A 175 -16.52 -29.03 9.82
CA ALA A 175 -15.32 -28.44 9.26
C ALA A 175 -14.39 -27.89 10.34
N LEU A 176 -13.10 -27.83 10.00
CA LEU A 176 -12.07 -27.29 10.89
C LEU A 176 -11.32 -26.21 10.14
N THR A 177 -11.31 -25.00 10.71
CA THR A 177 -10.60 -23.90 10.10
C THR A 177 -9.26 -23.76 10.81
N VAL A 178 -8.18 -23.70 10.03
CA VAL A 178 -6.86 -23.56 10.61
C VAL A 178 -6.16 -22.27 10.22
N TRP A 179 -5.96 -21.39 11.20
CA TRP A 179 -5.24 -20.15 10.98
C TRP A 179 -4.17 -20.12 12.06
N ILE A 180 -2.93 -19.90 11.65
CA ILE A 180 -1.83 -19.86 12.60
C ILE A 180 -1.02 -18.59 12.35
N GLY A 181 -0.24 -18.17 13.34
CA GLY A 181 0.56 -16.98 13.17
C GLY A 181 1.95 -17.27 12.63
N ASP A 182 2.26 -18.56 12.52
CA ASP A 182 3.56 -19.02 12.04
C ASP A 182 4.19 -18.16 10.95
N GLY A 183 5.41 -17.73 11.20
CA GLY A 183 6.13 -16.90 10.25
C GLY A 183 7.39 -16.40 10.92
N SER A 184 7.93 -15.29 10.45
CA SER A 184 9.15 -14.75 11.03
C SER A 184 9.10 -13.22 11.06
N ASN A 185 9.93 -12.63 11.91
CA ASN A 185 10.00 -11.17 12.02
C ASN A 185 11.32 -10.66 11.46
N PHE A 186 12.21 -11.56 11.07
CA PHE A 186 13.51 -11.17 10.53
C PHE A 186 13.96 -12.01 9.34
N PRO A 187 14.60 -11.38 8.35
CA PRO A 187 15.08 -12.10 7.17
C PRO A 187 16.09 -13.14 7.68
N GLY A 188 16.01 -14.37 7.16
CA GLY A 188 16.94 -15.40 7.60
C GLY A 188 16.49 -16.24 8.78
N GLN A 189 15.62 -15.69 9.62
CA GLN A 189 15.11 -16.40 10.79
C GLN A 189 14.50 -17.74 10.39
N SER A 190 13.79 -17.73 9.26
CA SER A 190 13.15 -18.95 8.78
C SER A 190 13.58 -19.29 7.37
N ASN A 191 13.63 -20.58 7.07
CA ASN A 191 13.93 -21.03 5.72
C ASN A 191 12.52 -21.15 5.18
N PHE A 192 12.14 -20.24 4.28
CA PHE A 192 10.80 -20.22 3.71
C PHE A 192 10.27 -21.58 3.28
N THR A 193 11.06 -22.29 2.48
CA THR A 193 10.66 -23.59 1.97
C THR A 193 10.56 -24.69 3.02
N ARG A 194 11.56 -24.80 3.89
CA ARG A 194 11.51 -25.85 4.90
C ARG A 194 10.40 -25.60 5.91
N ALA A 195 10.08 -24.33 6.16
CA ALA A 195 9.01 -24.03 7.11
C ALA A 195 7.67 -24.45 6.51
N PHE A 196 7.51 -24.25 5.20
CA PHE A 196 6.27 -24.62 4.52
C PHE A 196 6.14 -26.14 4.43
N GLU A 197 7.26 -26.82 4.18
CA GLU A 197 7.22 -28.27 4.11
C GLU A 197 6.77 -28.84 5.45
N ARG A 198 7.30 -28.29 6.55
CA ARG A 198 6.93 -28.75 7.88
C ARG A 198 5.43 -28.57 8.09
N TYR A 199 4.93 -27.42 7.68
CA TYR A 199 3.52 -27.11 7.80
C TYR A 199 2.70 -28.13 7.01
N LEU A 200 3.16 -28.44 5.80
CA LEU A 200 2.46 -29.39 4.94
C LEU A 200 2.41 -30.78 5.56
N SER A 201 3.49 -31.16 6.22
CA SER A 201 3.58 -32.46 6.87
C SER A 201 2.55 -32.53 8.01
N ALA A 202 2.48 -31.46 8.79
CA ALA A 202 1.55 -31.39 9.92
C ALA A 202 0.11 -31.40 9.45
N MET A 203 -0.20 -30.59 8.44
CA MET A 203 -1.57 -30.53 7.94
C MET A 203 -1.99 -31.86 7.32
N ALA A 204 -1.04 -32.58 6.75
CA ALA A 204 -1.36 -33.88 6.16
C ALA A 204 -1.86 -34.83 7.24
N GLU A 205 -1.26 -34.74 8.44
CA GLU A 205 -1.66 -35.59 9.56
C GLU A 205 -3.05 -35.19 10.04
N ILE A 206 -3.29 -33.89 10.15
CA ILE A 206 -4.58 -33.41 10.58
C ILE A 206 -5.63 -33.86 9.58
N TYR A 207 -5.26 -33.85 8.31
CA TYR A 207 -6.17 -34.26 7.24
C TYR A 207 -6.63 -35.71 7.43
N LYS A 208 -5.73 -36.55 7.94
CA LYS A 208 -6.02 -37.95 8.18
C LYS A 208 -7.13 -38.15 9.22
N GLY A 209 -7.32 -37.18 10.10
CA GLY A 209 -8.35 -37.31 11.12
C GLY A 209 -9.69 -36.74 10.74
N LEU A 210 -9.83 -36.36 9.47
CA LEU A 210 -11.04 -35.76 8.94
C LEU A 210 -12.13 -36.77 8.56
N PRO A 211 -13.34 -36.63 9.13
CA PRO A 211 -14.41 -37.57 8.77
C PRO A 211 -14.68 -37.47 7.27
N ASP A 212 -15.44 -38.42 6.73
CA ASP A 212 -15.74 -38.42 5.30
C ASP A 212 -16.47 -37.18 4.80
N ASP A 213 -17.34 -36.61 5.62
CA ASP A 213 -18.12 -35.44 5.24
C ASP A 213 -17.62 -34.12 5.82
N TRP A 214 -16.35 -34.09 6.23
CA TRP A 214 -15.75 -32.89 6.80
C TRP A 214 -14.84 -32.17 5.81
N LYS A 215 -14.58 -30.90 6.09
CA LYS A 215 -13.71 -30.08 5.25
C LYS A 215 -12.62 -29.52 6.16
N LEU A 216 -11.47 -29.22 5.57
CA LEU A 216 -10.34 -28.63 6.30
C LEU A 216 -10.03 -27.32 5.58
N PHE A 217 -10.21 -26.21 6.29
CA PHE A 217 -9.96 -24.89 5.70
C PHE A 217 -8.69 -24.24 6.24
N SER A 218 -7.79 -23.90 5.33
CA SER A 218 -6.56 -23.20 5.72
C SER A 218 -6.83 -21.74 5.39
N GLU A 219 -6.47 -20.85 6.31
CA GLU A 219 -6.70 -19.41 6.12
C GLU A 219 -5.41 -18.62 5.99
N HIS A 220 -5.21 -17.97 4.83
CA HIS A 220 -4.00 -17.20 4.62
C HIS A 220 -4.09 -15.81 5.23
N LYS A 221 -2.94 -15.20 5.49
CA LYS A 221 -2.86 -13.85 6.04
C LYS A 221 -1.48 -13.30 5.72
N MET A 222 -1.44 -12.10 5.15
CA MET A 222 -0.17 -11.46 4.76
C MET A 222 0.81 -11.22 5.90
N TYR A 223 0.29 -10.74 7.02
CA TYR A 223 1.14 -10.47 8.19
C TYR A 223 0.29 -10.31 9.43
N GLU A 224 0.96 -10.29 10.59
CA GLU A 224 0.38 -10.17 11.93
C GLU A 224 -0.17 -11.53 12.35
N PRO A 225 0.42 -12.14 13.40
CA PRO A 225 1.53 -11.67 14.23
C PRO A 225 2.95 -11.63 13.66
N ALA A 226 3.20 -12.29 12.53
CA ALA A 226 4.54 -12.27 11.95
C ALA A 226 4.70 -11.01 11.11
N PHE A 227 5.79 -10.28 11.31
CA PHE A 227 5.99 -9.02 10.58
C PHE A 227 7.02 -8.95 9.47
N TYR A 228 7.57 -10.10 9.07
CA TYR A 228 8.50 -10.15 7.94
C TYR A 228 7.97 -11.16 6.93
N SER A 229 7.71 -12.38 7.37
CA SER A 229 7.16 -13.41 6.49
C SER A 229 6.17 -14.26 7.26
N THR A 230 5.19 -14.80 6.56
CA THR A 230 4.18 -15.67 7.17
C THR A 230 4.13 -16.91 6.30
N VAL A 231 4.12 -18.09 6.91
CA VAL A 231 4.10 -19.33 6.13
C VAL A 231 2.93 -19.36 5.16
N VAL A 232 1.71 -19.20 5.67
CA VAL A 232 0.54 -19.19 4.81
C VAL A 232 0.22 -17.71 4.63
N GLN A 233 1.00 -17.05 3.76
CA GLN A 233 0.87 -15.61 3.55
C GLN A 233 -0.19 -15.11 2.57
N ASP A 234 -0.52 -15.90 1.55
CA ASP A 234 -1.53 -15.46 0.59
C ASP A 234 -2.27 -16.60 -0.09
N TRP A 235 -3.20 -16.26 -0.98
CA TRP A 235 -3.99 -17.27 -1.66
C TRP A 235 -3.19 -18.21 -2.56
N GLY A 236 -2.01 -17.76 -2.98
CA GLY A 236 -1.17 -18.60 -3.82
C GLY A 236 -0.68 -19.78 -3.00
N THR A 237 -0.11 -19.47 -1.84
CA THR A 237 0.37 -20.53 -0.96
C THR A 237 -0.83 -21.33 -0.48
N ASN A 238 -1.95 -20.66 -0.26
CA ASN A 238 -3.15 -21.35 0.22
C ASN A 238 -3.62 -22.37 -0.81
N TYR A 239 -3.60 -21.99 -2.08
CA TYR A 239 -4.02 -22.92 -3.13
C TYR A 239 -3.10 -24.14 -3.14
N LEU A 240 -1.80 -23.91 -3.02
CA LEU A 240 -0.81 -24.99 -3.03
C LEU A 240 -1.07 -25.96 -1.88
N ILE A 241 -1.52 -25.43 -0.74
CA ILE A 241 -1.82 -26.26 0.42
C ILE A 241 -3.03 -27.15 0.11
N ALA A 242 -4.14 -26.52 -0.26
CA ALA A 242 -5.37 -27.25 -0.56
C ALA A 242 -5.17 -28.34 -1.62
N GLN A 243 -4.47 -27.99 -2.69
CA GLN A 243 -4.22 -28.94 -3.76
C GLN A 243 -3.34 -30.08 -3.29
N THR A 244 -2.35 -29.76 -2.45
CA THR A 244 -1.45 -30.77 -1.93
C THR A 244 -2.14 -31.75 -0.96
N LEU A 245 -3.00 -31.21 -0.09
CA LEU A 245 -3.68 -32.03 0.90
C LEU A 245 -4.76 -32.99 0.38
N GLY A 246 -5.61 -32.52 -0.52
CA GLY A 246 -6.63 -33.40 -1.05
C GLY A 246 -8.01 -32.76 -1.23
N PRO A 247 -9.01 -33.54 -1.68
CA PRO A 247 -10.39 -33.11 -1.91
C PRO A 247 -11.07 -32.42 -0.74
N LYS A 248 -10.76 -32.87 0.48
CA LYS A 248 -11.39 -32.28 1.66
C LYS A 248 -10.78 -30.94 2.07
N ALA A 249 -9.60 -30.62 1.53
CA ALA A 249 -8.91 -29.38 1.90
C ALA A 249 -9.22 -28.23 0.95
N GLN A 250 -9.71 -27.12 1.50
CA GLN A 250 -10.04 -25.95 0.71
C GLN A 250 -9.53 -24.66 1.35
N CYS A 251 -9.60 -23.55 0.62
CA CYS A 251 -9.10 -22.27 1.11
C CYS A 251 -10.18 -21.34 1.65
N LEU A 252 -9.86 -20.67 2.75
CA LEU A 252 -10.78 -19.73 3.37
C LEU A 252 -10.21 -18.34 3.16
N VAL A 253 -11.05 -17.43 2.68
CA VAL A 253 -10.64 -16.05 2.41
C VAL A 253 -11.18 -15.08 3.45
N ASP A 254 -10.28 -14.41 4.15
CA ASP A 254 -10.66 -13.43 5.16
C ASP A 254 -10.40 -12.09 4.48
N LEU A 255 -11.45 -11.32 4.24
CA LEU A 255 -11.34 -10.06 3.54
C LEU A 255 -10.20 -9.12 3.95
N GLY A 256 -9.95 -9.00 5.24
CA GLY A 256 -8.89 -8.09 5.67
C GLY A 256 -7.47 -8.64 5.70
N HIS A 257 -7.26 -9.82 5.14
CA HIS A 257 -5.93 -10.45 5.16
C HIS A 257 -5.07 -10.27 3.90
N HIS A 258 -5.36 -9.25 3.11
CA HIS A 258 -4.64 -9.05 1.86
C HIS A 258 -3.82 -7.77 1.79
N ALA A 259 -2.84 -7.76 0.89
CA ALA A 259 -1.99 -6.60 0.71
C ALA A 259 -2.80 -5.39 0.25
N PRO A 260 -2.31 -4.19 0.53
CA PRO A 260 -3.04 -2.99 0.12
C PRO A 260 -3.37 -3.05 -1.38
N ASN A 261 -4.60 -2.65 -1.72
CA ASN A 261 -5.10 -2.58 -3.09
C ASN A 261 -5.36 -3.89 -3.82
N THR A 262 -5.20 -5.01 -3.13
CA THR A 262 -5.44 -6.31 -3.72
C THR A 262 -6.85 -6.40 -4.30
N ASN A 263 -6.99 -7.06 -5.44
CA ASN A 263 -8.33 -7.25 -6.00
C ASN A 263 -8.76 -8.57 -5.34
N ILE A 264 -9.51 -8.46 -4.26
CA ILE A 264 -9.94 -9.62 -3.52
C ILE A 264 -11.02 -10.44 -4.24
N GLU A 265 -11.93 -9.77 -4.93
CA GLU A 265 -12.98 -10.50 -5.64
C GLU A 265 -12.40 -11.42 -6.71
N MET A 266 -11.25 -11.07 -7.29
CA MET A 266 -10.63 -11.93 -8.30
C MET A 266 -10.09 -13.19 -7.65
N ILE A 267 -9.51 -13.06 -6.47
CA ILE A 267 -8.97 -14.21 -5.76
C ILE A 267 -10.14 -15.18 -5.55
N VAL A 268 -11.28 -14.64 -5.13
CA VAL A 268 -12.47 -15.45 -4.90
C VAL A 268 -12.85 -16.21 -6.17
N ALA A 269 -12.85 -15.51 -7.30
CA ALA A 269 -13.19 -16.13 -8.58
C ALA A 269 -12.19 -17.23 -8.95
N ARG A 270 -10.90 -16.99 -8.74
CA ARG A 270 -9.87 -17.97 -9.07
C ARG A 270 -10.01 -19.24 -8.24
N LEU A 271 -10.21 -19.09 -6.93
CA LEU A 271 -10.38 -20.25 -6.06
C LEU A 271 -11.60 -21.07 -6.46
N ILE A 272 -12.67 -20.39 -6.85
CA ILE A 272 -13.88 -21.09 -7.26
C ILE A 272 -13.65 -21.87 -8.55
N GLN A 273 -12.97 -21.25 -9.50
CA GLN A 273 -12.69 -21.90 -10.77
C GLN A 273 -11.93 -23.20 -10.57
N PHE A 274 -11.06 -23.24 -9.57
CA PHE A 274 -10.28 -24.45 -9.31
C PHE A 274 -10.81 -25.26 -8.12
N GLY A 275 -12.06 -24.99 -7.76
CA GLY A 275 -12.73 -25.72 -6.69
C GLY A 275 -12.10 -25.71 -5.31
N LYS A 276 -11.42 -24.63 -4.95
CA LYS A 276 -10.81 -24.55 -3.63
C LYS A 276 -11.31 -23.41 -2.74
N LEU A 277 -12.49 -22.90 -3.03
CA LEU A 277 -13.05 -21.85 -2.18
C LEU A 277 -13.86 -22.54 -1.09
N GLY A 278 -13.25 -22.68 0.08
CA GLY A 278 -13.94 -23.34 1.18
C GLY A 278 -14.95 -22.43 1.84
N GLY A 279 -14.59 -21.16 2.04
CA GLY A 279 -15.50 -20.24 2.67
C GLY A 279 -14.94 -18.84 2.84
N PHE A 280 -15.70 -18.00 3.52
CA PHE A 280 -15.32 -16.61 3.77
C PHE A 280 -15.34 -16.22 5.24
N HIS A 281 -14.50 -15.24 5.55
CA HIS A 281 -14.46 -14.65 6.88
C HIS A 281 -14.74 -13.19 6.54
N PHE A 282 -15.96 -12.75 6.81
CA PHE A 282 -16.39 -11.39 6.51
C PHE A 282 -16.06 -10.37 7.58
N ASN A 283 -15.67 -9.19 7.11
CA ASN A 283 -15.33 -8.04 7.94
C ASN A 283 -14.95 -6.92 7.00
N ASP A 284 -14.63 -5.75 7.54
CA ASP A 284 -14.20 -4.65 6.70
C ASP A 284 -12.92 -4.09 7.27
N SER A 285 -12.24 -3.27 6.49
CA SER A 285 -10.99 -2.68 6.93
C SER A 285 -10.59 -1.54 6.01
N LYS A 286 -9.61 -0.76 6.46
CA LYS A 286 -9.10 0.36 5.68
C LYS A 286 -7.58 0.32 5.62
N TYR A 287 -6.95 -0.15 6.71
CA TYR A 287 -5.50 -0.19 6.78
C TYR A 287 -4.84 -1.57 6.76
N GLY A 288 -5.19 -2.40 7.74
CA GLY A 288 -4.64 -3.75 7.81
C GLY A 288 -5.77 -4.72 8.07
N ASP A 289 -5.56 -5.66 8.98
CA ASP A 289 -6.60 -6.63 9.33
C ASP A 289 -7.39 -5.98 10.47
N ASP A 290 -8.03 -4.86 10.15
CA ASP A 290 -8.79 -4.08 11.12
C ASP A 290 -9.96 -4.79 11.79
N ASP A 291 -10.50 -5.80 11.12
CA ASP A 291 -11.63 -6.55 11.65
C ASP A 291 -12.84 -5.70 12.02
N LEU A 292 -13.15 -4.72 11.17
CA LEU A 292 -14.29 -3.84 11.41
C LEU A 292 -15.59 -4.46 10.91
N ASP A 293 -16.71 -3.85 11.28
CA ASP A 293 -18.04 -4.30 10.89
C ASP A 293 -18.13 -4.39 9.36
N ALA A 294 -18.58 -5.55 8.87
CA ALA A 294 -18.71 -5.75 7.44
C ALA A 294 -19.46 -4.62 6.73
N GLY A 295 -18.87 -4.11 5.65
CA GLY A 295 -19.50 -3.06 4.86
C GLY A 295 -19.47 -1.65 5.40
N ALA A 296 -18.93 -1.44 6.60
CA ALA A 296 -18.88 -0.11 7.18
C ALA A 296 -17.85 0.81 6.55
N ILE A 297 -16.87 0.24 5.86
CA ILE A 297 -15.82 1.03 5.22
C ILE A 297 -15.92 1.04 3.70
N GLU A 298 -16.06 -0.15 3.10
CA GLU A 298 -16.17 -0.27 1.65
C GLU A 298 -17.31 -1.20 1.29
N PRO A 299 -18.55 -0.69 1.30
CA PRO A 299 -19.70 -1.54 0.94
C PRO A 299 -19.70 -2.08 -0.49
N TYR A 300 -19.13 -1.32 -1.43
CA TYR A 300 -19.14 -1.79 -2.82
C TYR A 300 -18.25 -3.03 -3.00
N ARG A 301 -17.10 -3.05 -2.34
CA ARG A 301 -16.20 -4.20 -2.42
C ARG A 301 -16.93 -5.45 -1.91
N LEU A 302 -17.69 -5.31 -0.82
CA LEU A 302 -18.43 -6.43 -0.25
C LEU A 302 -19.40 -6.96 -1.32
N PHE A 303 -20.11 -6.04 -1.97
CA PHE A 303 -21.05 -6.36 -3.04
C PHE A 303 -20.33 -7.08 -4.19
N LEU A 304 -19.15 -6.59 -4.57
CA LEU A 304 -18.39 -7.19 -5.65
C LEU A 304 -17.96 -8.61 -5.33
N VAL A 305 -17.74 -8.89 -4.05
CA VAL A 305 -17.38 -10.23 -3.65
C VAL A 305 -18.61 -11.10 -3.87
N PHE A 306 -19.77 -10.65 -3.40
CA PHE A 306 -20.99 -11.41 -3.59
C PHE A 306 -21.37 -11.56 -5.05
N ASN A 307 -20.97 -10.57 -5.87
CA ASN A 307 -21.25 -10.64 -7.30
C ASN A 307 -20.54 -11.87 -7.87
N GLU A 308 -19.36 -12.18 -7.34
CA GLU A 308 -18.60 -13.35 -7.81
C GLU A 308 -19.24 -14.63 -7.32
N LEU A 309 -19.77 -14.58 -6.10
CA LEU A 309 -20.40 -15.75 -5.52
C LEU A 309 -21.68 -16.09 -6.29
N VAL A 310 -22.47 -15.05 -6.62
CA VAL A 310 -23.70 -15.26 -7.36
C VAL A 310 -23.39 -15.67 -8.81
N ASP A 311 -22.32 -15.14 -9.37
CA ASP A 311 -21.95 -15.49 -10.75
C ASP A 311 -21.62 -16.98 -10.82
N ALA A 312 -20.99 -17.50 -9.77
CA ALA A 312 -20.64 -18.91 -9.72
C ALA A 312 -21.88 -19.78 -9.90
N GLU A 313 -22.95 -19.43 -9.19
CA GLU A 313 -24.20 -20.16 -9.30
C GLU A 313 -24.76 -19.94 -10.71
N ALA A 314 -24.65 -18.71 -11.19
CA ALA A 314 -25.12 -18.37 -12.52
C ALA A 314 -24.45 -19.26 -13.57
N ARG A 315 -23.14 -19.43 -13.41
CA ARG A 315 -22.36 -20.26 -14.34
C ARG A 315 -22.57 -21.75 -14.10
N GLY A 316 -23.37 -22.07 -13.08
CA GLY A 316 -23.66 -23.47 -12.78
C GLY A 316 -22.51 -24.28 -12.23
N VAL A 317 -21.71 -23.67 -11.37
CA VAL A 317 -20.59 -24.39 -10.77
C VAL A 317 -21.21 -25.46 -9.88
N LYS A 318 -20.70 -26.69 -9.99
CA LYS A 318 -21.23 -27.81 -9.22
C LYS A 318 -20.62 -28.01 -7.83
N GLY A 319 -21.46 -28.46 -6.91
CA GLY A 319 -21.02 -28.71 -5.54
C GLY A 319 -20.39 -27.50 -4.87
N PHE A 320 -20.88 -26.32 -5.22
CA PHE A 320 -20.37 -25.06 -4.68
C PHE A 320 -21.19 -24.61 -3.49
N HIS A 321 -20.72 -24.91 -2.28
CA HIS A 321 -21.41 -24.52 -1.06
C HIS A 321 -20.40 -23.92 -0.09
N PRO A 322 -19.95 -22.68 -0.35
CA PRO A 322 -18.98 -22.02 0.52
C PRO A 322 -19.54 -21.77 1.91
N ALA A 323 -18.67 -21.82 2.92
CA ALA A 323 -19.11 -21.55 4.28
C ALA A 323 -18.99 -20.04 4.45
N HIS A 324 -19.98 -19.43 5.08
CA HIS A 324 -19.94 -18.00 5.30
C HIS A 324 -19.84 -17.72 6.80
N MET A 325 -18.82 -16.96 7.19
CA MET A 325 -18.62 -16.67 8.61
C MET A 325 -18.17 -15.24 8.82
N ILE A 326 -18.64 -14.64 9.89
CA ILE A 326 -18.22 -13.29 10.22
C ILE A 326 -17.01 -13.43 11.14
N ASP A 327 -15.94 -12.71 10.84
CA ASP A 327 -14.75 -12.74 11.69
C ASP A 327 -14.42 -11.30 11.98
N GLN A 328 -14.96 -10.78 13.08
CA GLN A 328 -14.74 -9.40 13.44
C GLN A 328 -14.50 -9.25 14.93
N PHE A 329 -13.96 -8.10 15.31
CA PHE A 329 -13.74 -7.77 16.70
C PHE A 329 -14.39 -6.41 16.89
N HIS A 330 -15.05 -6.23 18.02
CA HIS A 330 -15.74 -4.97 18.28
C HIS A 330 -15.13 -4.29 19.49
N ASN A 331 -14.33 -3.27 19.19
CA ASN A 331 -13.61 -2.51 20.21
C ASN A 331 -14.30 -1.26 20.73
N VAL A 332 -15.16 -0.65 19.91
CA VAL A 332 -15.81 0.58 20.34
C VAL A 332 -17.32 0.62 20.21
N THR A 333 -17.95 -0.56 20.20
CA THR A 333 -19.40 -0.65 20.08
C THR A 333 -19.90 -1.87 20.87
N ASP A 334 -21.22 -1.93 21.04
CA ASP A 334 -21.84 -3.07 21.71
C ASP A 334 -21.68 -4.20 20.69
N PRO A 335 -20.89 -5.24 21.02
CA PRO A 335 -20.66 -6.38 20.12
C PRO A 335 -21.91 -6.94 19.46
N ILE A 336 -22.98 -7.10 20.24
CA ILE A 336 -24.22 -7.64 19.71
C ILE A 336 -24.81 -6.73 18.63
N GLU A 337 -24.75 -5.42 18.85
CA GLU A 337 -25.27 -4.47 17.87
C GLU A 337 -24.43 -4.48 16.59
N SER A 338 -23.11 -4.54 16.73
CA SER A 338 -22.25 -4.58 15.53
C SER A 338 -22.48 -5.87 14.75
N LEU A 339 -22.56 -6.99 15.44
CA LEU A 339 -22.80 -8.26 14.76
C LEU A 339 -24.16 -8.23 14.04
N ILE A 340 -25.16 -7.61 14.66
CA ILE A 340 -26.47 -7.52 14.03
C ILE A 340 -26.42 -6.76 12.71
N ASN A 341 -25.86 -5.55 12.75
CA ASN A 341 -25.78 -4.75 11.54
C ASN A 341 -24.80 -5.31 10.52
N SER A 342 -23.79 -6.05 10.98
CA SER A 342 -22.82 -6.64 10.06
C SER A 342 -23.51 -7.75 9.27
N ALA A 343 -24.30 -8.56 9.98
CA ALA A 343 -25.05 -9.64 9.34
C ALA A 343 -26.00 -9.02 8.33
N ASN A 344 -26.61 -7.90 8.71
CA ASN A 344 -27.53 -7.19 7.83
C ASN A 344 -26.80 -6.72 6.56
N GLU A 345 -25.61 -6.15 6.72
CA GLU A 345 -24.82 -5.67 5.60
C GLU A 345 -24.47 -6.78 4.63
N ILE A 346 -24.16 -7.94 5.17
CA ILE A 346 -23.82 -9.10 4.36
C ILE A 346 -25.05 -9.51 3.54
N ARG A 347 -26.21 -9.56 4.18
CA ARG A 347 -27.44 -9.91 3.45
C ARG A 347 -27.77 -8.81 2.42
N ARG A 348 -27.40 -7.58 2.74
CA ARG A 348 -27.64 -6.43 1.86
C ARG A 348 -26.82 -6.61 0.57
N ALA A 349 -25.54 -6.90 0.73
CA ALA A 349 -24.66 -7.10 -0.43
C ALA A 349 -25.13 -8.30 -1.24
N TYR A 350 -25.56 -9.34 -0.54
CA TYR A 350 -26.05 -10.54 -1.21
C TYR A 350 -27.31 -10.22 -2.04
N ALA A 351 -28.28 -9.57 -1.40
CA ALA A 351 -29.51 -9.19 -2.08
C ALA A 351 -29.24 -8.37 -3.33
N GLN A 352 -28.33 -7.40 -3.23
CA GLN A 352 -28.00 -6.57 -4.38
C GLN A 352 -27.37 -7.39 -5.49
N ALA A 353 -26.54 -8.37 -5.12
CA ALA A 353 -25.90 -9.22 -6.12
C ALA A 353 -26.99 -10.00 -6.88
N LEU A 354 -28.06 -10.34 -6.16
CA LEU A 354 -29.17 -11.08 -6.76
C LEU A 354 -29.94 -10.24 -7.77
N LEU A 355 -29.87 -8.92 -7.61
CA LEU A 355 -30.58 -8.00 -8.50
C LEU A 355 -29.89 -7.72 -9.82
N VAL A 356 -28.62 -8.11 -9.94
CA VAL A 356 -27.88 -7.89 -11.18
C VAL A 356 -28.55 -8.61 -12.36
N ASP A 357 -28.77 -7.88 -13.44
CA ASP A 357 -29.36 -8.46 -14.65
C ASP A 357 -28.20 -9.19 -15.34
N ARG A 358 -28.05 -10.48 -15.05
CA ARG A 358 -26.96 -11.27 -15.61
C ARG A 358 -27.04 -11.45 -17.12
N ALA A 359 -28.26 -11.43 -17.66
CA ALA A 359 -28.43 -11.59 -19.10
C ALA A 359 -27.83 -10.37 -19.80
N ALA A 360 -28.22 -9.19 -19.34
CA ALA A 360 -27.71 -7.94 -19.92
C ALA A 360 -26.21 -7.84 -19.69
N LEU A 361 -25.76 -8.16 -18.48
CA LEU A 361 -24.35 -8.10 -18.15
C LEU A 361 -23.54 -8.97 -19.11
N SER A 362 -24.03 -10.18 -19.35
CA SER A 362 -23.36 -11.11 -20.25
C SER A 362 -23.23 -10.48 -21.64
N GLY A 363 -24.26 -9.76 -22.05
CA GLY A 363 -24.23 -9.11 -23.35
C GLY A 363 -23.20 -8.01 -23.41
N TYR A 364 -23.13 -7.18 -22.37
CA TYR A 364 -22.18 -6.08 -22.35
C TYR A 364 -20.74 -6.57 -22.27
N GLN A 365 -20.52 -7.71 -21.63
CA GLN A 365 -19.18 -8.24 -21.51
C GLN A 365 -18.70 -8.75 -22.86
N GLU A 366 -19.57 -9.46 -23.57
CA GLU A 366 -19.21 -9.99 -24.87
C GLU A 366 -18.93 -8.89 -25.90
N ASP A 367 -19.66 -7.79 -25.79
CA ASP A 367 -19.47 -6.67 -26.72
C ASP A 367 -18.44 -5.66 -26.23
N ASN A 368 -17.78 -5.97 -25.12
CA ASN A 368 -16.78 -5.08 -24.55
C ASN A 368 -17.31 -3.68 -24.31
N ASP A 369 -18.55 -3.59 -23.85
CA ASP A 369 -19.19 -2.32 -23.53
C ASP A 369 -18.93 -2.15 -22.04
N ALA A 370 -17.70 -1.74 -21.70
CA ALA A 370 -17.31 -1.57 -20.31
C ALA A 370 -18.22 -0.66 -19.50
N LEU A 371 -18.65 0.45 -20.09
CA LEU A 371 -19.50 1.40 -19.38
C LEU A 371 -20.87 0.83 -18.98
N MET A 372 -21.55 0.17 -19.90
CA MET A 372 -22.85 -0.39 -19.58
C MET A 372 -22.71 -1.62 -18.69
N ALA A 373 -21.58 -2.29 -18.78
CA ALA A 373 -21.36 -3.46 -17.95
C ALA A 373 -21.27 -3.01 -16.49
N THR A 374 -20.46 -1.99 -16.25
CA THR A 374 -20.29 -1.51 -14.88
C THR A 374 -21.59 -0.87 -14.38
N GLU A 375 -22.32 -0.21 -15.27
CA GLU A 375 -23.59 0.42 -14.91
C GLU A 375 -24.62 -0.66 -14.56
N THR A 376 -24.52 -1.82 -15.20
CA THR A 376 -25.46 -2.91 -14.93
C THR A 376 -25.23 -3.42 -13.51
N LEU A 377 -23.98 -3.40 -13.07
CA LEU A 377 -23.63 -3.80 -11.72
C LEU A 377 -24.12 -2.71 -10.76
N LYS A 378 -23.90 -1.45 -11.11
CA LYS A 378 -24.32 -0.33 -10.26
C LYS A 378 -25.83 -0.21 -10.08
N ARG A 379 -26.59 -0.55 -11.10
CA ARG A 379 -28.04 -0.45 -11.00
C ARG A 379 -28.55 -1.36 -9.88
N ALA A 380 -27.85 -2.47 -9.67
CA ALA A 380 -28.21 -3.41 -8.63
C ALA A 380 -27.69 -2.91 -7.29
N TYR A 381 -26.42 -2.51 -7.26
CA TYR A 381 -25.80 -2.03 -6.04
C TYR A 381 -26.44 -0.76 -5.48
N ARG A 382 -26.86 0.15 -6.36
CA ARG A 382 -27.47 1.39 -5.90
C ARG A 382 -28.87 1.18 -5.33
N THR A 383 -29.46 0.02 -5.62
CA THR A 383 -30.81 -0.25 -5.12
C THR A 383 -30.83 -0.41 -3.61
N ASP A 384 -31.74 0.31 -2.96
CA ASP A 384 -31.87 0.24 -1.50
C ASP A 384 -32.75 -0.96 -1.17
N VAL A 385 -32.11 -2.07 -0.84
CA VAL A 385 -32.81 -3.31 -0.53
C VAL A 385 -33.21 -3.46 0.94
N GLU A 386 -33.03 -2.41 1.73
CA GLU A 386 -33.37 -2.48 3.14
C GLU A 386 -34.79 -3.01 3.37
N PRO A 387 -35.77 -2.60 2.56
CA PRO A 387 -37.14 -3.10 2.77
C PRO A 387 -37.22 -4.63 2.66
N ILE A 388 -36.43 -5.19 1.74
CA ILE A 388 -36.38 -6.64 1.53
C ILE A 388 -35.79 -7.32 2.77
N LEU A 389 -34.70 -6.76 3.29
CA LEU A 389 -34.06 -7.30 4.48
C LEU A 389 -35.04 -7.27 5.65
N ALA A 390 -35.70 -6.13 5.82
CA ALA A 390 -36.66 -5.94 6.91
C ALA A 390 -37.88 -6.87 6.78
N GLU A 391 -38.35 -7.07 5.56
CA GLU A 391 -39.51 -7.96 5.35
C GLU A 391 -39.11 -9.40 5.62
N ALA A 392 -37.90 -9.77 5.19
CA ALA A 392 -37.41 -11.12 5.41
C ALA A 392 -37.37 -11.39 6.91
N ARG A 393 -36.94 -10.40 7.69
CA ARG A 393 -36.89 -10.57 9.14
C ARG A 393 -38.30 -10.71 9.73
N ARG A 394 -39.20 -9.82 9.33
CA ARG A 394 -40.58 -9.85 9.83
C ARG A 394 -41.20 -11.23 9.66
N ARG A 395 -41.10 -11.77 8.44
CA ARG A 395 -41.66 -13.08 8.10
C ARG A 395 -41.10 -14.23 8.89
N THR A 396 -39.83 -14.14 9.25
CA THR A 396 -39.17 -15.24 9.96
C THR A 396 -39.09 -15.12 11.48
N GLY A 397 -39.82 -14.17 12.05
CA GLY A 397 -39.83 -14.01 13.49
C GLY A 397 -38.80 -13.02 14.02
N GLY A 398 -38.18 -12.27 13.11
CA GLY A 398 -37.18 -11.29 13.50
C GLY A 398 -37.72 -9.88 13.65
N ALA A 399 -36.80 -8.92 13.80
CA ALA A 399 -37.15 -7.52 13.98
C ALA A 399 -36.97 -6.66 12.73
N VAL A 400 -37.96 -5.82 12.46
CA VAL A 400 -37.92 -4.91 11.32
C VAL A 400 -36.66 -4.06 11.44
N ASP A 401 -36.39 -3.56 12.64
CA ASP A 401 -35.19 -2.77 12.93
C ASP A 401 -34.56 -3.48 14.13
N PRO A 402 -33.64 -4.42 13.87
CA PRO A 402 -32.97 -5.20 14.91
C PRO A 402 -32.33 -4.41 16.06
N VAL A 403 -31.46 -3.46 15.74
CA VAL A 403 -30.79 -2.68 16.77
C VAL A 403 -31.78 -1.87 17.61
N ALA A 404 -32.78 -1.28 16.96
CA ALA A 404 -33.76 -0.49 17.70
C ALA A 404 -34.51 -1.40 18.67
N THR A 405 -34.86 -2.59 18.20
CA THR A 405 -35.59 -3.55 19.04
C THR A 405 -34.69 -4.04 20.17
N TYR A 406 -33.41 -4.28 19.85
CA TYR A 406 -32.45 -4.73 20.84
C TYR A 406 -32.35 -3.68 21.97
N ARG A 407 -32.24 -2.42 21.59
CA ARG A 407 -32.13 -1.33 22.55
C ARG A 407 -33.42 -1.17 23.37
N ALA A 408 -34.56 -1.38 22.73
CA ALA A 408 -35.84 -1.25 23.40
C ALA A 408 -36.05 -2.35 24.44
N SER A 409 -35.42 -3.50 24.21
CA SER A 409 -35.55 -4.64 25.12
C SER A 409 -34.77 -4.46 26.41
N GLY A 410 -33.74 -3.62 26.39
CA GLY A 410 -32.95 -3.39 27.58
C GLY A 410 -32.06 -4.58 27.90
N TYR A 411 -31.82 -5.41 26.89
CA TYR A 411 -31.01 -6.62 27.04
C TYR A 411 -29.62 -6.37 27.64
N ARG A 412 -28.91 -5.38 27.13
CA ARG A 412 -27.57 -5.07 27.63
C ARG A 412 -27.56 -4.78 29.14
N ALA A 413 -28.49 -3.94 29.58
CA ALA A 413 -28.59 -3.60 30.99
C ALA A 413 -28.94 -4.83 31.82
N ARG A 414 -29.75 -5.73 31.26
CA ARG A 414 -30.13 -6.95 31.96
C ARG A 414 -28.93 -7.85 32.20
N VAL A 415 -28.19 -8.17 31.14
CA VAL A 415 -27.03 -9.05 31.28
C VAL A 415 -25.91 -8.38 32.07
N ALA A 416 -25.92 -7.04 32.11
CA ALA A 416 -24.90 -6.31 32.86
C ALA A 416 -25.07 -6.57 34.34
N ALA A 417 -26.32 -6.76 34.77
CA ALA A 417 -26.63 -7.02 36.17
C ALA A 417 -26.43 -8.48 36.52
N GLU A 418 -26.43 -9.35 35.51
CA GLU A 418 -26.27 -10.78 35.74
C GLU A 418 -24.82 -11.22 35.68
N ARG A 419 -24.01 -10.50 34.90
CA ARG A 419 -22.61 -10.86 34.70
C ARG A 419 -21.59 -9.98 35.41
N PRO A 420 -20.70 -10.61 36.20
CA PRO A 420 -19.66 -9.87 36.92
C PRO A 420 -18.50 -9.55 35.98
N ALA A 421 -17.97 -8.33 36.08
CA ALA A 421 -16.84 -7.95 35.25
C ALA A 421 -15.61 -8.62 35.84
N SER A 422 -14.72 -9.12 34.98
CA SER A 422 -13.52 -9.79 35.46
C SER A 422 -12.63 -8.70 36.09
N VAL A 423 -12.00 -9.02 37.21
CA VAL A 423 -11.17 -8.03 37.90
C VAL A 423 -9.66 -8.25 37.78
N ALA A 424 -9.25 -9.36 37.19
CA ALA A 424 -7.82 -9.65 37.02
C ALA A 424 -7.60 -10.78 36.03
N PHE B 4 28.73 -2.37 37.71
CA PHE B 4 28.74 -2.89 36.31
C PHE B 4 27.86 -4.13 36.19
N ARG B 5 26.85 -4.03 35.32
CA ARG B 5 25.94 -5.15 35.09
C ARG B 5 26.73 -6.33 34.51
N ILE B 6 27.65 -6.01 33.61
CA ILE B 6 28.49 -7.02 32.96
C ILE B 6 29.90 -6.93 33.53
N ALA B 7 30.43 -8.06 33.99
CA ALA B 7 31.78 -8.07 34.58
C ALA B 7 32.79 -7.45 33.64
N GLN B 8 33.64 -6.56 34.17
CA GLN B 8 34.64 -5.91 33.34
C GLN B 8 35.64 -6.90 32.76
N ASP B 9 35.97 -7.94 33.52
CA ASP B 9 36.93 -8.94 33.05
C ASP B 9 36.40 -9.66 31.81
N VAL B 10 35.08 -9.84 31.75
CA VAL B 10 34.46 -10.51 30.62
C VAL B 10 34.51 -9.59 29.41
N VAL B 11 34.26 -8.30 29.62
CA VAL B 11 34.30 -7.34 28.53
C VAL B 11 35.73 -7.25 28.00
N ALA B 12 36.70 -7.23 28.91
CA ALA B 12 38.10 -7.15 28.52
C ALA B 12 38.52 -8.41 27.77
N ARG B 13 38.17 -9.57 28.30
CA ARG B 13 38.53 -10.83 27.66
C ARG B 13 37.93 -10.96 26.25
N GLU B 14 36.66 -10.59 26.11
CA GLU B 14 36.00 -10.68 24.82
C GLU B 14 36.47 -9.60 23.83
N ASN B 15 37.07 -8.53 24.35
CA ASN B 15 37.59 -7.48 23.50
C ASN B 15 38.96 -7.94 23.00
N ASP B 16 39.77 -8.47 23.91
CA ASP B 16 41.11 -8.95 23.55
C ASP B 16 41.01 -10.06 22.52
N ARG B 17 40.03 -10.94 22.73
CA ARG B 17 39.79 -12.06 21.83
C ARG B 17 39.57 -11.62 20.39
N ARG B 18 39.04 -10.41 20.20
CA ARG B 18 38.74 -9.90 18.87
C ARG B 18 39.52 -8.67 18.44
N ALA B 19 40.48 -8.25 19.27
CA ALA B 19 41.28 -7.06 18.98
C ALA B 19 42.12 -7.15 17.71
N SER B 20 42.77 -8.29 17.50
CA SER B 20 43.61 -8.47 16.32
C SER B 20 42.87 -8.25 15.01
N ALA B 21 41.76 -8.95 14.83
CA ALA B 21 40.97 -8.82 13.61
C ALA B 21 40.47 -7.39 13.44
N LEU B 22 40.03 -6.78 14.55
CA LEU B 22 39.54 -5.41 14.50
C LEU B 22 40.63 -4.47 14.00
N LYS B 23 41.84 -4.66 14.52
CA LYS B 23 42.96 -3.83 14.10
C LYS B 23 43.18 -3.95 12.60
N GLU B 24 43.11 -5.18 12.07
CA GLU B 24 43.30 -5.39 10.64
C GLU B 24 42.22 -4.71 9.81
N ASP B 25 40.96 -4.89 10.22
CA ASP B 25 39.84 -4.29 9.50
C ASP B 25 39.80 -2.77 9.63
N TYR B 26 40.11 -2.26 10.82
CA TYR B 26 40.09 -0.82 11.05
C TYR B 26 41.19 -0.17 10.21
N GLU B 27 42.37 -0.77 10.21
CA GLU B 27 43.48 -0.24 9.45
C GLU B 27 43.21 -0.30 7.95
N ALA B 28 42.62 -1.40 7.50
CA ALA B 28 42.29 -1.55 6.09
C ALA B 28 41.27 -0.48 5.72
N LEU B 29 40.26 -0.31 6.56
CA LEU B 29 39.23 0.71 6.31
C LEU B 29 39.85 2.10 6.36
N GLY B 30 40.80 2.29 7.26
CA GLY B 30 41.46 3.58 7.38
C GLY B 30 42.19 3.96 6.11
N ALA B 31 42.81 2.97 5.47
CA ALA B 31 43.56 3.21 4.24
C ALA B 31 42.62 3.48 3.06
N ASN B 32 41.52 2.74 3.00
CA ASN B 32 40.55 2.92 1.94
C ASN B 32 39.95 4.33 2.03
N LEU B 33 39.55 4.72 3.25
CA LEU B 33 38.99 6.03 3.47
C LEU B 33 40.03 7.11 3.19
N ALA B 34 41.29 6.83 3.51
CA ALA B 34 42.37 7.77 3.27
C ALA B 34 42.44 8.08 1.79
N ARG B 35 42.41 7.03 0.98
CA ARG B 35 42.44 7.20 -0.46
C ARG B 35 41.22 7.97 -0.95
N ARG B 36 40.17 7.99 -0.14
CA ARG B 36 38.94 8.70 -0.49
C ARG B 36 38.90 10.09 0.12
N GLY B 37 40.02 10.50 0.71
CA GLY B 37 40.12 11.82 1.31
C GLY B 37 39.41 11.97 2.64
N VAL B 38 39.19 10.86 3.34
CA VAL B 38 38.50 10.90 4.63
C VAL B 38 39.38 10.35 5.75
N ASP B 39 39.33 11.03 6.89
CA ASP B 39 40.11 10.61 8.05
C ASP B 39 39.21 9.75 8.94
N ILE B 40 39.50 8.46 8.97
CA ILE B 40 38.72 7.51 9.76
C ILE B 40 38.63 7.93 11.23
N GLU B 41 39.69 8.54 11.74
CA GLU B 41 39.72 8.99 13.13
C GLU B 41 38.61 10.01 13.42
N ALA B 42 38.38 10.91 12.49
CA ALA B 42 37.35 11.93 12.64
C ALA B 42 35.96 11.30 12.68
N VAL B 43 35.75 10.27 11.85
CA VAL B 43 34.48 9.57 11.80
C VAL B 43 34.23 8.83 13.12
N THR B 44 35.24 8.12 13.59
CA THR B 44 35.12 7.38 14.83
C THR B 44 34.83 8.32 16.00
N ALA B 45 35.46 9.49 15.99
CA ALA B 45 35.26 10.47 17.06
C ALA B 45 33.79 10.92 17.11
N LYS B 46 33.19 11.14 15.95
CA LYS B 46 31.80 11.57 15.92
C LYS B 46 30.85 10.43 16.31
N VAL B 47 31.12 9.24 15.81
CA VAL B 47 30.30 8.07 16.11
C VAL B 47 30.24 7.85 17.63
N GLU B 48 31.39 8.01 18.28
CA GLU B 48 31.49 7.86 19.73
C GLU B 48 30.54 8.77 20.49
N LYS B 49 30.21 9.92 19.87
CA LYS B 49 29.33 10.89 20.50
C LYS B 49 27.88 10.85 20.02
N PHE B 50 27.52 9.87 19.19
CA PHE B 50 26.14 9.79 18.74
C PHE B 50 25.33 8.92 19.70
N PHE B 51 24.32 9.50 20.31
CA PHE B 51 23.50 8.77 21.28
C PHE B 51 22.03 8.67 20.90
N VAL B 52 21.43 7.54 21.29
CA VAL B 52 20.01 7.30 21.02
C VAL B 52 19.37 6.73 22.29
N ALA B 53 18.23 7.29 22.67
CA ALA B 53 17.51 6.87 23.87
C ALA B 53 16.95 5.45 23.76
N VAL B 54 17.16 4.65 24.81
CA VAL B 54 16.65 3.28 24.84
C VAL B 54 15.33 3.32 25.60
N PRO B 55 14.27 2.69 25.05
CA PRO B 55 12.97 2.69 25.71
C PRO B 55 12.86 1.67 26.83
N SER B 56 12.32 2.09 27.97
CA SER B 56 12.17 1.18 29.10
C SER B 56 11.28 0.00 28.70
N TRP B 57 10.32 0.26 27.83
CA TRP B 57 9.40 -0.79 27.37
C TRP B 57 10.05 -1.71 26.34
N GLY B 58 11.28 -1.38 25.94
CA GLY B 58 11.97 -2.20 24.96
C GLY B 58 12.71 -3.40 25.53
N VAL B 59 13.09 -3.35 26.81
CA VAL B 59 13.82 -4.45 27.41
C VAL B 59 12.97 -5.63 27.85
N GLY B 60 11.65 -5.44 27.82
CA GLY B 60 10.75 -6.52 28.19
C GLY B 60 10.28 -7.12 26.89
N THR B 61 9.83 -8.37 26.91
CA THR B 61 9.36 -8.99 25.67
C THR B 61 8.03 -8.36 25.26
N GLY B 62 7.90 -8.02 23.98
CA GLY B 62 6.68 -7.43 23.49
C GLY B 62 5.71 -8.48 22.98
N GLY B 63 4.52 -8.04 22.55
CA GLY B 63 3.54 -8.98 22.04
C GLY B 63 2.59 -8.33 21.05
N THR B 64 1.70 -9.13 20.48
CA THR B 64 0.71 -8.63 19.53
C THR B 64 -0.67 -8.78 20.17
N ARG B 65 -1.72 -8.36 19.47
CA ARG B 65 -3.05 -8.50 20.04
C ARG B 65 -3.43 -9.97 20.18
N PHE B 66 -2.68 -10.84 19.52
CA PHE B 66 -2.94 -12.29 19.57
C PHE B 66 -2.24 -13.03 20.71
N ALA B 67 -1.05 -12.57 21.09
CA ALA B 67 -0.32 -13.23 22.18
C ALA B 67 1.01 -12.57 22.51
N ARG B 68 1.52 -12.94 23.69
CA ARG B 68 2.80 -12.46 24.19
C ARG B 68 3.52 -13.72 24.67
N PHE B 69 4.77 -13.90 24.25
CA PHE B 69 5.56 -15.07 24.62
C PHE B 69 6.81 -14.62 25.36
N PRO B 70 6.67 -14.29 26.66
CA PRO B 70 7.81 -13.83 27.46
C PRO B 70 9.00 -14.79 27.51
N GLY B 71 10.20 -14.23 27.49
CA GLY B 71 11.40 -15.06 27.55
C GLY B 71 11.72 -15.28 29.02
N THR B 72 12.95 -15.66 29.33
CA THR B 72 13.33 -15.87 30.72
C THR B 72 13.88 -14.57 31.28
N GLY B 73 13.84 -14.44 32.61
CA GLY B 73 14.36 -13.25 33.25
C GLY B 73 13.67 -11.96 32.80
N GLU B 74 12.37 -12.03 32.55
CA GLU B 74 11.62 -10.85 32.13
C GLU B 74 11.70 -9.76 33.20
N PRO B 75 12.09 -8.54 32.82
CA PRO B 75 12.18 -7.46 33.81
C PRO B 75 10.77 -7.03 34.21
N ARG B 76 10.53 -6.94 35.53
CA ARG B 76 9.23 -6.53 36.04
C ARG B 76 9.39 -5.22 36.77
N GLY B 77 8.71 -4.17 36.31
CA GLY B 77 8.84 -2.90 36.98
C GLY B 77 10.02 -2.13 36.40
N ILE B 78 10.01 -0.82 36.59
CA ILE B 78 11.05 0.05 36.07
C ILE B 78 12.46 -0.24 36.60
N PHE B 79 12.57 -0.65 37.86
CA PHE B 79 13.89 -0.92 38.41
C PHE B 79 14.58 -2.08 37.68
N ASP B 80 13.85 -3.16 37.41
CA ASP B 80 14.44 -4.28 36.69
C ASP B 80 14.81 -3.82 35.28
N LYS B 81 13.92 -3.03 34.68
CA LYS B 81 14.13 -2.52 33.35
C LYS B 81 15.35 -1.62 33.24
N LEU B 82 15.58 -0.78 34.25
CA LEU B 82 16.74 0.09 34.24
C LEU B 82 18.00 -0.77 34.31
N ASP B 83 17.99 -1.81 35.14
CA ASP B 83 19.16 -2.68 35.25
C ASP B 83 19.50 -3.27 33.89
N ASP B 84 18.47 -3.68 33.14
CA ASP B 84 18.71 -4.24 31.82
C ASP B 84 19.16 -3.18 30.83
N CYS B 85 18.58 -1.98 30.91
CA CYS B 85 18.97 -0.90 30.01
C CYS B 85 20.46 -0.58 30.20
N ALA B 86 20.91 -0.69 31.44
CA ALA B 86 22.30 -0.42 31.78
C ALA B 86 23.25 -1.34 31.01
N VAL B 87 22.81 -2.57 30.80
CA VAL B 87 23.63 -3.54 30.06
C VAL B 87 23.85 -3.07 28.62
N ILE B 88 22.80 -2.54 28.00
CA ILE B 88 22.87 -2.04 26.64
C ILE B 88 23.84 -0.86 26.56
N GLN B 89 23.73 0.07 27.50
CA GLN B 89 24.62 1.24 27.52
C GLN B 89 26.06 0.83 27.79
N GLN B 90 26.26 -0.09 28.72
CA GLN B 90 27.61 -0.53 29.05
C GLN B 90 28.32 -1.16 27.85
N LEU B 91 27.60 -1.99 27.11
CA LEU B 91 28.17 -2.67 25.96
C LEU B 91 28.23 -1.90 24.63
N THR B 92 27.27 -1.00 24.41
CA THR B 92 27.25 -0.23 23.16
C THR B 92 27.73 1.20 23.35
N ARG B 93 27.61 1.72 24.57
CA ARG B 93 28.01 3.09 24.87
C ARG B 93 27.29 4.06 23.95
N ALA B 94 26.16 3.62 23.40
CA ALA B 94 25.39 4.46 22.49
C ALA B 94 24.01 4.83 23.04
N THR B 95 23.67 4.31 24.22
CA THR B 95 22.37 4.57 24.81
C THR B 95 22.43 5.03 26.27
N PRO B 96 23.14 6.15 26.54
CA PRO B 96 23.25 6.65 27.91
C PRO B 96 21.94 7.11 28.56
N ASN B 97 20.91 7.36 27.76
CA ASN B 97 19.64 7.83 28.31
C ASN B 97 18.45 6.91 28.04
N VAL B 98 17.57 6.81 29.04
CA VAL B 98 16.39 5.96 28.96
C VAL B 98 15.10 6.78 28.81
N SER B 99 14.16 6.26 28.02
CA SER B 99 12.87 6.90 27.81
C SER B 99 11.86 6.24 28.74
N LEU B 100 11.21 7.03 29.59
CA LEU B 100 10.21 6.50 30.52
C LEU B 100 8.80 6.67 29.97
N HIS B 101 7.92 5.77 30.40
CA HIS B 101 6.52 5.80 29.99
C HIS B 101 5.69 5.74 31.26
N ILE B 102 4.81 6.73 31.44
CA ILE B 102 3.95 6.80 32.63
C ILE B 102 2.53 6.44 32.24
N PRO B 103 1.81 5.68 33.08
CA PRO B 103 2.19 5.12 34.38
C PRO B 103 2.99 3.82 34.43
N TRP B 104 3.27 3.20 33.29
CA TRP B 104 4.02 1.94 33.33
C TRP B 104 5.24 1.99 34.25
N ASP B 105 6.03 3.06 34.14
CA ASP B 105 7.25 3.21 34.95
C ASP B 105 7.12 4.15 36.15
N LYS B 106 5.90 4.37 36.62
CA LYS B 106 5.72 5.27 37.75
C LYS B 106 6.44 4.75 38.99
N ALA B 107 7.07 5.67 39.72
CA ALA B 107 7.81 5.35 40.93
C ALA B 107 8.31 6.66 41.49
N ASP B 108 8.72 6.67 42.75
CA ASP B 108 9.22 7.89 43.37
C ASP B 108 10.34 8.48 42.51
N PRO B 109 10.16 9.71 42.01
CA PRO B 109 11.18 10.35 41.19
C PRO B 109 12.59 10.27 41.77
N LYS B 110 12.71 10.57 43.07
CA LYS B 110 14.01 10.53 43.73
C LYS B 110 14.70 9.19 43.54
N GLU B 111 13.94 8.10 43.70
CA GLU B 111 14.49 6.76 43.53
C GLU B 111 14.89 6.48 42.10
N LEU B 112 14.09 6.97 41.15
CA LEU B 112 14.39 6.78 39.73
C LEU B 112 15.72 7.45 39.43
N LYS B 113 15.84 8.71 39.84
CA LYS B 113 17.04 9.50 39.62
C LYS B 113 18.25 8.80 40.26
N ALA B 114 18.07 8.34 41.49
CA ALA B 114 19.13 7.66 42.22
C ALA B 114 19.55 6.38 41.49
N ARG B 115 18.57 5.60 41.05
CA ARG B 115 18.88 4.37 40.34
C ARG B 115 19.61 4.64 39.03
N GLY B 116 19.17 5.66 38.31
CA GLY B 116 19.81 6.00 37.05
C GLY B 116 21.24 6.43 37.27
N ASP B 117 21.45 7.35 38.21
CA ASP B 117 22.79 7.84 38.52
C ASP B 117 23.70 6.66 38.87
N ALA B 118 23.18 5.72 39.65
CA ALA B 118 23.95 4.55 40.07
C ALA B 118 24.35 3.67 38.89
N LEU B 119 23.48 3.58 37.88
CA LEU B 119 23.75 2.75 36.71
C LEU B 119 24.43 3.51 35.58
N GLY B 120 24.59 4.82 35.74
CA GLY B 120 25.21 5.62 34.70
C GLY B 120 24.25 5.90 33.57
N LEU B 121 22.97 6.04 33.90
CA LEU B 121 21.93 6.30 32.91
C LEU B 121 21.18 7.59 33.18
N GLY B 122 20.86 8.31 32.13
CA GLY B 122 20.11 9.54 32.23
C GLY B 122 18.69 9.29 31.72
N PHE B 123 17.89 10.35 31.63
CA PHE B 123 16.51 10.21 31.17
C PHE B 123 16.18 11.14 30.01
N ASP B 124 15.62 10.58 28.96
CA ASP B 124 15.23 11.36 27.79
C ASP B 124 13.78 11.82 27.97
N ALA B 125 13.12 12.15 26.87
CA ALA B 125 11.74 12.62 26.93
C ALA B 125 10.80 11.69 27.68
N MET B 126 9.89 12.28 28.44
CA MET B 126 8.87 11.52 29.17
C MET B 126 7.80 11.13 28.14
N ASN B 127 7.09 10.03 28.42
CA ASN B 127 6.04 9.57 27.52
C ASN B 127 4.75 9.38 28.31
N SER B 128 3.70 10.10 27.92
CA SER B 128 2.41 9.99 28.60
C SER B 128 1.60 8.84 28.00
N ASN B 129 0.61 8.39 28.74
CA ASN B 129 -0.22 7.29 28.28
C ASN B 129 -1.70 7.53 28.55
N THR B 130 -2.44 7.95 27.51
CA THR B 130 -3.87 8.13 27.64
C THR B 130 -4.52 7.31 26.53
N PHE B 131 -3.87 6.18 26.22
CA PHE B 131 -4.37 5.27 25.20
C PHE B 131 -4.80 3.94 25.83
N SER B 132 -4.83 3.92 27.16
CA SER B 132 -5.24 2.74 27.94
C SER B 132 -5.76 3.23 29.29
N ASP B 133 -6.61 2.42 29.94
CA ASP B 133 -7.17 2.79 31.24
C ASP B 133 -6.41 2.16 32.40
N ALA B 134 -6.14 2.96 33.42
CA ALA B 134 -5.45 2.47 34.61
C ALA B 134 -6.48 2.23 35.71
N PRO B 135 -6.18 1.29 36.63
CA PRO B 135 -7.10 0.98 37.72
C PRO B 135 -7.51 2.21 38.52
N GLY B 136 -8.80 2.33 38.83
CA GLY B 136 -9.29 3.46 39.60
C GLY B 136 -9.56 4.71 38.80
N GLN B 137 -9.13 4.74 37.55
CA GLN B 137 -9.31 5.88 36.66
C GLN B 137 -10.77 6.32 36.62
N ALA B 138 -11.00 7.62 36.80
CA ALA B 138 -12.36 8.17 36.80
C ALA B 138 -13.05 8.14 35.45
N HIS B 139 -12.32 8.48 34.39
CA HIS B 139 -12.89 8.49 33.06
C HIS B 139 -12.11 7.60 32.10
N SER B 140 -12.82 6.83 31.29
CA SER B 140 -12.21 5.91 30.34
C SER B 140 -11.77 6.58 29.05
N TYR B 141 -10.68 6.09 28.48
CA TYR B 141 -10.16 6.63 27.22
C TYR B 141 -10.63 5.79 26.02
N LYS B 142 -11.68 5.01 26.23
CA LYS B 142 -12.23 4.17 25.17
C LYS B 142 -12.52 4.97 23.90
N TYR B 143 -13.16 6.14 24.05
CA TYR B 143 -13.50 6.97 22.90
C TYR B 143 -12.58 8.17 22.72
N GLY B 144 -11.38 8.10 23.30
CA GLY B 144 -10.45 9.20 23.16
C GLY B 144 -9.94 9.72 24.49
N SER B 145 -9.07 10.71 24.43
CA SER B 145 -8.48 11.30 25.63
C SER B 145 -8.41 12.82 25.49
N LEU B 146 -7.32 13.32 24.94
CA LEU B 146 -7.17 14.75 24.75
C LEU B 146 -8.23 15.33 23.80
N SER B 147 -8.78 14.50 22.92
CA SER B 147 -9.80 14.97 21.98
C SER B 147 -11.18 14.36 22.25
N HIS B 148 -11.36 13.79 23.44
CA HIS B 148 -12.63 13.17 23.81
C HIS B 148 -13.73 14.24 23.86
N THR B 149 -14.96 13.84 23.56
CA THR B 149 -16.09 14.79 23.58
C THR B 149 -16.42 15.25 25.00
N ASN B 150 -16.13 14.40 25.98
CA ASN B 150 -16.40 14.72 27.38
C ASN B 150 -15.31 15.62 27.96
N ALA B 151 -15.70 16.83 28.35
CA ALA B 151 -14.77 17.80 28.91
C ALA B 151 -13.95 17.25 30.07
N ALA B 152 -14.62 16.58 31.01
CA ALA B 152 -13.94 16.01 32.17
C ALA B 152 -12.85 15.01 31.76
N THR B 153 -13.11 14.25 30.71
CA THR B 153 -12.14 13.27 30.24
C THR B 153 -10.93 13.97 29.66
N ARG B 154 -11.15 15.08 28.96
CA ARG B 154 -10.03 15.82 28.40
C ARG B 154 -9.18 16.40 29.54
N ALA B 155 -9.84 16.96 30.54
CA ALA B 155 -9.16 17.54 31.69
C ALA B 155 -8.30 16.50 32.39
N GLN B 156 -8.84 15.29 32.54
CA GLN B 156 -8.12 14.20 33.18
C GLN B 156 -6.86 13.88 32.37
N ALA B 157 -6.99 13.87 31.04
CA ALA B 157 -5.87 13.57 30.17
C ALA B 157 -4.81 14.68 30.24
N VAL B 158 -5.27 15.92 30.34
CA VAL B 158 -4.34 17.04 30.43
C VAL B 158 -3.56 16.96 31.73
N GLU B 159 -4.26 16.69 32.82
CA GLU B 159 -3.62 16.59 34.12
C GLU B 159 -2.59 15.46 34.14
N HIS B 160 -2.89 14.34 33.49
CA HIS B 160 -1.94 13.23 33.45
C HIS B 160 -0.66 13.68 32.76
N ASN B 161 -0.81 14.43 31.68
CA ASN B 161 0.35 14.92 30.95
C ASN B 161 1.14 15.90 31.81
N LEU B 162 0.44 16.76 32.54
CA LEU B 162 1.12 17.72 33.40
C LEU B 162 1.91 16.98 34.46
N GLU B 163 1.36 15.86 34.92
CA GLU B 163 2.02 15.03 35.94
C GLU B 163 3.29 14.42 35.36
N CYS B 164 3.26 14.11 34.07
CA CYS B 164 4.42 13.53 33.41
C CYS B 164 5.55 14.56 33.35
N ILE B 165 5.17 15.83 33.19
CA ILE B 165 6.17 16.89 33.14
C ILE B 165 6.80 17.04 34.54
N GLU B 166 5.96 16.95 35.57
CA GLU B 166 6.46 17.07 36.94
C GLU B 166 7.47 15.97 37.25
N ILE B 167 7.15 14.74 36.87
CA ILE B 167 8.05 13.61 37.10
C ILE B 167 9.34 13.87 36.34
N GLY B 168 9.19 14.24 35.07
CA GLY B 168 10.35 14.51 34.24
C GLY B 168 11.27 15.57 34.80
N LYS B 169 10.70 16.67 35.29
CA LYS B 169 11.51 17.75 35.85
C LYS B 169 12.33 17.25 37.02
N ALA B 170 11.75 16.35 37.81
CA ALA B 170 12.42 15.81 38.98
C ALA B 170 13.59 14.88 38.64
N ILE B 171 13.53 14.23 37.48
CA ILE B 171 14.59 13.30 37.11
C ILE B 171 15.59 13.79 36.07
N GLY B 172 15.39 15.00 35.57
CA GLY B 172 16.33 15.54 34.59
C GLY B 172 15.89 15.47 33.14
N SER B 173 14.63 15.12 32.92
CA SER B 173 14.09 15.04 31.57
C SER B 173 13.84 16.47 31.09
N LYS B 174 13.87 16.69 29.78
CA LYS B 174 13.62 18.03 29.24
C LYS B 174 12.60 18.03 28.11
N ALA B 175 11.71 17.05 28.10
CA ALA B 175 10.71 16.99 27.03
C ALA B 175 9.61 15.96 27.29
N LEU B 176 8.44 16.22 26.72
CA LEU B 176 7.30 15.34 26.84
C LEU B 176 6.81 14.93 25.45
N THR B 177 6.74 13.63 25.20
CA THR B 177 6.28 13.13 23.92
C THR B 177 4.83 12.66 24.11
N VAL B 178 3.94 13.17 23.28
CA VAL B 178 2.52 12.82 23.36
C VAL B 178 2.04 12.03 22.15
N TRP B 179 1.73 10.76 22.38
CA TRP B 179 1.17 9.90 21.34
C TRP B 179 -0.12 9.34 21.91
N ILE B 180 -1.24 9.57 21.22
CA ILE B 180 -2.53 9.08 21.68
C ILE B 180 -3.18 8.26 20.58
N GLY B 181 -4.09 7.36 20.96
CA GLY B 181 -4.75 6.53 19.97
C GLY B 181 -6.01 7.18 19.41
N ASP B 182 -6.34 8.36 19.93
CA ASP B 182 -7.54 9.09 19.54
C ASP B 182 -7.88 9.06 18.05
N GLY B 183 -9.11 8.65 17.76
CA GLY B 183 -9.57 8.56 16.40
C GLY B 183 -10.92 7.86 16.36
N SER B 184 -11.28 7.28 15.23
CA SER B 184 -12.55 6.58 15.09
C SER B 184 -12.35 5.30 14.31
N ASN B 185 -13.27 4.36 14.48
CA ASN B 185 -13.19 3.10 13.77
C ASN B 185 -14.27 3.06 12.69
N PHE B 186 -15.15 4.07 12.70
CA PHE B 186 -16.26 4.12 11.74
C PHE B 186 -16.51 5.52 11.17
N PRO B 187 -16.78 5.61 9.87
CA PRO B 187 -17.05 6.93 9.28
C PRO B 187 -18.24 7.51 10.06
N GLY B 188 -18.19 8.80 10.37
CA GLY B 188 -19.29 9.43 11.09
C GLY B 188 -19.17 9.40 12.60
N GLN B 189 -18.43 8.44 13.14
CA GLN B 189 -18.25 8.33 14.58
C GLN B 189 -17.73 9.63 15.16
N SER B 190 -16.75 10.23 14.48
CA SER B 190 -16.15 11.48 14.90
C SER B 190 -16.30 12.56 13.84
N ASN B 191 -16.29 13.82 14.28
CA ASN B 191 -16.32 14.93 13.36
C ASN B 191 -14.84 15.28 13.32
N PHE B 192 -14.18 15.02 12.20
CA PHE B 192 -12.75 15.28 12.08
C PHE B 192 -12.29 16.63 12.62
N THR B 193 -12.96 17.69 12.18
CA THR B 193 -12.58 19.03 12.59
C THR B 193 -12.79 19.32 14.07
N ARG B 194 -13.97 19.02 14.60
CA ARG B 194 -14.24 19.27 16.00
C ARG B 194 -13.30 18.48 16.90
N ALA B 195 -13.03 17.24 16.52
CA ALA B 195 -12.13 16.39 17.29
C ALA B 195 -10.74 17.01 17.34
N PHE B 196 -10.30 17.56 16.21
CA PHE B 196 -8.98 18.18 16.13
C PHE B 196 -8.96 19.47 16.92
N GLU B 197 -10.07 20.21 16.90
CA GLU B 197 -10.15 21.46 17.64
C GLU B 197 -10.06 21.17 19.14
N ARG B 198 -10.70 20.09 19.60
CA ARG B 198 -10.64 19.74 21.01
C ARG B 198 -9.21 19.34 21.39
N TYR B 199 -8.55 18.61 20.50
CA TYR B 199 -7.18 18.19 20.76
C TYR B 199 -6.26 19.41 20.88
N LEU B 200 -6.38 20.33 19.93
CA LEU B 200 -5.55 21.52 19.93
C LEU B 200 -5.73 22.33 21.21
N SER B 201 -6.98 22.44 21.67
CA SER B 201 -7.26 23.19 22.89
C SER B 201 -6.66 22.49 24.09
N ALA B 202 -6.72 21.16 24.10
CA ALA B 202 -6.18 20.38 25.20
C ALA B 202 -4.64 20.50 25.21
N MET B 203 -4.04 20.38 24.04
CA MET B 203 -2.58 20.47 23.95
C MET B 203 -2.09 21.87 24.36
N ALA B 204 -2.91 22.90 24.13
CA ALA B 204 -2.50 24.24 24.51
C ALA B 204 -2.33 24.30 26.03
N GLU B 205 -3.21 23.62 26.76
CA GLU B 205 -3.14 23.58 28.22
C GLU B 205 -1.86 22.91 28.67
N ILE B 206 -1.52 21.80 28.01
CA ILE B 206 -0.30 21.07 28.34
C ILE B 206 0.91 21.96 28.05
N TYR B 207 0.87 22.64 26.91
CA TYR B 207 1.95 23.54 26.50
C TYR B 207 2.26 24.57 27.59
N LYS B 208 1.23 25.04 28.29
CA LYS B 208 1.41 26.04 29.34
C LYS B 208 2.17 25.53 30.56
N GLY B 209 2.16 24.22 30.78
CA GLY B 209 2.87 23.68 31.92
C GLY B 209 4.33 23.37 31.62
N LEU B 210 4.77 23.72 30.42
CA LEU B 210 6.13 23.47 29.97
C LEU B 210 7.15 24.47 30.48
N PRO B 211 8.28 23.98 31.04
CA PRO B 211 9.30 24.90 31.54
C PRO B 211 9.90 25.63 30.33
N ASP B 212 10.68 26.68 30.56
CA ASP B 212 11.27 27.43 29.46
C ASP B 212 12.21 26.60 28.59
N ASP B 213 12.86 25.62 29.19
CA ASP B 213 13.81 24.79 28.46
C ASP B 213 13.27 23.42 28.06
N TRP B 214 11.95 23.28 28.07
CA TRP B 214 11.33 22.02 27.71
C TRP B 214 10.73 22.05 26.31
N LYS B 215 10.54 20.87 25.74
CA LYS B 215 9.93 20.76 24.42
C LYS B 215 8.76 19.81 24.54
N LEU B 216 7.77 20.00 23.68
CA LEU B 216 6.59 19.17 23.64
C LEU B 216 6.57 18.52 22.26
N PHE B 217 6.62 17.20 22.22
CA PHE B 217 6.61 16.48 20.96
C PHE B 217 5.29 15.77 20.72
N SER B 218 4.73 15.96 19.54
CA SER B 218 3.48 15.29 19.16
C SER B 218 3.90 14.28 18.11
N GLU B 219 3.41 13.05 18.25
CA GLU B 219 3.77 11.96 17.35
C GLU B 219 2.58 11.50 16.51
N HIS B 220 2.69 11.66 15.18
CA HIS B 220 1.62 11.26 14.30
C HIS B 220 1.63 9.76 14.02
N LYS B 221 0.48 9.23 13.60
CA LYS B 221 0.38 7.81 13.29
C LYS B 221 -0.83 7.62 12.38
N MET B 222 -0.62 6.93 11.26
CA MET B 222 -1.70 6.72 10.30
C MET B 222 -2.88 5.93 10.86
N TYR B 223 -2.59 4.87 11.60
CA TYR B 223 -3.65 4.06 12.20
C TYR B 223 -3.14 3.15 13.32
N GLU B 224 -4.09 2.55 14.03
CA GLU B 224 -3.85 1.65 15.16
C GLU B 224 -3.53 2.45 16.41
N PRO B 225 -4.37 2.35 17.45
CA PRO B 225 -5.61 1.56 17.58
C PRO B 225 -6.85 1.97 16.78
N ALA B 226 -6.90 3.18 16.25
CA ALA B 226 -8.07 3.62 15.47
C ALA B 226 -7.92 3.10 14.05
N PHE B 227 -8.95 2.43 13.54
CA PHE B 227 -8.88 1.85 12.21
C PHE B 227 -9.63 2.51 11.06
N TYR B 228 -10.17 3.70 11.28
CA TYR B 228 -10.83 4.44 10.20
C TYR B 228 -10.14 5.80 10.10
N SER B 229 -10.09 6.53 11.20
CA SER B 229 -9.40 7.82 11.20
C SER B 229 -8.66 8.01 12.51
N THR B 230 -7.59 8.81 12.46
CA THR B 230 -6.79 9.11 13.64
C THR B 230 -6.61 10.63 13.64
N VAL B 231 -6.82 11.26 14.79
CA VAL B 231 -6.70 12.72 14.90
C VAL B 231 -5.34 13.21 14.40
N VAL B 232 -4.26 12.71 14.99
CA VAL B 232 -2.91 13.10 14.55
C VAL B 232 -2.48 11.97 13.63
N GLN B 233 -3.00 11.99 12.40
CA GLN B 233 -2.73 10.92 11.44
C GLN B 233 -1.45 10.98 10.62
N ASP B 234 -0.97 12.18 10.31
CA ASP B 234 0.27 12.26 9.53
C ASP B 234 1.08 13.49 9.89
N TRP B 235 2.18 13.70 9.18
CA TRP B 235 3.05 14.83 9.48
C TRP B 235 2.41 16.17 9.12
N GLY B 236 1.43 16.15 8.23
CA GLY B 236 0.76 17.37 7.85
C GLY B 236 -0.05 17.91 9.01
N THR B 237 -0.81 17.04 9.65
CA THR B 237 -1.58 17.44 10.82
C THR B 237 -0.60 17.77 11.94
N ASN B 238 0.48 17.01 11.99
CA ASN B 238 1.48 17.22 13.03
C ASN B 238 2.09 18.61 12.88
N TYR B 239 2.35 19.03 11.65
CA TYR B 239 2.92 20.35 11.46
C TYR B 239 1.92 21.42 11.93
N LEU B 240 0.65 21.23 11.59
CA LEU B 240 -0.38 22.19 12.01
C LEU B 240 -0.39 22.33 13.52
N ILE B 241 -0.23 21.20 14.22
CA ILE B 241 -0.20 21.18 15.68
C ILE B 241 0.98 21.96 16.24
N ALA B 242 2.18 21.62 15.77
CA ALA B 242 3.41 22.26 16.24
C ALA B 242 3.41 23.77 15.98
N GLN B 243 2.98 24.16 14.78
CA GLN B 243 2.95 25.58 14.43
C GLN B 243 1.92 26.34 15.26
N THR B 244 0.78 25.70 15.53
CA THR B 244 -0.28 26.32 16.31
C THR B 244 0.08 26.49 17.79
N LEU B 245 0.75 25.50 18.37
CA LEU B 245 1.10 25.53 19.78
C LEU B 245 2.20 26.50 20.16
N GLY B 246 3.21 26.62 19.31
CA GLY B 246 4.30 27.55 19.62
C GLY B 246 5.68 26.99 19.41
N PRO B 247 6.71 27.81 19.64
CA PRO B 247 8.15 27.47 19.51
C PRO B 247 8.60 26.20 20.22
N LYS B 248 8.01 25.89 21.36
CA LYS B 248 8.44 24.71 22.12
C LYS B 248 7.80 23.39 21.64
N ALA B 249 6.83 23.49 20.74
CA ALA B 249 6.16 22.31 20.23
C ALA B 249 6.76 21.89 18.89
N GLN B 250 7.11 20.62 18.77
CA GLN B 250 7.69 20.09 17.54
C GLN B 250 7.15 18.70 17.23
N CYS B 251 7.42 18.23 16.01
CA CYS B 251 6.92 16.94 15.56
C CYS B 251 7.89 15.80 15.72
N LEU B 252 7.40 14.68 16.24
CA LEU B 252 8.21 13.48 16.41
C LEU B 252 7.84 12.52 15.30
N VAL B 253 8.85 12.00 14.61
CA VAL B 253 8.63 11.09 13.49
C VAL B 253 9.01 9.65 13.84
N ASP B 254 8.01 8.76 13.86
CA ASP B 254 8.26 7.35 14.15
C ASP B 254 8.25 6.67 12.79
N LEU B 255 9.39 6.11 12.38
CA LEU B 255 9.52 5.49 11.07
C LEU B 255 8.38 4.59 10.61
N GLY B 256 7.86 3.74 11.49
CA GLY B 256 6.79 2.84 11.08
C GLY B 256 5.37 3.37 11.15
N HIS B 257 5.20 4.69 11.25
CA HIS B 257 3.87 5.28 11.36
C HIS B 257 3.34 5.95 10.10
N HIS B 258 3.84 5.53 8.95
CA HIS B 258 3.44 6.14 7.69
C HIS B 258 2.76 5.17 6.74
N ALA B 259 2.04 5.73 5.77
CA ALA B 259 1.32 4.95 4.78
C ALA B 259 2.30 4.16 3.92
N PRO B 260 1.84 3.06 3.32
CA PRO B 260 2.71 2.25 2.48
C PRO B 260 3.38 3.11 1.40
N ASN B 261 4.67 2.85 1.17
CA ASN B 261 5.47 3.54 0.15
C ASN B 261 5.80 5.02 0.37
N THR B 262 5.39 5.56 1.51
CA THR B 262 5.65 6.96 1.84
C THR B 262 7.14 7.26 1.77
N ASN B 263 7.50 8.44 1.29
CA ASN B 263 8.92 8.81 1.25
C ASN B 263 9.13 9.50 2.59
N ILE B 264 9.62 8.75 3.56
CA ILE B 264 9.83 9.27 4.91
C ILE B 264 10.98 10.26 5.03
N GLU B 265 12.08 10.00 4.34
CA GLU B 265 13.21 10.92 4.41
C GLU B 265 12.80 12.32 3.96
N MET B 266 11.84 12.43 3.04
CA MET B 266 11.39 13.75 2.59
C MET B 266 10.63 14.47 3.69
N ILE B 267 9.78 13.73 4.40
CA ILE B 267 9.03 14.33 5.51
C ILE B 267 10.05 14.90 6.49
N VAL B 268 11.10 14.14 6.76
CA VAL B 268 12.16 14.60 7.66
C VAL B 268 12.75 15.92 7.17
N ALA B 269 13.07 15.99 5.89
CA ALA B 269 13.64 17.21 5.30
C ALA B 269 12.68 18.40 5.45
N ARG B 270 11.41 18.17 5.12
CA ARG B 270 10.40 19.20 5.21
C ARG B 270 10.27 19.75 6.63
N LEU B 271 10.22 18.86 7.61
CA LEU B 271 10.10 19.30 9.00
C LEU B 271 11.32 20.11 9.45
N ILE B 272 12.50 19.70 8.99
CA ILE B 272 13.73 20.41 9.32
C ILE B 272 13.72 21.82 8.71
N GLN B 273 13.32 21.92 7.46
CA GLN B 273 13.27 23.21 6.78
C GLN B 273 12.40 24.21 7.53
N PHE B 274 11.31 23.74 8.11
CA PHE B 274 10.40 24.61 8.84
C PHE B 274 10.57 24.58 10.35
N GLY B 275 11.74 24.10 10.79
CA GLY B 275 12.09 24.05 12.19
C GLY B 275 11.18 23.30 13.15
N LYS B 276 10.53 22.25 12.67
CA LYS B 276 9.64 21.48 13.53
C LYS B 276 9.98 20.01 13.65
N LEU B 277 11.23 19.66 13.39
CA LEU B 277 11.65 18.27 13.55
C LEU B 277 12.10 18.09 14.99
N GLY B 278 11.17 17.67 15.84
CA GLY B 278 11.48 17.48 17.25
C GLY B 278 12.37 16.30 17.53
N GLY B 279 12.07 15.17 16.89
CA GLY B 279 12.88 13.99 17.12
C GLY B 279 12.45 12.79 16.31
N PHE B 280 13.09 11.66 16.59
CA PHE B 280 12.83 10.40 15.90
C PHE B 280 12.53 9.23 16.82
N HIS B 281 11.73 8.31 16.31
CA HIS B 281 11.43 7.08 17.01
C HIS B 281 11.91 6.07 15.99
N PHE B 282 13.07 5.48 16.25
CA PHE B 282 13.66 4.50 15.34
C PHE B 282 13.14 3.08 15.53
N ASN B 283 12.98 2.40 14.39
CA ASN B 283 12.53 1.01 14.32
C ASN B 283 12.44 0.69 12.83
N ASP B 284 12.12 -0.56 12.49
CA ASP B 284 11.97 -0.91 11.10
C ASP B 284 10.63 -1.60 10.93
N SER B 285 10.20 -1.78 9.69
CA SER B 285 8.92 -2.41 9.40
C SER B 285 8.80 -2.80 7.95
N LYS B 286 7.79 -3.63 7.65
CA LYS B 286 7.56 -4.07 6.27
C LYS B 286 6.09 -3.93 5.91
N TYR B 287 5.22 -4.10 6.90
CA TYR B 287 3.78 -4.04 6.67
C TYR B 287 3.07 -2.85 7.34
N GLY B 288 3.16 -2.78 8.66
CA GLY B 288 2.54 -1.68 9.39
C GLY B 288 3.49 -1.11 10.41
N ASP B 289 2.99 -0.81 11.60
CA ASP B 289 3.84 -0.29 12.67
C ASP B 289 4.41 -1.52 13.36
N ASP B 290 5.16 -2.31 12.60
CA ASP B 290 5.73 -3.56 13.08
C ASP B 290 6.71 -3.45 14.26
N ASP B 291 7.29 -2.27 14.46
CA ASP B 291 8.21 -2.05 15.57
C ASP B 291 9.37 -3.04 15.65
N LEU B 292 9.95 -3.36 14.50
CA LEU B 292 11.07 -4.31 14.45
C LEU B 292 12.41 -3.60 14.63
N ASP B 293 13.44 -4.39 14.87
CA ASP B 293 14.81 -3.88 15.06
C ASP B 293 15.19 -2.91 13.94
N ALA B 294 15.68 -1.73 14.32
CA ALA B 294 16.08 -0.73 13.34
C ALA B 294 17.03 -1.31 12.28
N GLY B 295 16.72 -1.01 11.02
CA GLY B 295 17.53 -1.47 9.91
C GLY B 295 17.55 -2.95 9.57
N ALA B 296 16.78 -3.76 10.29
CA ALA B 296 16.76 -5.20 10.02
C ALA B 296 15.95 -5.56 8.79
N ILE B 297 15.14 -4.61 8.30
CA ILE B 297 14.31 -4.84 7.12
C ILE B 297 14.73 -3.96 5.93
N GLU B 298 14.89 -2.66 6.16
CA GLU B 298 15.29 -1.73 5.12
C GLU B 298 16.41 -0.83 5.60
N PRO B 299 17.65 -1.33 5.59
CA PRO B 299 18.79 -0.53 6.04
C PRO B 299 19.09 0.70 5.19
N TYR B 300 18.79 0.65 3.90
CA TYR B 300 19.09 1.80 3.04
C TYR B 300 18.20 2.99 3.38
N ARG B 301 16.93 2.71 3.68
CA ARG B 301 15.99 3.76 4.06
C ARG B 301 16.49 4.45 5.32
N LEU B 302 17.02 3.67 6.26
CA LEU B 302 17.55 4.23 7.50
C LEU B 302 18.72 5.14 7.16
N PHE B 303 19.57 4.69 6.26
CA PHE B 303 20.72 5.50 5.84
C PHE B 303 20.25 6.80 5.21
N LEU B 304 19.22 6.71 4.35
CA LEU B 304 18.69 7.91 3.70
C LEU B 304 18.10 8.92 4.67
N VAL B 305 17.54 8.43 5.78
CA VAL B 305 16.99 9.34 6.77
C VAL B 305 18.17 10.09 7.40
N PHE B 306 19.24 9.36 7.71
CA PHE B 306 20.42 9.98 8.29
C PHE B 306 21.14 10.88 7.32
N ASN B 307 20.96 10.63 6.02
CA ASN B 307 21.58 11.48 5.02
C ASN B 307 20.96 12.87 5.14
N GLU B 308 19.64 12.92 5.36
CA GLU B 308 18.95 14.19 5.49
C GLU B 308 19.39 14.92 6.77
N LEU B 309 19.62 14.15 7.83
CA LEU B 309 20.05 14.72 9.11
C LEU B 309 21.46 15.29 8.99
N VAL B 310 22.37 14.47 8.48
CA VAL B 310 23.75 14.91 8.32
C VAL B 310 23.80 16.13 7.38
N ASP B 311 23.00 16.11 6.32
CA ASP B 311 22.99 17.24 5.39
C ASP B 311 22.55 18.51 6.11
N ALA B 312 21.46 18.39 6.89
CA ALA B 312 20.93 19.52 7.63
C ALA B 312 22.04 20.20 8.43
N GLU B 313 22.86 19.41 9.10
CA GLU B 313 23.96 19.96 9.89
C GLU B 313 24.99 20.59 8.96
N ALA B 314 25.25 19.93 7.83
CA ALA B 314 26.22 20.42 6.86
C ALA B 314 25.80 21.80 6.35
N ARG B 315 24.49 22.03 6.28
CA ARG B 315 23.94 23.29 5.82
C ARG B 315 23.86 24.31 6.94
N GLY B 316 24.01 23.84 8.18
CA GLY B 316 23.94 24.74 9.32
C GLY B 316 22.55 25.31 9.53
N VAL B 317 21.53 24.49 9.29
CA VAL B 317 20.15 24.93 9.45
C VAL B 317 19.86 25.29 10.91
N LYS B 318 18.99 26.28 11.10
CA LYS B 318 18.64 26.74 12.43
C LYS B 318 17.44 25.97 13.00
N GLY B 319 17.39 25.87 14.33
CA GLY B 319 16.30 25.15 14.98
C GLY B 319 16.44 23.64 14.82
N PHE B 320 17.57 23.20 14.31
CA PHE B 320 17.82 21.77 14.09
C PHE B 320 18.64 21.16 15.21
N HIS B 321 17.99 20.33 16.03
CA HIS B 321 18.65 19.66 17.14
C HIS B 321 17.70 18.57 17.63
N PRO B 322 17.31 17.65 16.73
CA PRO B 322 16.39 16.55 17.03
C PRO B 322 16.85 15.57 18.10
N ALA B 323 15.87 15.02 18.82
CA ALA B 323 16.14 14.04 19.84
C ALA B 323 16.04 12.71 19.09
N HIS B 324 16.76 11.70 19.57
CA HIS B 324 16.72 10.41 18.91
C HIS B 324 16.39 9.34 19.92
N MET B 325 15.39 8.53 19.61
CA MET B 325 14.99 7.47 20.52
C MET B 325 14.61 6.21 19.77
N ILE B 326 14.85 5.07 20.39
CA ILE B 326 14.46 3.80 19.80
C ILE B 326 13.06 3.53 20.34
N ASP B 327 12.16 3.11 19.47
CA ASP B 327 10.80 2.77 19.91
C ASP B 327 10.52 1.46 19.20
N GLN B 328 10.82 0.37 19.89
CA GLN B 328 10.64 -0.96 19.34
C GLN B 328 10.08 -1.92 20.38
N PHE B 329 9.58 -3.05 19.88
CA PHE B 329 9.07 -4.12 20.72
C PHE B 329 9.74 -5.38 20.21
N HIS B 330 10.18 -6.22 21.12
CA HIS B 330 10.87 -7.44 20.73
C HIS B 330 10.07 -8.65 21.14
N ASN B 331 9.40 -9.23 20.15
CA ASN B 331 8.52 -10.37 20.37
C ASN B 331 9.16 -11.75 20.23
N VAL B 332 10.24 -11.87 19.46
CA VAL B 332 10.85 -13.19 19.27
C VAL B 332 12.38 -13.24 19.43
N THR B 333 12.92 -12.33 20.23
CA THR B 333 14.36 -12.28 20.47
C THR B 333 14.62 -11.78 21.89
N ASP B 334 15.87 -11.90 22.34
CA ASP B 334 16.25 -11.40 23.65
C ASP B 334 16.20 -9.88 23.45
N PRO B 335 15.27 -9.20 24.14
CA PRO B 335 15.14 -7.75 24.02
C PRO B 335 16.45 -6.96 24.10
N ILE B 336 17.32 -7.34 25.03
CA ILE B 336 18.60 -6.66 25.20
C ILE B 336 19.48 -6.79 23.96
N GLU B 337 19.56 -8.00 23.40
CA GLU B 337 20.37 -8.21 22.19
C GLU B 337 19.82 -7.41 21.02
N SER B 338 18.50 -7.34 20.89
CA SER B 338 17.92 -6.59 19.78
C SER B 338 18.18 -5.09 19.93
N LEU B 339 18.06 -4.58 21.15
CA LEU B 339 18.30 -3.16 21.37
C LEU B 339 19.77 -2.85 21.14
N ILE B 340 20.63 -3.81 21.45
CA ILE B 340 22.06 -3.64 21.24
C ILE B 340 22.33 -3.49 19.74
N ASN B 341 21.84 -4.44 18.95
CA ASN B 341 22.06 -4.41 17.51
C ASN B 341 21.28 -3.32 16.80
N SER B 342 20.21 -2.85 17.40
CA SER B 342 19.41 -1.78 16.80
C SER B 342 20.18 -0.47 17.00
N ALA B 343 20.69 -0.26 18.21
CA ALA B 343 21.46 0.94 18.48
C ALA B 343 22.66 0.90 17.53
N ASN B 344 23.22 -0.29 17.34
CA ASN B 344 24.36 -0.47 16.45
C ASN B 344 24.01 -0.05 15.02
N GLU B 345 22.86 -0.50 14.52
CA GLU B 345 22.42 -0.17 13.17
C GLU B 345 22.24 1.32 12.99
N ILE B 346 21.73 1.98 14.02
CA ILE B 346 21.53 3.42 13.96
C ILE B 346 22.87 4.15 13.84
N ARG B 347 23.87 3.71 14.61
CA ARG B 347 25.17 4.34 14.50
C ARG B 347 25.81 3.99 13.16
N ARG B 348 25.47 2.82 12.63
CA ARG B 348 26.00 2.38 11.34
C ARG B 348 25.50 3.31 10.24
N ALA B 349 24.20 3.59 10.25
CA ALA B 349 23.59 4.47 9.25
C ALA B 349 24.14 5.88 9.40
N TYR B 350 24.33 6.31 10.64
CA TYR B 350 24.88 7.64 10.92
C TYR B 350 26.30 7.74 10.35
N ALA B 351 27.12 6.74 10.64
CA ALA B 351 28.51 6.72 10.18
C ALA B 351 28.62 6.78 8.66
N GLN B 352 27.78 6.02 7.97
CA GLN B 352 27.80 6.01 6.52
C GLN B 352 27.39 7.36 5.95
N ALA B 353 26.43 8.02 6.61
CA ALA B 353 25.99 9.34 6.16
C ALA B 353 27.16 10.33 6.27
N LEU B 354 27.97 10.15 7.30
CA LEU B 354 29.13 11.00 7.53
C LEU B 354 30.17 10.85 6.40
N LEU B 355 30.14 9.72 5.70
CA LEU B 355 31.08 9.45 4.62
C LEU B 355 30.70 10.05 3.26
N VAL B 356 29.45 10.45 3.10
CA VAL B 356 29.02 11.05 1.84
C VAL B 356 29.87 12.27 1.48
N ASP B 357 30.35 12.31 0.24
CA ASP B 357 31.15 13.44 -0.23
C ASP B 357 30.12 14.51 -0.62
N ARG B 358 29.79 15.39 0.32
CA ARG B 358 28.81 16.45 0.12
C ARG B 358 29.14 17.39 -1.03
N ALA B 359 30.43 17.67 -1.23
CA ALA B 359 30.85 18.54 -2.32
C ALA B 359 30.53 17.89 -3.67
N ALA B 360 30.94 16.64 -3.82
CA ALA B 360 30.70 15.90 -5.06
C ALA B 360 29.20 15.77 -5.30
N LEU B 361 28.46 15.40 -4.26
CA LEU B 361 27.02 15.23 -4.37
C LEU B 361 26.36 16.50 -4.88
N SER B 362 26.70 17.63 -4.26
CA SER B 362 26.17 18.93 -4.65
C SER B 362 26.41 19.20 -6.12
N GLY B 363 27.62 18.90 -6.59
CA GLY B 363 27.95 19.11 -7.98
C GLY B 363 27.05 18.30 -8.91
N TYR B 364 26.90 17.01 -8.62
CA TYR B 364 26.05 16.16 -9.45
C TYR B 364 24.59 16.55 -9.39
N GLN B 365 24.18 17.16 -8.27
CA GLN B 365 22.80 17.60 -8.14
C GLN B 365 22.58 18.82 -9.03
N GLU B 366 23.50 19.77 -8.97
CA GLU B 366 23.37 20.98 -9.79
C GLU B 366 23.43 20.68 -11.28
N ASP B 367 24.24 19.69 -11.67
CA ASP B 367 24.35 19.34 -13.09
C ASP B 367 23.36 18.27 -13.52
N ASN B 368 22.43 17.93 -12.63
CA ASN B 368 21.42 16.93 -12.92
C ASN B 368 22.02 15.60 -13.38
N ASP B 369 23.14 15.21 -12.75
CA ASP B 369 23.79 13.94 -13.06
C ASP B 369 23.24 12.96 -12.03
N ALA B 370 22.00 12.52 -12.25
CA ALA B 370 21.30 11.61 -11.33
C ALA B 370 22.05 10.33 -11.00
N LEU B 371 22.63 9.70 -12.02
CA LEU B 371 23.37 8.45 -11.81
C LEU B 371 24.57 8.64 -10.87
N MET B 372 25.37 9.67 -11.10
CA MET B 372 26.53 9.89 -10.23
C MET B 372 26.10 10.43 -8.86
N ALA B 373 24.97 11.12 -8.80
CA ALA B 373 24.49 11.64 -7.52
C ALA B 373 24.10 10.47 -6.63
N THR B 374 23.39 9.50 -7.19
CA THR B 374 22.96 8.36 -6.40
C THR B 374 24.16 7.45 -6.07
N GLU B 375 25.09 7.33 -7.01
CA GLU B 375 26.28 6.50 -6.79
C GLU B 375 27.13 7.12 -5.69
N THR B 376 27.10 8.45 -5.60
CA THR B 376 27.85 9.16 -4.56
C THR B 376 27.30 8.76 -3.20
N LEU B 377 25.99 8.55 -3.11
CA LEU B 377 25.40 8.13 -1.84
C LEU B 377 25.76 6.66 -1.61
N LYS B 378 25.65 5.85 -2.65
CA LYS B 378 25.96 4.42 -2.55
C LYS B 378 27.40 4.14 -2.15
N ARG B 379 28.32 4.99 -2.58
CA ARG B 379 29.72 4.80 -2.22
C ARG B 379 29.89 4.90 -0.70
N ALA B 380 29.06 5.73 -0.08
CA ALA B 380 29.10 5.90 1.37
C ALA B 380 28.36 4.74 2.03
N TYR B 381 27.14 4.48 1.55
CA TYR B 381 26.31 3.40 2.10
C TYR B 381 26.93 2.01 1.98
N ARG B 382 27.59 1.72 0.86
CA ARG B 382 28.20 0.42 0.65
C ARG B 382 29.42 0.20 1.55
N THR B 383 29.98 1.27 2.09
CA THR B 383 31.15 1.16 2.94
C THR B 383 30.81 0.43 4.24
N ASP B 384 31.58 -0.61 4.56
CA ASP B 384 31.34 -1.36 5.79
C ASP B 384 32.01 -0.62 6.93
N VAL B 385 31.21 0.09 7.72
CA VAL B 385 31.74 0.87 8.83
C VAL B 385 31.79 0.13 10.17
N GLU B 386 31.54 -1.18 10.14
CA GLU B 386 31.57 -1.97 11.36
C GLU B 386 32.85 -1.75 12.17
N PRO B 387 34.02 -1.68 11.50
CA PRO B 387 35.27 -1.46 12.24
C PRO B 387 35.23 -0.17 13.05
N ILE B 388 34.61 0.86 12.46
CA ILE B 388 34.49 2.14 13.13
C ILE B 388 33.58 2.00 14.34
N LEU B 389 32.47 1.28 14.17
CA LEU B 389 31.52 1.09 15.26
C LEU B 389 32.19 0.30 16.40
N ALA B 390 32.88 -0.78 16.04
CA ALA B 390 33.56 -1.62 17.03
C ALA B 390 34.66 -0.85 17.77
N GLU B 391 35.44 -0.08 17.03
CA GLU B 391 36.53 0.69 17.63
C GLU B 391 35.97 1.75 18.57
N ALA B 392 34.88 2.40 18.16
CA ALA B 392 34.25 3.42 18.98
C ALA B 392 33.85 2.81 20.32
N ARG B 393 33.25 1.62 20.27
CA ARG B 393 32.84 0.94 21.49
C ARG B 393 34.07 0.59 22.34
N ARG B 394 35.04 -0.07 21.73
CA ARG B 394 36.26 -0.47 22.42
C ARG B 394 36.92 0.72 23.13
N ARG B 395 37.00 1.85 22.46
CA ARG B 395 37.63 3.04 23.02
C ARG B 395 36.82 3.72 24.13
N THR B 396 35.53 3.45 24.20
CA THR B 396 34.69 4.09 25.21
C THR B 396 34.18 3.19 26.34
N GLY B 397 34.82 2.03 26.52
CA GLY B 397 34.42 1.13 27.57
C GLY B 397 33.43 0.04 27.17
N GLY B 398 33.06 0.02 25.89
CA GLY B 398 32.12 -0.97 25.41
C GLY B 398 32.77 -2.23 24.85
N ALA B 399 31.98 -3.06 24.19
CA ALA B 399 32.48 -4.31 23.63
C ALA B 399 32.60 -4.26 22.12
N VAL B 400 33.63 -4.91 21.60
CA VAL B 400 33.87 -4.96 20.15
C VAL B 400 32.67 -5.63 19.47
N ASP B 401 32.22 -6.72 20.07
CA ASP B 401 31.06 -7.48 19.58
C ASP B 401 30.13 -7.55 20.80
N PRO B 402 29.22 -6.59 20.94
CA PRO B 402 28.25 -6.46 22.04
C PRO B 402 27.43 -7.71 22.36
N VAL B 403 26.77 -8.27 21.35
CA VAL B 403 25.96 -9.45 21.56
C VAL B 403 26.81 -10.65 21.98
N ALA B 404 27.98 -10.79 21.37
CA ALA B 404 28.89 -11.90 21.71
C ALA B 404 29.33 -11.79 23.16
N THR B 405 29.69 -10.58 23.58
CA THR B 405 30.12 -10.35 24.95
C THR B 405 28.95 -10.58 25.90
N TYR B 406 27.78 -10.11 25.49
CA TYR B 406 26.56 -10.28 26.29
C TYR B 406 26.31 -11.78 26.54
N ARG B 407 26.35 -12.58 25.48
CA ARG B 407 26.12 -14.01 25.62
C ARG B 407 27.20 -14.68 26.44
N ALA B 408 28.44 -14.26 26.26
CA ALA B 408 29.56 -14.83 27.00
C ALA B 408 29.43 -14.54 28.49
N SER B 409 28.84 -13.40 28.83
CA SER B 409 28.67 -13.00 30.23
C SER B 409 27.66 -13.86 30.97
N GLY B 410 26.70 -14.41 30.24
CA GLY B 410 25.68 -15.22 30.87
C GLY B 410 24.67 -14.37 31.63
N TYR B 411 24.54 -13.11 31.24
CA TYR B 411 23.62 -12.19 31.91
C TYR B 411 22.17 -12.68 31.93
N ARG B 412 21.62 -13.06 30.77
CA ARG B 412 20.24 -13.52 30.70
C ARG B 412 19.96 -14.63 31.71
N ALA B 413 20.86 -15.59 31.81
CA ALA B 413 20.69 -16.69 32.75
C ALA B 413 20.73 -16.13 34.17
N ARG B 414 21.59 -15.14 34.39
CA ARG B 414 21.72 -14.52 35.71
C ARG B 414 20.41 -13.92 36.21
N VAL B 415 19.82 -13.03 35.41
CA VAL B 415 18.57 -12.39 35.82
C VAL B 415 17.41 -13.37 35.83
N ALA B 416 17.54 -14.46 35.07
CA ALA B 416 16.49 -15.47 35.02
C ALA B 416 16.45 -16.16 36.37
N ALA B 417 17.61 -16.30 36.99
CA ALA B 417 17.73 -16.95 38.29
C ALA B 417 17.35 -16.01 39.43
N GLU B 418 17.27 -14.71 39.14
CA GLU B 418 16.92 -13.72 40.14
C GLU B 418 15.45 -13.32 40.03
N ARG B 419 14.89 -13.44 38.84
CA ARG B 419 13.51 -13.04 38.59
C ARG B 419 12.57 -14.22 38.36
N PRO B 420 11.42 -14.23 39.04
CA PRO B 420 10.43 -15.30 38.91
C PRO B 420 9.58 -15.16 37.65
N ALA B 421 9.52 -16.22 36.85
CA ALA B 421 8.71 -16.21 35.64
C ALA B 421 7.30 -16.60 36.06
N SER B 422 6.31 -16.39 35.20
CA SER B 422 4.94 -16.76 35.53
C SER B 422 4.90 -18.25 35.84
N VAL B 423 5.64 -19.03 35.06
CA VAL B 423 5.72 -20.47 35.24
C VAL B 423 7.09 -20.97 34.80
N ALA B 424 7.60 -21.99 35.48
CA ALA B 424 8.91 -22.54 35.16
C ALA B 424 9.26 -23.69 36.10
N GLU C 3 35.29 -6.93 -33.02
CA GLU C 3 34.88 -5.50 -32.97
C GLU C 3 34.71 -5.00 -31.54
N PHE C 4 35.29 -3.85 -31.24
CA PHE C 4 35.21 -3.28 -29.89
C PHE C 4 34.61 -1.87 -29.92
N ARG C 5 33.35 -1.77 -29.50
CA ARG C 5 32.64 -0.50 -29.46
C ARG C 5 33.47 0.57 -28.75
N ILE C 6 34.17 0.16 -27.69
CA ILE C 6 35.01 1.07 -26.93
C ILE C 6 36.47 0.69 -27.14
N ALA C 7 37.29 1.67 -27.52
CA ALA C 7 38.70 1.45 -27.77
C ALA C 7 39.37 0.65 -26.66
N GLN C 8 40.11 -0.38 -27.04
CA GLN C 8 40.80 -1.21 -26.07
C GLN C 8 41.84 -0.41 -25.29
N ASP C 9 42.45 0.57 -25.94
CA ASP C 9 43.46 1.40 -25.31
C ASP C 9 42.86 2.24 -24.17
N VAL C 10 41.60 2.63 -24.34
CA VAL C 10 40.91 3.42 -23.32
C VAL C 10 40.61 2.54 -22.12
N VAL C 11 40.15 1.32 -22.38
CA VAL C 11 39.83 0.38 -21.32
C VAL C 11 41.08 0.05 -20.53
N ALA C 12 42.18 -0.17 -21.26
CA ALA C 12 43.46 -0.48 -20.64
C ALA C 12 43.93 0.69 -19.80
N ARG C 13 43.88 1.88 -20.40
CA ARG C 13 44.29 3.12 -19.75
C ARG C 13 43.52 3.35 -18.45
N GLU C 14 42.18 3.28 -18.55
CA GLU C 14 41.31 3.50 -17.40
C GLU C 14 41.40 2.43 -16.33
N ASN C 15 41.96 1.27 -16.68
CA ASN C 15 42.13 0.20 -15.71
C ASN C 15 43.45 0.45 -14.95
N ASP C 16 44.51 0.78 -15.69
CA ASP C 16 45.81 1.04 -15.08
C ASP C 16 45.71 2.18 -14.07
N ARG C 17 44.93 3.21 -14.42
CA ARG C 17 44.73 4.37 -13.58
C ARG C 17 44.14 4.00 -12.22
N ARG C 18 43.44 2.88 -12.15
CA ARG C 18 42.79 2.43 -10.91
C ARG C 18 43.29 1.09 -10.39
N ALA C 19 44.26 0.50 -11.06
CA ALA C 19 44.78 -0.81 -10.66
C ALA C 19 45.39 -0.84 -9.25
N SER C 20 46.13 0.21 -8.91
CA SER C 20 46.79 0.28 -7.60
C SER C 20 45.79 0.24 -6.45
N ALA C 21 44.76 1.08 -6.52
CA ALA C 21 43.75 1.12 -5.47
C ALA C 21 42.99 -0.20 -5.42
N LEU C 22 42.70 -0.77 -6.58
CA LEU C 22 41.99 -2.04 -6.64
C LEU C 22 42.79 -3.14 -5.97
N LYS C 23 44.10 -3.18 -6.26
CA LYS C 23 44.96 -4.19 -5.66
C LYS C 23 44.87 -4.13 -4.14
N GLU C 24 44.97 -2.92 -3.59
CA GLU C 24 44.91 -2.73 -2.15
C GLU C 24 43.57 -3.19 -1.58
N ASP C 25 42.48 -2.74 -2.20
CA ASP C 25 41.15 -3.10 -1.72
C ASP C 25 40.86 -4.60 -1.83
N TYR C 26 41.26 -5.20 -2.95
CA TYR C 26 41.02 -6.62 -3.17
C TYR C 26 41.79 -7.47 -2.16
N GLU C 27 43.04 -7.11 -1.91
CA GLU C 27 43.86 -7.85 -0.96
C GLU C 27 43.35 -7.68 0.47
N ALA C 28 42.87 -6.48 0.78
CA ALA C 28 42.34 -6.23 2.11
C ALA C 28 41.10 -7.09 2.30
N LEU C 29 40.22 -7.08 1.31
CA LEU C 29 39.00 -7.87 1.36
C LEU C 29 39.35 -9.37 1.38
N GLY C 30 40.37 -9.75 0.62
CA GLY C 30 40.77 -11.14 0.59
C GLY C 30 41.22 -11.60 1.97
N ALA C 31 41.92 -10.71 2.66
CA ALA C 31 42.41 -10.98 4.00
C ALA C 31 41.24 -11.10 4.97
N ASN C 32 40.28 -10.19 4.84
CA ASN C 32 39.11 -10.22 5.70
C ASN C 32 38.31 -11.50 5.49
N LEU C 33 38.08 -11.87 4.23
CA LEU C 33 37.33 -13.07 3.94
C LEU C 33 38.07 -14.32 4.43
N ALA C 34 39.39 -14.31 4.29
CA ALA C 34 40.20 -15.44 4.75
C ALA C 34 39.97 -15.63 6.25
N ARG C 35 39.92 -14.52 6.98
CA ARG C 35 39.69 -14.61 8.42
C ARG C 35 38.31 -15.19 8.68
N ARG C 36 37.40 -15.01 7.73
CA ARG C 36 36.03 -15.52 7.85
C ARG C 36 35.89 -16.92 7.25
N GLY C 37 37.02 -17.50 6.84
CA GLY C 37 37.01 -18.84 6.26
C GLY C 37 36.52 -18.88 4.84
N VAL C 38 36.62 -17.77 4.13
CA VAL C 38 36.19 -17.69 2.75
C VAL C 38 37.33 -17.38 1.80
N ASP C 39 37.40 -18.13 0.71
CA ASP C 39 38.44 -17.93 -0.30
C ASP C 39 37.93 -16.93 -1.34
N ILE C 40 38.43 -15.71 -1.26
CA ILE C 40 38.03 -14.65 -2.17
C ILE C 40 38.08 -15.07 -3.64
N GLU C 41 39.06 -15.89 -3.98
CA GLU C 41 39.21 -16.36 -5.35
C GLU C 41 38.01 -17.19 -5.82
N ALA C 42 37.47 -18.01 -4.94
CA ALA C 42 36.32 -18.84 -5.29
C ALA C 42 35.09 -17.98 -5.55
N VAL C 43 35.00 -16.85 -4.86
CA VAL C 43 33.86 -15.94 -5.04
C VAL C 43 33.99 -15.24 -6.39
N THR C 44 35.18 -14.71 -6.67
CA THR C 44 35.43 -14.01 -7.92
C THR C 44 35.21 -14.93 -9.12
N ALA C 45 35.58 -16.19 -8.96
CA ALA C 45 35.42 -17.17 -10.04
C ALA C 45 33.94 -17.35 -10.39
N LYS C 46 33.08 -17.36 -9.37
CA LYS C 46 31.65 -17.52 -9.61
C LYS C 46 31.03 -16.23 -10.15
N VAL C 47 31.43 -15.10 -9.59
CA VAL C 47 30.92 -13.81 -10.02
C VAL C 47 31.21 -13.56 -11.50
N GLU C 48 32.41 -13.93 -11.93
CA GLU C 48 32.82 -13.78 -13.32
C GLU C 48 31.88 -14.50 -14.28
N LYS C 49 31.26 -15.56 -13.79
CA LYS C 49 30.37 -16.38 -14.59
C LYS C 49 28.88 -16.08 -14.44
N PHE C 50 28.54 -15.02 -13.71
CA PHE C 50 27.13 -14.70 -13.52
C PHE C 50 26.68 -13.68 -14.56
N PHE C 51 25.71 -14.09 -15.38
CA PHE C 51 25.20 -13.24 -16.43
C PHE C 51 23.71 -12.90 -16.31
N VAL C 52 23.36 -11.70 -16.75
CA VAL C 52 21.99 -11.23 -16.74
C VAL C 52 21.71 -10.56 -18.09
N ALA C 53 20.59 -10.92 -18.71
CA ALA C 53 20.24 -10.37 -20.02
C ALA C 53 19.82 -8.92 -19.97
N VAL C 54 20.29 -8.15 -20.96
CA VAL C 54 19.94 -6.74 -21.05
C VAL C 54 18.80 -6.58 -22.04
N PRO C 55 17.82 -5.72 -21.71
CA PRO C 55 16.68 -5.48 -22.59
C PRO C 55 17.06 -4.53 -23.72
N SER C 56 16.60 -4.81 -24.93
CA SER C 56 16.92 -3.95 -26.06
C SER C 56 16.20 -2.61 -25.88
N TRP C 57 15.02 -2.67 -25.27
CA TRP C 57 14.22 -1.48 -25.04
C TRP C 57 14.78 -0.67 -23.88
N GLY C 58 15.86 -1.15 -23.29
CA GLY C 58 16.47 -0.47 -22.18
C GLY C 58 17.56 0.50 -22.57
N VAL C 59 18.15 0.30 -23.76
CA VAL C 59 19.22 1.17 -24.22
C VAL C 59 18.72 2.47 -24.85
N GLY C 60 17.41 2.57 -25.02
CA GLY C 60 16.83 3.78 -25.57
C GLY C 60 16.15 4.47 -24.40
N THR C 61 16.15 5.80 -24.38
CA THR C 61 15.52 6.52 -23.28
C THR C 61 14.04 6.18 -23.18
N GLY C 62 13.58 5.91 -21.96
CA GLY C 62 12.18 5.58 -21.76
C GLY C 62 11.34 6.80 -21.44
N GLY C 63 10.06 6.58 -21.15
CA GLY C 63 9.17 7.68 -20.83
C GLY C 63 8.03 7.21 -19.97
N THR C 64 7.17 8.16 -19.58
CA THR C 64 6.00 7.87 -18.75
C THR C 64 4.78 8.22 -19.59
N ARG C 65 3.58 8.05 -19.06
CA ARG C 65 2.42 8.40 -19.86
C ARG C 65 2.32 9.90 -20.08
N PHE C 66 3.10 10.67 -19.29
CA PHE C 66 3.09 12.12 -19.40
C PHE C 66 4.11 12.73 -20.37
N ALA C 67 5.26 12.07 -20.52
CA ALA C 67 6.27 12.60 -21.42
C ALA C 67 7.44 11.67 -21.61
N ARG C 68 8.22 11.97 -22.65
CA ARG C 68 9.42 11.21 -22.97
C ARG C 68 10.48 12.27 -23.28
N PHE C 69 11.63 12.15 -22.62
CA PHE C 69 12.72 13.11 -22.80
C PHE C 69 13.96 12.41 -23.34
N PRO C 70 14.01 12.20 -24.67
CA PRO C 70 15.15 11.53 -25.30
C PRO C 70 16.45 12.32 -25.17
N GLY C 71 17.55 11.60 -25.01
CA GLY C 71 18.84 12.26 -24.89
C GLY C 71 19.47 12.32 -26.27
N THR C 72 20.78 12.56 -26.32
CA THR C 72 21.47 12.63 -27.61
C THR C 72 21.85 11.22 -28.06
N GLY C 73 22.07 11.06 -29.36
CA GLY C 73 22.44 9.77 -29.89
C GLY C 73 21.49 8.63 -29.58
N GLU C 74 20.19 8.90 -29.64
CA GLU C 74 19.20 7.86 -29.37
C GLU C 74 19.27 6.81 -30.47
N PRO C 75 19.29 5.51 -30.09
CA PRO C 75 19.35 4.44 -31.09
C PRO C 75 18.12 4.45 -31.99
N ARG C 76 18.33 4.27 -33.29
CA ARG C 76 17.27 4.26 -34.29
C ARG C 76 16.42 3.00 -34.30
N GLY C 77 17.08 1.85 -34.30
CA GLY C 77 16.37 0.59 -34.32
C GLY C 77 17.14 -0.50 -33.58
N ILE C 78 16.75 -1.75 -33.80
CA ILE C 78 17.40 -2.87 -33.14
C ILE C 78 18.92 -2.94 -33.34
N PHE C 79 19.38 -2.58 -34.54
CA PHE C 79 20.81 -2.63 -34.82
C PHE C 79 21.60 -1.59 -34.02
N ASP C 80 21.05 -0.40 -33.86
CA ASP C 80 21.73 0.62 -33.07
C ASP C 80 21.73 0.15 -31.62
N LYS C 81 20.57 -0.35 -31.17
CA LYS C 81 20.43 -0.84 -29.80
C LYS C 81 21.42 -1.97 -29.51
N LEU C 82 21.62 -2.86 -30.48
CA LEU C 82 22.55 -3.96 -30.30
C LEU C 82 23.96 -3.40 -30.13
N ASP C 83 24.31 -2.39 -30.92
CA ASP C 83 25.63 -1.77 -30.81
C ASP C 83 25.85 -1.22 -29.40
N ASP C 84 24.82 -0.60 -28.84
CA ASP C 84 24.94 -0.03 -27.51
C ASP C 84 25.01 -1.10 -26.42
N CYS C 85 24.31 -2.21 -26.65
CA CYS C 85 24.32 -3.31 -25.69
C CYS C 85 25.72 -3.93 -25.67
N ALA C 86 26.40 -3.85 -26.81
CA ALA C 86 27.75 -4.41 -26.91
C ALA C 86 28.68 -3.68 -25.95
N VAL C 87 28.43 -2.37 -25.78
CA VAL C 87 29.23 -1.55 -24.87
C VAL C 87 29.07 -1.99 -23.43
N ILE C 88 27.83 -2.26 -23.02
CA ILE C 88 27.53 -2.70 -21.67
C ILE C 88 28.23 -4.03 -21.39
N GLN C 89 28.18 -4.93 -22.37
CA GLN C 89 28.80 -6.24 -22.23
C GLN C 89 30.33 -6.15 -22.22
N GLN C 90 30.88 -5.27 -23.04
CA GLN C 90 32.34 -5.14 -23.10
C GLN C 90 32.91 -4.57 -21.80
N LEU C 91 32.20 -3.63 -21.19
CA LEU C 91 32.67 -3.00 -19.96
C LEU C 91 32.34 -3.75 -18.68
N THR C 92 31.17 -4.38 -18.62
CA THR C 92 30.77 -5.13 -17.41
C THR C 92 31.01 -6.62 -17.54
N ARG C 93 30.99 -7.12 -18.78
CA ARG C 93 31.20 -8.55 -19.04
C ARG C 93 30.15 -9.39 -18.31
N ALA C 94 29.03 -8.78 -17.98
CA ALA C 94 27.97 -9.48 -17.26
C ALA C 94 26.68 -9.61 -18.06
N THR C 95 26.65 -9.03 -19.25
CA THR C 95 25.45 -9.06 -20.07
C THR C 95 25.70 -9.52 -21.50
N PRO C 96 26.13 -10.78 -21.68
CA PRO C 96 26.40 -11.33 -23.00
C PRO C 96 25.17 -11.56 -23.89
N ASN C 97 23.98 -11.59 -23.27
CA ASN C 97 22.76 -11.83 -24.04
C ASN C 97 21.76 -10.67 -24.00
N VAL C 98 21.09 -10.45 -25.13
CA VAL C 98 20.11 -9.38 -25.27
C VAL C 98 18.71 -9.97 -25.43
N SER C 99 17.74 -9.37 -24.75
CA SER C 99 16.37 -9.85 -24.86
C SER C 99 15.68 -8.97 -25.89
N LEU C 100 15.08 -9.59 -26.91
CA LEU C 100 14.41 -8.83 -27.96
C LEU C 100 12.91 -8.71 -27.74
N HIS C 101 12.32 -7.65 -28.29
CA HIS C 101 10.89 -7.41 -28.18
C HIS C 101 10.32 -7.22 -29.58
N ILE C 102 9.33 -8.04 -29.92
CA ILE C 102 8.69 -7.97 -31.24
C ILE C 102 7.32 -7.30 -31.08
N PRO C 103 6.95 -6.41 -32.02
CA PRO C 103 7.71 -6.01 -33.21
C PRO C 103 8.70 -4.84 -33.11
N TRP C 104 8.97 -4.33 -31.92
CA TRP C 104 9.91 -3.21 -31.83
C TRP C 104 11.25 -3.52 -32.49
N ASP C 105 11.71 -4.77 -32.34
CA ASP C 105 13.00 -5.17 -32.90
C ASP C 105 12.90 -6.09 -34.11
N LYS C 106 11.72 -6.16 -34.73
CA LYS C 106 11.56 -7.04 -35.88
C LYS C 106 12.55 -6.66 -36.98
N ALA C 107 13.16 -7.68 -37.57
CA ALA C 107 14.13 -7.49 -38.64
C ALA C 107 14.59 -8.88 -39.11
N ASP C 108 15.36 -8.92 -40.19
CA ASP C 108 15.83 -10.20 -40.70
C ASP C 108 16.63 -10.97 -39.66
N PRO C 109 16.17 -12.19 -39.32
CA PRO C 109 16.84 -13.03 -38.32
C PRO C 109 18.31 -13.29 -38.65
N LYS C 110 18.64 -13.33 -39.93
CA LYS C 110 20.01 -13.58 -40.35
C LYS C 110 20.90 -12.38 -40.02
N GLU C 111 20.36 -11.18 -40.19
CA GLU C 111 21.11 -9.96 -39.91
C GLU C 111 21.26 -9.79 -38.40
N LEU C 112 20.20 -10.10 -37.66
CA LEU C 112 20.24 -9.99 -36.20
C LEU C 112 21.32 -10.92 -35.68
N LYS C 113 21.22 -12.19 -36.05
CA LYS C 113 22.19 -13.19 -35.63
C LYS C 113 23.59 -12.79 -36.09
N ALA C 114 23.67 -12.19 -37.28
CA ALA C 114 24.94 -11.76 -37.84
C ALA C 114 25.55 -10.63 -37.02
N ARG C 115 24.72 -9.65 -36.66
CA ARG C 115 25.21 -8.54 -35.87
C ARG C 115 25.59 -9.00 -34.47
N GLY C 116 24.75 -9.85 -33.89
CA GLY C 116 25.03 -10.36 -32.56
C GLY C 116 26.38 -11.04 -32.52
N ASP C 117 26.63 -11.93 -33.48
CA ASP C 117 27.89 -12.66 -33.53
C ASP C 117 29.09 -11.73 -33.64
N ALA C 118 29.00 -10.72 -34.50
CA ALA C 118 30.10 -9.77 -34.70
C ALA C 118 30.36 -8.94 -33.45
N LEU C 119 29.30 -8.71 -32.67
CA LEU C 119 29.42 -7.91 -31.45
C LEU C 119 29.72 -8.77 -30.23
N GLY C 120 29.57 -10.08 -30.38
CA GLY C 120 29.83 -10.97 -29.26
C GLY C 120 28.63 -11.03 -28.33
N LEU C 121 27.45 -10.89 -28.90
CA LEU C 121 26.21 -10.91 -28.14
C LEU C 121 25.29 -12.04 -28.56
N GLY C 122 24.66 -12.69 -27.58
CA GLY C 122 23.71 -13.75 -27.85
C GLY C 122 22.33 -13.19 -27.59
N PHE C 123 21.31 -14.01 -27.71
CA PHE C 123 19.95 -13.55 -27.49
C PHE C 123 19.22 -14.39 -26.45
N ASP C 124 18.62 -13.72 -25.48
CA ASP C 124 17.89 -14.41 -24.42
C ASP C 124 16.46 -14.64 -24.91
N ALA C 125 15.51 -14.74 -23.99
CA ALA C 125 14.12 -15.00 -24.34
C ALA C 125 13.48 -13.92 -25.21
N MET C 126 12.62 -14.35 -26.12
CA MET C 126 11.89 -13.45 -27.01
C MET C 126 10.72 -12.86 -26.19
N ASN C 127 10.28 -11.69 -26.59
CA ASN C 127 9.17 -11.01 -25.93
C ASN C 127 8.11 -10.63 -26.97
N SER C 128 6.89 -11.09 -26.78
CA SER C 128 5.80 -10.79 -27.68
C SER C 128 5.10 -9.50 -27.24
N ASN C 129 4.46 -8.82 -28.18
CA ASN C 129 3.77 -7.57 -27.88
C ASN C 129 2.33 -7.56 -28.38
N THR C 130 1.38 -7.84 -27.49
CA THR C 130 -0.03 -7.78 -27.87
C THR C 130 -0.73 -6.85 -26.89
N PHE C 131 0.02 -5.82 -26.48
CA PHE C 131 -0.49 -4.81 -25.55
C PHE C 131 -0.51 -3.45 -26.24
N SER C 132 -0.31 -3.48 -27.55
CA SER C 132 -0.31 -2.28 -28.38
C SER C 132 -0.72 -2.67 -29.79
N ASP C 133 -1.20 -1.70 -30.56
CA ASP C 133 -1.62 -1.96 -31.94
C ASP C 133 -0.55 -1.47 -32.91
N ALA C 134 -0.26 -2.28 -33.93
CA ALA C 134 0.72 -1.91 -34.92
C ALA C 134 0.00 -1.50 -36.21
N PRO C 135 0.73 -0.88 -37.14
CA PRO C 135 0.10 -0.46 -38.39
C PRO C 135 -0.44 -1.65 -39.19
N GLY C 136 -1.62 -1.47 -39.78
CA GLY C 136 -2.24 -2.51 -40.58
C GLY C 136 -2.83 -3.68 -39.82
N GLN C 137 -2.76 -3.64 -38.50
CA GLN C 137 -3.29 -4.71 -37.66
C GLN C 137 -4.78 -4.90 -37.91
N ALA C 138 -5.18 -6.14 -38.16
CA ALA C 138 -6.58 -6.46 -38.43
C ALA C 138 -7.51 -6.34 -37.23
N HIS C 139 -7.01 -6.67 -36.05
CA HIS C 139 -7.82 -6.60 -34.84
C HIS C 139 -7.10 -5.85 -33.72
N SER C 140 -7.80 -4.90 -33.11
CA SER C 140 -7.23 -4.09 -32.04
C SER C 140 -7.15 -4.85 -30.71
N TYR C 141 -6.13 -4.53 -29.92
CA TYR C 141 -5.97 -5.17 -28.62
C TYR C 141 -6.49 -4.27 -27.51
N LYS C 142 -7.30 -3.28 -27.88
CA LYS C 142 -7.88 -2.35 -26.92
C LYS C 142 -8.54 -3.06 -25.75
N TYR C 143 -9.32 -4.10 -26.03
CA TYR C 143 -10.01 -4.83 -24.99
C TYR C 143 -9.39 -6.17 -24.64
N GLY C 144 -8.11 -6.34 -24.97
CA GLY C 144 -7.45 -7.59 -24.67
C GLY C 144 -6.80 -8.22 -25.87
N SER C 145 -6.14 -9.35 -25.66
CA SER C 145 -5.45 -10.05 -26.74
C SER C 145 -5.71 -11.54 -26.62
N LEU C 146 -4.82 -12.25 -25.92
CA LEU C 146 -4.97 -13.69 -25.75
C LEU C 146 -6.26 -14.04 -25.00
N SER C 147 -6.86 -13.07 -24.31
CA SER C 147 -8.08 -13.31 -23.56
C SER C 147 -9.27 -12.46 -24.06
N HIS C 148 -9.09 -11.85 -25.23
CA HIS C 148 -10.13 -11.01 -25.82
C HIS C 148 -11.37 -11.87 -26.07
N THR C 149 -12.55 -11.28 -25.99
CA THR C 149 -13.78 -12.04 -26.21
C THR C 149 -13.91 -12.50 -27.67
N ASN C 150 -13.30 -11.73 -28.57
CA ASN C 150 -13.35 -12.04 -30.00
C ASN C 150 -12.35 -13.13 -30.39
N ALA C 151 -12.88 -14.22 -30.93
CA ALA C 151 -12.06 -15.34 -31.35
C ALA C 151 -10.95 -14.95 -32.32
N ALA C 152 -11.31 -14.20 -33.35
CA ALA C 152 -10.33 -13.77 -34.35
C ALA C 152 -9.17 -13.02 -33.71
N THR C 153 -9.47 -12.18 -32.74
CA THR C 153 -8.44 -11.40 -32.05
C THR C 153 -7.48 -12.31 -31.29
N ARG C 154 -8.02 -13.29 -30.58
CA ARG C 154 -7.18 -14.23 -29.84
C ARG C 154 -6.25 -14.98 -30.79
N ALA C 155 -6.81 -15.43 -31.92
CA ALA C 155 -6.04 -16.16 -32.92
C ALA C 155 -4.91 -15.30 -33.46
N GLN C 156 -5.20 -14.02 -33.67
CA GLN C 156 -4.19 -13.09 -34.18
C GLN C 156 -3.06 -12.95 -33.16
N ALA C 157 -3.41 -12.92 -31.87
CA ALA C 157 -2.42 -12.78 -30.82
C ALA C 157 -1.57 -14.05 -30.75
N VAL C 158 -2.23 -15.19 -30.87
CA VAL C 158 -1.53 -16.47 -30.85
C VAL C 158 -0.55 -16.54 -32.01
N GLU C 159 -1.02 -16.17 -33.19
CA GLU C 159 -0.17 -16.19 -34.38
C GLU C 159 1.05 -15.29 -34.20
N HIS C 160 0.85 -14.12 -33.58
CA HIS C 160 1.95 -13.21 -33.34
C HIS C 160 3.01 -13.86 -32.45
N ASN C 161 2.56 -14.51 -31.38
CA ASN C 161 3.49 -15.20 -30.48
C ASN C 161 4.24 -16.30 -31.20
N LEU C 162 3.53 -17.06 -32.04
CA LEU C 162 4.17 -18.14 -32.79
C LEU C 162 5.26 -17.60 -33.71
N GLU C 163 5.05 -16.40 -34.25
CA GLU C 163 6.03 -15.78 -35.12
C GLU C 163 7.24 -15.38 -34.28
N CYS C 164 6.98 -15.01 -33.03
CA CYS C 164 8.05 -14.62 -32.12
C CYS C 164 8.94 -15.84 -31.89
N ILE C 165 8.33 -17.00 -31.75
CA ILE C 165 9.07 -18.23 -31.53
C ILE C 165 9.90 -18.51 -32.78
N GLU C 166 9.32 -18.25 -33.95
CA GLU C 166 10.01 -18.46 -35.21
C GLU C 166 11.25 -17.58 -35.34
N ILE C 167 11.14 -16.31 -34.94
CA ILE C 167 12.26 -15.40 -35.01
C ILE C 167 13.33 -15.82 -34.01
N GLY C 168 12.89 -16.20 -32.82
CA GLY C 168 13.82 -16.62 -31.79
C GLY C 168 14.58 -17.89 -32.16
N LYS C 169 13.92 -18.79 -32.89
CA LYS C 169 14.56 -20.03 -33.30
C LYS C 169 15.68 -19.76 -34.30
N ALA C 170 15.50 -18.73 -35.11
CA ALA C 170 16.48 -18.38 -36.13
C ALA C 170 17.69 -17.65 -35.57
N ILE C 171 17.54 -17.03 -34.40
CA ILE C 171 18.64 -16.28 -33.80
C ILE C 171 19.29 -16.95 -32.59
N GLY C 172 18.77 -18.10 -32.17
CA GLY C 172 19.36 -18.80 -31.04
C GLY C 172 18.64 -18.65 -29.71
N SER C 173 17.46 -18.03 -29.72
CA SER C 173 16.69 -17.85 -28.50
C SER C 173 16.09 -19.19 -28.08
N LYS C 174 15.88 -19.36 -26.78
CA LYS C 174 15.32 -20.62 -26.28
C LYS C 174 14.10 -20.43 -25.40
N ALA C 175 13.43 -19.30 -25.53
CA ALA C 175 12.24 -19.06 -24.73
C ALA C 175 11.43 -17.87 -25.22
N LEU C 176 10.16 -17.87 -24.83
CA LEU C 176 9.24 -16.81 -25.17
C LEU C 176 8.62 -16.33 -23.87
N THR C 177 8.69 -15.03 -23.63
CA THR C 177 8.11 -14.44 -22.43
C THR C 177 6.84 -13.75 -22.88
N VAL C 178 5.75 -14.07 -22.21
CA VAL C 178 4.47 -13.47 -22.56
C VAL C 178 3.91 -12.59 -21.44
N TRP C 179 3.88 -11.28 -21.70
CA TRP C 179 3.31 -10.33 -20.76
C TRP C 179 2.28 -9.55 -21.56
N ILE C 180 1.03 -9.55 -21.08
CA ILE C 180 -0.03 -8.83 -21.77
C ILE C 180 -0.72 -7.89 -20.79
N GLY C 181 -1.38 -6.86 -21.30
CA GLY C 181 -2.06 -5.93 -20.42
C GLY C 181 -3.49 -6.35 -20.15
N ASP C 182 -3.92 -7.44 -20.78
CA ASP C 182 -5.27 -7.94 -20.64
C ASP C 182 -5.85 -7.79 -19.24
N GLY C 183 -7.02 -7.19 -19.18
CA GLY C 183 -7.69 -6.97 -17.91
C GLY C 183 -8.88 -6.06 -18.11
N SER C 184 -9.32 -5.40 -17.04
CA SER C 184 -10.45 -4.51 -17.12
C SER C 184 -10.23 -3.27 -16.27
N ASN C 185 -10.92 -2.18 -16.60
CA ASN C 185 -10.80 -0.93 -15.86
C ASN C 185 -12.04 -0.67 -15.01
N PHE C 186 -13.05 -1.52 -15.15
CA PHE C 186 -14.31 -1.35 -14.41
C PHE C 186 -14.93 -2.65 -13.93
N PRO C 187 -15.51 -2.63 -12.73
CA PRO C 187 -16.14 -3.84 -12.20
C PRO C 187 -17.21 -4.26 -13.20
N GLY C 188 -17.30 -5.55 -13.50
CA GLY C 188 -18.31 -6.03 -14.43
C GLY C 188 -17.89 -6.05 -15.90
N GLN C 189 -16.93 -5.21 -16.28
CA GLN C 189 -16.48 -5.16 -17.67
C GLN C 189 -16.03 -6.54 -18.15
N SER C 190 -15.32 -7.25 -17.28
CA SER C 190 -14.84 -8.59 -17.61
C SER C 190 -15.39 -9.60 -16.61
N ASN C 191 -15.47 -10.85 -17.05
CA ASN C 191 -15.91 -11.93 -16.18
C ASN C 191 -14.57 -12.57 -15.89
N PHE C 192 -14.10 -12.43 -14.65
CA PHE C 192 -12.79 -12.97 -14.27
C PHE C 192 -12.52 -14.39 -14.75
N THR C 193 -13.48 -15.28 -14.51
CA THR C 193 -13.33 -16.68 -14.88
C THR C 193 -13.25 -16.91 -16.38
N ARG C 194 -14.26 -16.44 -17.11
CA ARG C 194 -14.30 -16.62 -18.56
C ARG C 194 -13.06 -16.03 -19.23
N ALA C 195 -12.63 -14.87 -18.77
CA ALA C 195 -11.45 -14.21 -19.33
C ALA C 195 -10.21 -15.07 -19.13
N PHE C 196 -10.07 -15.64 -17.93
CA PHE C 196 -8.91 -16.48 -17.63
C PHE C 196 -8.98 -17.79 -18.41
N GLU C 197 -10.18 -18.32 -18.61
CA GLU C 197 -10.33 -19.57 -19.36
C GLU C 197 -9.90 -19.32 -20.81
N ARG C 198 -10.27 -18.17 -21.35
CA ARG C 198 -9.92 -17.82 -22.72
C ARG C 198 -8.40 -17.69 -22.85
N TYR C 199 -7.79 -17.09 -21.84
CA TYR C 199 -6.35 -16.91 -21.83
C TYR C 199 -5.64 -18.26 -21.82
N LEU C 200 -6.06 -19.15 -20.93
CA LEU C 200 -5.46 -20.48 -20.83
C LEU C 200 -5.53 -21.26 -22.14
N SER C 201 -6.66 -21.15 -22.83
CA SER C 201 -6.86 -21.85 -24.09
C SER C 201 -5.95 -21.28 -25.19
N ALA C 202 -5.76 -19.97 -25.19
CA ALA C 202 -4.91 -19.33 -26.18
C ALA C 202 -3.45 -19.71 -25.90
N MET C 203 -3.08 -19.72 -24.63
CA MET C 203 -1.73 -20.07 -24.25
C MET C 203 -1.43 -21.53 -24.60
N ALA C 204 -2.45 -22.38 -24.53
CA ALA C 204 -2.26 -23.79 -24.86
C ALA C 204 -1.85 -23.90 -26.32
N GLU C 205 -2.42 -23.07 -27.18
CA GLU C 205 -2.08 -23.08 -28.60
C GLU C 205 -0.66 -22.59 -28.83
N ILE C 206 -0.21 -21.65 -28.01
CA ILE C 206 1.15 -21.13 -28.14
C ILE C 206 2.11 -22.20 -27.67
N TYR C 207 1.71 -22.92 -26.62
CA TYR C 207 2.52 -23.99 -26.04
C TYR C 207 2.78 -25.10 -27.06
N LYS C 208 1.78 -25.41 -27.87
CA LYS C 208 1.92 -26.45 -28.89
C LYS C 208 3.02 -26.12 -29.90
N GLY C 209 3.30 -24.83 -30.07
CA GLY C 209 4.31 -24.42 -31.03
C GLY C 209 5.71 -24.30 -30.48
N LEU C 210 5.89 -24.65 -29.22
CA LEU C 210 7.19 -24.57 -28.56
C LEU C 210 8.12 -25.73 -28.87
N PRO C 211 9.38 -25.45 -29.24
CA PRO C 211 10.29 -26.54 -29.53
C PRO C 211 10.49 -27.32 -28.23
N ASP C 212 11.07 -28.51 -28.31
CA ASP C 212 11.28 -29.33 -27.11
C ASP C 212 12.20 -28.70 -26.08
N ASP C 213 13.14 -27.87 -26.54
CA ASP C 213 14.08 -27.23 -25.63
C ASP C 213 13.76 -25.76 -25.37
N TRP C 214 12.49 -25.41 -25.47
CA TRP C 214 12.06 -24.04 -25.22
C TRP C 214 11.22 -23.96 -23.97
N LYS C 215 11.15 -22.76 -23.40
CA LYS C 215 10.35 -22.52 -22.21
C LYS C 215 9.41 -21.37 -22.52
N LEU C 216 8.22 -21.41 -21.94
CA LEU C 216 7.23 -20.36 -22.11
C LEU C 216 7.04 -19.70 -20.75
N PHE C 217 7.44 -18.44 -20.64
CA PHE C 217 7.35 -17.71 -19.39
C PHE C 217 6.18 -16.72 -19.35
N SER C 218 5.24 -16.93 -18.43
CA SER C 218 4.11 -16.01 -18.29
C SER C 218 4.53 -15.06 -17.17
N GLU C 219 4.29 -13.76 -17.37
CA GLU C 219 4.68 -12.73 -16.41
C GLU C 219 3.49 -12.02 -15.77
N HIS C 220 3.34 -12.16 -14.46
CA HIS C 220 2.23 -11.51 -13.78
C HIS C 220 2.52 -10.04 -13.46
N LYS C 221 1.45 -9.30 -13.27
CA LYS C 221 1.53 -7.88 -12.95
C LYS C 221 0.21 -7.51 -12.29
N MET C 222 0.29 -6.85 -11.14
CA MET C 222 -0.91 -6.47 -10.39
C MET C 222 -1.84 -5.54 -11.17
N TYR C 223 -1.27 -4.53 -11.81
CA TYR C 223 -2.07 -3.57 -12.58
C TYR C 223 -1.18 -2.79 -13.58
N GLU C 224 -1.85 -2.02 -14.44
CA GLU C 224 -1.23 -1.20 -15.49
C GLU C 224 -0.83 -2.09 -16.67
N PRO C 225 -1.41 -1.86 -17.85
CA PRO C 225 -2.42 -0.84 -18.19
C PRO C 225 -3.86 -1.00 -17.68
N ALA C 226 -4.21 -2.18 -17.15
CA ALA C 226 -5.56 -2.37 -16.64
C ALA C 226 -5.59 -1.84 -15.21
N PHE C 227 -6.60 -1.05 -14.87
CA PHE C 227 -6.66 -0.45 -13.55
C PHE C 227 -7.73 -0.95 -12.57
N TYR C 228 -8.40 -2.05 -12.89
CA TYR C 228 -9.36 -2.63 -11.96
C TYR C 228 -8.97 -4.09 -11.76
N SER C 229 -8.80 -4.81 -12.85
CA SER C 229 -8.39 -6.20 -12.76
C SER C 229 -7.49 -6.53 -13.94
N THR C 230 -6.61 -7.51 -13.73
CA THR C 230 -5.69 -7.97 -14.74
C THR C 230 -5.80 -9.50 -14.70
N VAL C 231 -5.88 -10.12 -15.88
CA VAL C 231 -6.01 -11.57 -15.94
C VAL C 231 -4.86 -12.27 -15.22
N VAL C 232 -3.63 -11.91 -15.55
CA VAL C 232 -2.47 -12.50 -14.89
C VAL C 232 -2.01 -11.49 -13.86
N GLN C 233 -2.78 -11.35 -12.79
CA GLN C 233 -2.50 -10.36 -11.75
C GLN C 233 -1.40 -10.67 -10.73
N ASP C 234 -1.19 -11.93 -10.37
CA ASP C 234 -0.14 -12.26 -9.41
C ASP C 234 0.48 -13.64 -9.61
N TRP C 235 1.40 -14.02 -8.73
CA TRP C 235 2.06 -15.31 -8.85
C TRP C 235 1.12 -16.50 -8.64
N GLY C 236 0.01 -16.28 -7.94
CA GLY C 236 -0.94 -17.36 -7.71
C GLY C 236 -1.57 -17.78 -9.03
N THR C 237 -2.05 -16.79 -9.78
CA THR C 237 -2.64 -17.07 -11.08
C THR C 237 -1.54 -17.57 -12.00
N ASN C 238 -0.36 -16.98 -11.88
CA ASN C 238 0.76 -17.38 -12.71
C ASN C 238 1.08 -18.87 -12.50
N TYR C 239 1.04 -19.31 -11.25
CA TYR C 239 1.32 -20.72 -10.97
C TYR C 239 0.26 -21.60 -11.64
N LEU C 240 -1.01 -21.21 -11.49
CA LEU C 240 -2.09 -21.98 -12.09
C LEU C 240 -1.84 -22.13 -13.59
N ILE C 241 -1.39 -21.06 -14.22
CA ILE C 241 -1.10 -21.07 -15.65
C ILE C 241 -0.02 -22.10 -15.97
N ALA C 242 1.17 -21.90 -15.41
CA ALA C 242 2.29 -22.79 -15.64
C ALA C 242 1.96 -24.25 -15.35
N GLN C 243 1.28 -24.50 -14.23
CA GLN C 243 0.91 -25.85 -13.85
C GLN C 243 -0.05 -26.44 -14.89
N THR C 244 -0.97 -25.61 -15.37
CA THR C 244 -1.96 -26.04 -16.35
C THR C 244 -1.36 -26.30 -17.73
N LEU C 245 -0.53 -25.39 -18.20
CA LEU C 245 0.08 -25.52 -19.53
C LEU C 245 1.02 -26.70 -19.70
N GLY C 246 1.92 -26.90 -18.74
CA GLY C 246 2.84 -28.02 -18.85
C GLY C 246 4.25 -27.74 -18.40
N PRO C 247 5.13 -28.76 -18.47
CA PRO C 247 6.55 -28.72 -18.10
C PRO C 247 7.38 -27.58 -18.68
N LYS C 248 7.09 -27.19 -19.92
CA LYS C 248 7.84 -26.11 -20.55
C LYS C 248 7.34 -24.71 -20.14
N ALA C 249 6.25 -24.68 -19.38
CA ALA C 249 5.68 -23.41 -18.93
C ALA C 249 6.08 -23.09 -17.50
N GLN C 250 6.64 -21.90 -17.29
CA GLN C 250 7.08 -21.48 -15.96
C GLN C 250 6.76 -20.01 -15.75
N CYS C 251 6.90 -19.56 -14.50
CA CYS C 251 6.58 -18.18 -14.13
C CYS C 251 7.77 -17.24 -14.08
N LEU C 252 7.57 -16.04 -14.62
CA LEU C 252 8.60 -15.01 -14.61
C LEU C 252 8.22 -13.97 -13.57
N VAL C 253 9.18 -13.65 -12.70
CA VAL C 253 8.94 -12.69 -11.64
C VAL C 253 9.62 -11.35 -11.90
N ASP C 254 8.80 -10.31 -12.12
CA ASP C 254 9.31 -8.97 -12.35
C ASP C 254 9.16 -8.28 -10.99
N LEU C 255 10.27 -7.87 -10.40
CA LEU C 255 10.25 -7.27 -9.07
C LEU C 255 9.23 -6.17 -8.81
N GLY C 256 9.07 -5.24 -9.75
CA GLY C 256 8.13 -4.15 -9.54
C GLY C 256 6.67 -4.45 -9.86
N HIS C 257 6.32 -5.73 -10.02
CA HIS C 257 4.96 -6.10 -10.37
C HIS C 257 4.08 -6.61 -9.22
N HIS C 258 4.43 -6.27 -7.99
CA HIS C 258 3.68 -6.78 -6.84
C HIS C 258 2.99 -5.71 -6.00
N ALA C 259 2.01 -6.15 -5.23
CA ALA C 259 1.26 -5.24 -4.37
C ALA C 259 2.20 -4.62 -3.34
N PRO C 260 1.85 -3.43 -2.82
CA PRO C 260 2.70 -2.78 -1.84
C PRO C 260 2.99 -3.71 -0.66
N ASN C 261 4.24 -3.70 -0.20
CA ASN C 261 4.70 -4.49 0.94
C ASN C 261 4.77 -6.02 0.78
N THR C 262 4.54 -6.49 -0.44
CA THR C 262 4.60 -7.92 -0.72
C THR C 262 5.98 -8.49 -0.38
N ASN C 263 6.02 -9.72 0.14
CA ASN C 263 7.30 -10.35 0.42
C ASN C 263 7.63 -11.08 -0.87
N ILE C 264 8.41 -10.43 -1.71
CA ILE C 264 8.77 -11.00 -3.00
C ILE C 264 9.71 -12.20 -2.92
N GLU C 265 10.72 -12.13 -2.05
CA GLU C 265 11.65 -13.24 -1.91
C GLU C 265 10.95 -14.53 -1.50
N MET C 266 9.77 -14.44 -0.87
CA MET C 266 9.05 -15.65 -0.49
C MET C 266 8.41 -16.25 -1.74
N ILE C 267 7.91 -15.40 -2.64
CA ILE C 267 7.29 -15.87 -3.87
C ILE C 267 8.33 -16.65 -4.66
N VAL C 268 9.56 -16.14 -4.69
CA VAL C 268 10.64 -16.79 -5.40
C VAL C 268 10.85 -18.19 -4.81
N ALA C 269 10.91 -18.28 -3.49
CA ALA C 269 11.11 -19.56 -2.82
C ALA C 269 10.01 -20.56 -3.17
N ARG C 270 8.75 -20.09 -3.11
CA ARG C 270 7.61 -20.94 -3.42
C ARG C 270 7.67 -21.45 -4.86
N LEU C 271 8.01 -20.59 -5.80
CA LEU C 271 8.10 -21.01 -7.19
C LEU C 271 9.22 -22.03 -7.36
N ILE C 272 10.32 -21.84 -6.65
CA ILE C 272 11.44 -22.78 -6.73
C ILE C 272 11.01 -24.12 -6.16
N GLN C 273 10.36 -24.10 -5.00
CA GLN C 273 9.90 -25.32 -4.34
C GLN C 273 9.05 -26.17 -5.26
N PHE C 274 8.19 -25.52 -6.06
CA PHE C 274 7.32 -26.25 -6.96
C PHE C 274 7.80 -26.29 -8.40
N GLY C 275 9.08 -26.00 -8.59
CA GLY C 275 9.71 -26.03 -9.91
C GLY C 275 9.14 -25.16 -11.01
N LYS C 276 8.55 -24.03 -10.64
CA LYS C 276 7.98 -23.14 -11.64
C LYS C 276 8.61 -21.75 -11.71
N LEU C 277 9.85 -21.62 -11.25
CA LEU C 277 10.53 -20.33 -11.31
C LEU C 277 11.25 -20.25 -12.65
N GLY C 278 10.59 -19.66 -13.65
CA GLY C 278 11.17 -19.54 -14.97
C GLY C 278 12.34 -18.58 -15.01
N GLY C 279 12.15 -17.38 -14.49
CA GLY C 279 13.23 -16.41 -14.49
C GLY C 279 12.86 -15.13 -13.79
N PHE C 280 13.70 -14.11 -13.97
CA PHE C 280 13.51 -12.82 -13.34
C PHE C 280 13.57 -11.63 -14.29
N HIS C 281 12.91 -10.56 -13.87
CA HIS C 281 12.93 -9.30 -14.58
C HIS C 281 13.35 -8.36 -13.46
N PHE C 282 14.65 -8.06 -13.42
CA PHE C 282 15.22 -7.19 -12.40
C PHE C 282 15.01 -5.71 -12.66
N ASN C 283 14.82 -4.98 -11.56
CA ASN C 283 14.61 -3.54 -11.55
C ASN C 283 14.24 -3.18 -10.12
N ASP C 284 14.13 -1.89 -9.84
CA ASP C 284 13.76 -1.46 -8.51
C ASP C 284 12.60 -0.48 -8.58
N SER C 285 11.96 -0.25 -7.44
CA SER C 285 10.82 0.66 -7.40
C SER C 285 10.50 1.06 -5.97
N LYS C 286 9.61 2.03 -5.83
CA LYS C 286 9.19 2.50 -4.53
C LYS C 286 7.67 2.62 -4.45
N TYR C 287 7.04 2.92 -5.58
CA TYR C 287 5.58 3.12 -5.62
C TYR C 287 4.83 2.07 -6.44
N GLY C 288 5.10 2.00 -7.73
CA GLY C 288 4.43 1.02 -8.58
C GLY C 288 5.44 0.27 -9.41
N ASP C 289 5.15 0.08 -10.69
CA ASP C 289 6.08 -0.60 -11.59
C ASP C 289 6.99 0.47 -12.14
N ASP C 290 7.74 1.11 -11.25
CA ASP C 290 8.64 2.21 -11.58
C ASP C 290 9.77 1.92 -12.56
N ASP C 291 10.14 0.65 -12.70
CA ASP C 291 11.20 0.22 -13.60
C ASP C 291 12.52 0.98 -13.46
N LEU C 292 12.90 1.25 -12.21
CA LEU C 292 14.13 1.97 -11.92
C LEU C 292 15.34 1.02 -11.89
N ASP C 293 16.54 1.59 -11.85
CA ASP C 293 17.79 0.82 -11.82
C ASP C 293 17.83 -0.15 -10.63
N ALA C 294 18.11 -1.42 -10.91
CA ALA C 294 18.17 -2.45 -9.88
C ALA C 294 18.98 -2.02 -8.66
N GLY C 295 18.41 -2.25 -7.48
CA GLY C 295 19.09 -1.92 -6.24
C GLY C 295 19.26 -0.46 -5.88
N ALA C 296 18.81 0.45 -6.73
CA ALA C 296 18.93 1.88 -6.46
C ALA C 296 18.01 2.38 -5.36
N ILE C 297 16.94 1.65 -5.07
CA ILE C 297 15.99 2.03 -4.04
C ILE C 297 16.04 1.13 -2.81
N GLU C 298 16.02 -0.17 -3.03
CA GLU C 298 16.06 -1.14 -1.94
C GLU C 298 17.06 -2.25 -2.25
N PRO C 299 18.35 -1.99 -2.00
CA PRO C 299 19.40 -2.97 -2.26
C PRO C 299 19.31 -4.24 -1.42
N TYR C 300 18.80 -4.12 -0.20
CA TYR C 300 18.70 -5.29 0.67
C TYR C 300 17.68 -6.28 0.12
N ARG C 301 16.56 -5.76 -0.36
CA ARG C 301 15.54 -6.62 -0.93
C ARG C 301 16.13 -7.45 -2.08
N LEU C 302 16.97 -6.80 -2.89
CA LEU C 302 17.61 -7.48 -4.01
C LEU C 302 18.51 -8.60 -3.50
N PHE C 303 19.26 -8.31 -2.44
CA PHE C 303 20.15 -9.28 -1.81
C PHE C 303 19.34 -10.47 -1.28
N LEU C 304 18.20 -10.17 -0.65
CA LEU C 304 17.35 -11.22 -0.08
C LEU C 304 16.77 -12.13 -1.17
N VAL C 305 16.51 -11.59 -2.34
CA VAL C 305 16.01 -12.39 -3.44
C VAL C 305 17.13 -13.32 -3.88
N PHE C 306 18.35 -12.78 -3.97
CA PHE C 306 19.49 -13.60 -4.36
C PHE C 306 19.84 -14.60 -3.28
N ASN C 307 19.49 -14.30 -2.04
CA ASN C 307 19.78 -15.24 -0.96
C ASN C 307 18.96 -16.51 -1.20
N GLU C 308 17.73 -16.34 -1.69
CA GLU C 308 16.89 -17.52 -1.96
C GLU C 308 17.47 -18.29 -3.15
N LEU C 309 17.94 -17.55 -4.15
CA LEU C 309 18.53 -18.17 -5.33
C LEU C 309 19.79 -18.95 -4.99
N VAL C 310 20.68 -18.33 -4.22
CA VAL C 310 21.92 -18.97 -3.84
C VAL C 310 21.69 -20.18 -2.94
N ASP C 311 20.72 -20.10 -2.04
CA ASP C 311 20.41 -21.22 -1.16
C ASP C 311 19.95 -22.42 -1.97
N ALA C 312 19.13 -22.16 -2.99
CA ALA C 312 18.62 -23.23 -3.84
C ALA C 312 19.80 -23.86 -4.57
N GLU C 313 20.71 -23.02 -5.02
CA GLU C 313 21.91 -23.45 -5.74
C GLU C 313 22.80 -24.28 -4.81
N ALA C 314 22.99 -23.78 -3.60
CA ALA C 314 23.83 -24.43 -2.60
C ALA C 314 23.36 -25.85 -2.28
N ARG C 315 22.07 -26.11 -2.40
CA ARG C 315 21.55 -27.43 -2.11
C ARG C 315 21.05 -28.13 -3.38
N GLY C 316 21.84 -28.01 -4.44
CA GLY C 316 21.53 -28.61 -5.72
C GLY C 316 20.08 -28.99 -5.99
N VAL C 317 19.39 -28.18 -6.78
CA VAL C 317 17.99 -28.45 -7.10
C VAL C 317 17.75 -28.56 -8.61
N LYS C 318 16.86 -29.41 -9.02
CA LYS C 318 16.37 -29.79 -10.35
C LYS C 318 16.95 -28.88 -11.43
N GLY C 319 18.15 -29.20 -11.96
CA GLY C 319 18.74 -28.47 -13.08
C GLY C 319 18.42 -26.98 -13.02
N PHE C 320 18.11 -26.53 -11.81
CA PHE C 320 17.75 -25.17 -11.50
C PHE C 320 18.61 -24.13 -12.21
N HIS C 321 18.03 -23.49 -13.24
CA HIS C 321 18.72 -22.47 -14.00
C HIS C 321 17.75 -21.42 -14.52
N PRO C 322 17.21 -20.58 -13.61
CA PRO C 322 16.26 -19.53 -14.00
C PRO C 322 16.92 -18.50 -14.91
N ALA C 323 16.15 -17.93 -15.82
CA ALA C 323 16.68 -16.92 -16.73
C ALA C 323 16.71 -15.57 -16.02
N HIS C 324 17.86 -14.92 -16.04
CA HIS C 324 18.01 -13.62 -15.40
C HIS C 324 18.01 -12.53 -16.45
N MET C 325 17.09 -11.58 -16.31
CA MET C 325 16.99 -10.48 -17.25
C MET C 325 16.69 -9.17 -16.55
N ILE C 326 17.20 -8.09 -17.12
CA ILE C 326 16.95 -6.76 -16.59
C ILE C 326 15.79 -6.19 -17.38
N ASP C 327 14.82 -5.63 -16.68
CA ASP C 327 13.66 -5.02 -17.34
C ASP C 327 13.52 -3.65 -16.72
N GLN C 328 14.13 -2.65 -17.36
CA GLN C 328 14.10 -1.29 -16.86
C GLN C 328 13.91 -0.27 -17.98
N PHE C 329 13.51 0.93 -17.58
CA PHE C 329 13.35 2.05 -18.49
C PHE C 329 14.11 3.17 -17.82
N HIS C 330 14.88 3.90 -18.60
CA HIS C 330 15.68 4.98 -18.05
C HIS C 330 15.20 6.29 -18.63
N ASN C 331 14.50 7.05 -17.79
CA ASN C 331 13.93 8.32 -18.21
C ASN C 331 14.76 9.54 -17.86
N VAL C 332 15.69 9.42 -16.91
CA VAL C 332 16.50 10.57 -16.52
C VAL C 332 18.01 10.33 -16.46
N THR C 333 18.49 9.29 -17.13
CA THR C 333 19.93 9.00 -17.13
C THR C 333 20.35 8.46 -18.49
N ASP C 334 21.66 8.27 -18.67
CA ASP C 334 22.14 7.71 -19.92
C ASP C 334 21.81 6.22 -19.79
N PRO C 335 20.94 5.71 -20.68
CA PRO C 335 20.52 4.29 -20.69
C PRO C 335 21.65 3.29 -20.51
N ILE C 336 22.75 3.53 -21.21
CA ILE C 336 23.90 2.64 -21.12
C ILE C 336 24.53 2.65 -19.72
N GLU C 337 24.67 3.83 -19.14
CA GLU C 337 25.26 3.95 -17.81
C GLU C 337 24.38 3.24 -16.78
N SER C 338 23.08 3.50 -16.81
CA SER C 338 22.17 2.86 -15.85
C SER C 338 22.20 1.33 -16.00
N LEU C 339 22.18 0.84 -17.24
CA LEU C 339 22.21 -0.62 -17.43
C LEU C 339 23.52 -1.18 -16.91
N ILE C 340 24.60 -0.43 -17.06
CA ILE C 340 25.91 -0.86 -16.58
C ILE C 340 25.90 -1.01 -15.06
N ASN C 341 25.45 0.01 -14.35
CA ASN C 341 25.42 -0.04 -12.90
C ASN C 341 24.35 -0.98 -12.35
N SER C 342 23.31 -1.23 -13.13
CA SER C 342 22.24 -2.14 -12.70
C SER C 342 22.75 -3.57 -12.78
N ALA C 343 23.49 -3.88 -13.84
CA ALA C 343 24.05 -5.21 -14.00
C ALA C 343 25.06 -5.40 -12.87
N ASN C 344 25.77 -4.32 -12.54
CA ASN C 344 26.76 -4.36 -11.44
C ASN C 344 26.08 -4.67 -10.10
N GLU C 345 24.95 -4.03 -9.84
CA GLU C 345 24.21 -4.24 -8.59
C GLU C 345 23.72 -5.67 -8.45
N ILE C 346 23.33 -6.26 -9.58
CA ILE C 346 22.85 -7.62 -9.60
C ILE C 346 23.99 -8.57 -9.21
N ARG C 347 25.18 -8.34 -9.76
CA ARG C 347 26.32 -9.19 -9.42
C ARG C 347 26.73 -8.92 -7.97
N ARG C 348 26.50 -7.69 -7.51
CA ARG C 348 26.85 -7.32 -6.15
C ARG C 348 26.01 -8.13 -5.16
N ALA C 349 24.69 -8.19 -5.42
CA ALA C 349 23.78 -8.93 -4.55
C ALA C 349 24.09 -10.41 -4.60
N TYR C 350 24.44 -10.91 -5.79
CA TYR C 350 24.79 -12.30 -5.98
C TYR C 350 26.06 -12.61 -5.17
N ALA C 351 27.09 -11.79 -5.35
CA ALA C 351 28.36 -11.98 -4.63
C ALA C 351 28.14 -12.00 -3.12
N GLN C 352 27.32 -11.08 -2.62
CA GLN C 352 27.04 -11.03 -1.19
C GLN C 352 26.31 -12.28 -0.72
N ALA C 353 25.37 -12.76 -1.53
CA ALA C 353 24.63 -13.96 -1.20
C ALA C 353 25.60 -15.16 -1.12
N LEU C 354 26.65 -15.13 -1.93
CA LEU C 354 27.63 -16.22 -1.93
C LEU C 354 28.42 -16.23 -0.64
N LEU C 355 28.53 -15.06 0.01
CA LEU C 355 29.29 -14.95 1.26
C LEU C 355 28.57 -15.44 2.51
N VAL C 356 27.26 -15.68 2.41
CA VAL C 356 26.51 -16.15 3.56
C VAL C 356 27.02 -17.50 4.06
N ASP C 357 27.24 -17.60 5.36
CA ASP C 357 27.70 -18.85 5.96
C ASP C 357 26.42 -19.69 6.11
N ARG C 358 26.16 -20.51 5.10
CA ARG C 358 24.97 -21.36 5.06
C ARG C 358 24.87 -22.30 6.24
N ALA C 359 26.00 -22.89 6.65
CA ALA C 359 26.01 -23.82 7.77
C ALA C 359 25.56 -23.12 9.05
N ALA C 360 26.09 -21.93 9.30
CA ALA C 360 25.73 -21.17 10.48
C ALA C 360 24.26 -20.76 10.43
N LEU C 361 23.83 -20.28 9.28
CA LEU C 361 22.43 -19.86 9.13
C LEU C 361 21.49 -21.02 9.44
N SER C 362 21.78 -22.18 8.87
CA SER C 362 20.97 -23.37 9.09
C SER C 362 20.85 -23.64 10.58
N GLY C 363 21.98 -23.58 11.28
CA GLY C 363 21.98 -23.82 12.72
C GLY C 363 21.10 -22.84 13.47
N TYR C 364 21.25 -21.55 13.17
CA TYR C 364 20.46 -20.52 13.84
C TYR C 364 18.97 -20.66 13.55
N GLN C 365 18.66 -21.15 12.35
CA GLN C 365 17.26 -21.33 11.98
C GLN C 365 16.66 -22.49 12.78
N GLU C 366 17.42 -23.58 12.89
CA GLU C 366 16.93 -24.72 13.64
C GLU C 366 16.83 -24.39 15.14
N ASP C 367 17.75 -23.55 15.63
CA ASP C 367 17.74 -23.16 17.05
C ASP C 367 16.73 -22.05 17.33
N ASN C 368 16.12 -21.52 16.28
CA ASN C 368 15.17 -20.41 16.42
C ASN C 368 15.86 -19.20 17.02
N ASP C 369 17.12 -19.01 16.65
CA ASP C 369 17.92 -17.88 17.09
C ASP C 369 17.74 -16.82 16.01
N ALA C 370 16.58 -16.14 16.04
CA ALA C 370 16.25 -15.13 15.04
C ALA C 370 17.30 -14.04 14.85
N LEU C 371 17.81 -13.52 15.96
CA LEU C 371 18.81 -12.44 15.90
C LEU C 371 20.09 -12.85 15.19
N MET C 372 20.65 -14.00 15.57
CA MET C 372 21.88 -14.44 14.93
C MET C 372 21.64 -14.87 13.49
N ALA C 373 20.43 -15.36 13.21
CA ALA C 373 20.10 -15.77 11.85
C ALA C 373 20.12 -14.54 10.94
N THR C 374 19.48 -13.47 11.38
CA THR C 374 19.43 -12.27 10.57
C THR C 374 20.80 -11.60 10.49
N GLU C 375 21.58 -11.68 11.56
CA GLU C 375 22.92 -11.10 11.58
C GLU C 375 23.84 -11.90 10.65
N THR C 376 23.55 -13.20 10.50
CA THR C 376 24.35 -14.04 9.61
C THR C 376 24.16 -13.55 8.19
N LEU C 377 22.93 -13.16 7.87
CA LEU C 377 22.62 -12.63 6.54
C LEU C 377 23.27 -11.26 6.40
N LYS C 378 23.16 -10.43 7.44
CA LYS C 378 23.74 -9.09 7.41
C LYS C 378 25.25 -9.06 7.30
N ARG C 379 25.92 -10.07 7.86
CA ARG C 379 27.38 -10.10 7.78
C ARG C 379 27.84 -10.21 6.33
N ALA C 380 27.03 -10.87 5.51
CA ALA C 380 27.34 -11.03 4.09
C ALA C 380 26.96 -9.76 3.33
N TYR C 381 25.73 -9.31 3.55
CA TYR C 381 25.21 -8.12 2.91
C TYR C 381 26.03 -6.86 3.17
N ARG C 382 26.49 -6.69 4.41
CA ARG C 382 27.28 -5.51 4.77
C ARG C 382 28.67 -5.51 4.12
N THR C 383 29.12 -6.68 3.70
CA THR C 383 30.44 -6.77 3.08
C THR C 383 30.48 -6.00 1.76
N ASP C 384 31.48 -5.12 1.62
CA ASP C 384 31.64 -4.34 0.41
C ASP C 384 32.39 -5.24 -0.57
N VAL C 385 31.66 -5.78 -1.54
CA VAL C 385 32.23 -6.69 -2.53
C VAL C 385 32.66 -6.01 -3.83
N GLU C 386 32.66 -4.68 -3.84
CA GLU C 386 33.05 -3.94 -5.04
C GLU C 386 34.41 -4.38 -5.61
N PRO C 387 35.40 -4.66 -4.74
CA PRO C 387 36.70 -5.08 -5.27
C PRO C 387 36.60 -6.38 -6.09
N ILE C 388 35.71 -7.27 -5.67
CA ILE C 388 35.48 -8.53 -6.35
C ILE C 388 34.89 -8.26 -7.72
N LEU C 389 33.83 -7.45 -7.74
CA LEU C 389 33.16 -7.10 -8.97
C LEU C 389 34.13 -6.45 -9.97
N ALA C 390 34.94 -5.52 -9.48
CA ALA C 390 35.90 -4.81 -10.33
C ALA C 390 37.02 -5.73 -10.84
N GLU C 391 37.54 -6.60 -9.96
CA GLU C 391 38.59 -7.52 -10.36
C GLU C 391 38.03 -8.54 -11.34
N ALA C 392 36.80 -8.98 -11.12
CA ALA C 392 36.15 -9.93 -12.00
C ALA C 392 36.08 -9.31 -13.39
N ARG C 393 35.74 -8.02 -13.44
CA ARG C 393 35.65 -7.32 -14.72
C ARG C 393 37.03 -7.20 -15.36
N ARG C 394 38.01 -6.76 -14.59
CA ARG C 394 39.36 -6.58 -15.10
C ARG C 394 39.94 -7.87 -15.67
N ARG C 395 39.68 -8.99 -15.01
CA ARG C 395 40.19 -10.30 -15.44
C ARG C 395 39.52 -10.85 -16.69
N THR C 396 38.34 -10.35 -17.02
CA THR C 396 37.62 -10.85 -18.19
C THR C 396 37.55 -9.87 -19.36
N GLY C 397 38.40 -8.85 -19.32
CA GLY C 397 38.41 -7.87 -20.40
C GLY C 397 37.48 -6.69 -20.20
N GLY C 398 36.98 -6.53 -18.99
CA GLY C 398 36.07 -5.43 -18.69
C GLY C 398 36.80 -4.26 -18.07
N ALA C 399 36.04 -3.32 -17.51
CA ALA C 399 36.62 -2.14 -16.88
C ALA C 399 36.49 -2.17 -15.36
N VAL C 400 37.48 -1.64 -14.67
CA VAL C 400 37.46 -1.58 -13.21
C VAL C 400 36.30 -0.68 -12.77
N ASP C 401 36.14 0.45 -13.46
CA ASP C 401 35.05 1.39 -13.21
C ASP C 401 34.41 1.59 -14.57
N PRO C 402 33.40 0.77 -14.89
CA PRO C 402 32.67 0.81 -16.17
C PRO C 402 32.16 2.18 -16.60
N VAL C 403 31.40 2.84 -15.73
CA VAL C 403 30.86 4.15 -16.06
C VAL C 403 31.99 5.17 -16.34
N ALA C 404 33.04 5.12 -15.52
CA ALA C 404 34.16 6.03 -15.70
C ALA C 404 34.81 5.80 -17.05
N THR C 405 34.99 4.53 -17.40
CA THR C 405 35.60 4.17 -18.67
C THR C 405 34.67 4.56 -19.81
N TYR C 406 33.38 4.37 -19.59
CA TYR C 406 32.37 4.74 -20.59
C TYR C 406 32.43 6.23 -20.92
N ARG C 407 32.50 7.05 -19.88
CA ARG C 407 32.55 8.50 -20.08
C ARG C 407 33.88 8.94 -20.68
N ALA C 408 34.97 8.31 -20.28
CA ALA C 408 36.29 8.66 -20.81
C ALA C 408 36.40 8.34 -22.28
N SER C 409 35.63 7.37 -22.75
CA SER C 409 35.68 6.96 -24.15
C SER C 409 34.95 7.94 -25.07
N GLY C 410 34.01 8.69 -24.51
CA GLY C 410 33.26 9.64 -25.30
C GLY C 410 32.27 8.98 -26.25
N TYR C 411 31.89 7.75 -25.94
CA TYR C 411 30.96 6.99 -26.77
C TYR C 411 29.64 7.71 -27.07
N ARG C 412 29.02 8.29 -26.05
CA ARG C 412 27.75 8.98 -26.24
C ARG C 412 27.89 10.11 -27.25
N ALA C 413 28.93 10.93 -27.08
CA ALA C 413 29.16 12.05 -27.99
C ALA C 413 29.38 11.54 -29.41
N ARG C 414 29.96 10.35 -29.52
CA ARG C 414 30.25 9.72 -30.81
C ARG C 414 28.98 9.28 -31.52
N VAL C 415 28.14 8.50 -30.85
CA VAL C 415 26.91 8.02 -31.46
C VAL C 415 25.93 9.18 -31.70
N ALA C 416 26.03 10.22 -30.87
CA ALA C 416 25.16 11.37 -31.02
C ALA C 416 25.47 12.04 -32.37
N ALA C 417 26.73 11.99 -32.76
CA ALA C 417 27.16 12.58 -34.02
C ALA C 417 26.79 11.72 -35.22
N GLU C 418 26.67 10.42 -35.00
CA GLU C 418 26.34 9.49 -36.08
C GLU C 418 24.83 9.33 -36.27
N ARG C 419 24.09 9.48 -35.18
CA ARG C 419 22.65 9.31 -35.21
C ARG C 419 21.88 10.62 -35.26
N PRO C 420 20.66 10.60 -35.86
CA PRO C 420 19.85 11.81 -35.96
C PRO C 420 19.45 12.34 -34.59
N ALA C 421 19.23 13.64 -34.50
CA ALA C 421 18.82 14.26 -33.25
C ALA C 421 17.41 13.83 -32.92
N SER C 422 17.08 13.80 -31.63
CA SER C 422 15.74 13.39 -31.21
C SER C 422 14.88 14.58 -30.83
N VAL C 423 13.61 14.31 -30.54
CA VAL C 423 12.67 15.35 -30.15
C VAL C 423 11.77 14.83 -29.04
N ALA C 424 11.61 15.65 -28.01
CA ALA C 424 10.78 15.27 -26.87
C ALA C 424 9.33 15.51 -27.17
N GLY C 425 8.49 14.85 -26.38
CA GLY C 425 7.06 14.99 -26.56
C GLY C 425 6.35 14.25 -25.47
N GLY C 426 5.14 13.78 -25.75
CA GLY C 426 4.42 13.06 -24.71
C GLY C 426 4.59 11.55 -24.74
N GLY C 427 3.90 10.91 -23.80
CA GLY C 427 3.87 9.48 -23.80
C GLY C 427 2.50 9.43 -24.42
N GLY C 428 1.75 8.35 -24.25
CA GLY C 428 0.42 8.33 -24.84
C GLY C 428 -0.72 8.94 -24.02
N ILE C 429 -0.48 9.90 -23.13
CA ILE C 429 -1.62 10.44 -22.35
C ILE C 429 -2.77 10.88 -23.25
N ILE C 430 -2.48 11.55 -24.36
CA ILE C 430 -3.53 11.92 -25.31
C ILE C 430 -2.83 12.17 -26.63
N GLU D 3 -27.18 26.78 -30.17
CA GLU D 3 -27.14 25.48 -30.93
C GLU D 3 -27.16 24.28 -29.99
N PHE D 4 -27.75 23.18 -30.47
CA PHE D 4 -27.82 21.96 -29.68
C PHE D 4 -27.15 20.82 -30.41
N ARG D 5 -26.09 20.28 -29.81
CA ARG D 5 -25.34 19.16 -30.40
C ARG D 5 -26.28 17.98 -30.60
N ILE D 6 -27.20 17.79 -29.65
CA ILE D 6 -28.17 16.70 -29.69
C ILE D 6 -29.55 17.28 -30.03
N ALA D 7 -30.17 16.77 -31.09
CA ALA D 7 -31.48 17.26 -31.49
C ALA D 7 -32.45 17.30 -30.31
N GLN D 8 -33.14 18.43 -30.15
CA GLN D 8 -34.07 18.58 -29.04
C GLN D 8 -35.24 17.58 -29.11
N ASP D 9 -35.63 17.18 -30.32
CA ASP D 9 -36.73 16.22 -30.46
C ASP D 9 -36.34 14.85 -29.91
N VAL D 10 -35.06 14.52 -30.05
CA VAL D 10 -34.56 13.24 -29.55
C VAL D 10 -34.59 13.27 -28.02
N VAL D 11 -34.14 14.39 -27.45
CA VAL D 11 -34.12 14.55 -26.01
C VAL D 11 -35.55 14.43 -25.47
N ALA D 12 -36.48 15.13 -26.12
CA ALA D 12 -37.89 15.10 -25.72
C ALA D 12 -38.44 13.68 -25.81
N ARG D 13 -38.19 13.02 -26.94
CA ARG D 13 -38.66 11.66 -27.16
C ARG D 13 -38.15 10.69 -26.11
N GLU D 14 -36.85 10.75 -25.83
CA GLU D 14 -36.23 9.88 -24.85
C GLU D 14 -36.63 10.21 -23.41
N ASN D 15 -37.10 11.43 -23.18
CA ASN D 15 -37.55 11.81 -21.84
C ASN D 15 -38.98 11.31 -21.67
N ASP D 16 -39.80 11.48 -22.71
CA ASP D 16 -41.19 11.02 -22.65
C ASP D 16 -41.23 9.51 -22.49
N ARG D 17 -40.29 8.83 -23.14
CA ARG D 17 -40.21 7.38 -23.07
C ARG D 17 -39.98 6.87 -21.65
N ARG D 18 -39.39 7.71 -20.80
CA ARG D 18 -39.09 7.32 -19.43
C ARG D 18 -39.83 8.13 -18.37
N ALA D 19 -40.64 9.08 -18.81
CA ALA D 19 -41.39 9.96 -17.91
C ALA D 19 -42.26 9.22 -16.90
N SER D 20 -43.03 8.24 -17.37
CA SER D 20 -43.91 7.50 -16.50
C SER D 20 -43.15 6.88 -15.32
N ALA D 21 -42.14 6.07 -15.63
CA ALA D 21 -41.34 5.41 -14.60
C ALA D 21 -40.71 6.41 -13.64
N LEU D 22 -40.17 7.50 -14.17
CA LEU D 22 -39.54 8.53 -13.34
C LEU D 22 -40.53 9.14 -12.35
N LYS D 23 -41.74 9.43 -12.82
CA LYS D 23 -42.74 10.02 -11.95
C LYS D 23 -43.02 9.10 -10.77
N GLU D 24 -43.14 7.81 -11.04
CA GLU D 24 -43.40 6.83 -9.98
C GLU D 24 -42.24 6.76 -9.00
N ASP D 25 -41.02 6.69 -9.51
CA ASP D 25 -39.82 6.62 -8.67
C ASP D 25 -39.61 7.91 -7.86
N TYR D 26 -39.85 9.05 -8.50
CA TYR D 26 -39.65 10.32 -7.83
C TYR D 26 -40.68 10.50 -6.71
N GLU D 27 -41.95 10.21 -7.01
CA GLU D 27 -42.99 10.35 -5.99
C GLU D 27 -42.79 9.35 -4.85
N ALA D 28 -42.29 8.16 -5.19
CA ALA D 28 -42.04 7.15 -4.17
C ALA D 28 -40.95 7.66 -3.23
N LEU D 29 -39.87 8.19 -3.80
CA LEU D 29 -38.77 8.71 -3.00
C LEU D 29 -39.23 9.93 -2.20
N GLY D 30 -40.07 10.76 -2.83
CA GLY D 30 -40.58 11.94 -2.14
C GLY D 30 -41.32 11.57 -0.88
N ALA D 31 -42.15 10.53 -0.95
CA ALA D 31 -42.92 10.09 0.22
C ALA D 31 -41.97 9.55 1.29
N ASN D 32 -41.02 8.72 0.87
CA ASN D 32 -40.06 8.14 1.80
C ASN D 32 -39.27 9.24 2.50
N LEU D 33 -38.83 10.25 1.74
CA LEU D 33 -38.07 11.34 2.33
C LEU D 33 -38.93 12.16 3.28
N ALA D 34 -40.19 12.35 2.93
CA ALA D 34 -41.10 13.12 3.77
C ALA D 34 -41.28 12.40 5.10
N ARG D 35 -41.37 11.07 5.06
CA ARG D 35 -41.51 10.28 6.28
C ARG D 35 -40.26 10.46 7.13
N ARG D 36 -39.16 10.83 6.48
CA ARG D 36 -37.88 11.05 7.16
C ARG D 36 -37.68 12.53 7.47
N GLY D 37 -38.72 13.32 7.24
CA GLY D 37 -38.64 14.73 7.53
C GLY D 37 -37.82 15.54 6.54
N VAL D 38 -37.67 15.03 5.32
CA VAL D 38 -36.92 15.73 4.29
C VAL D 38 -37.80 16.12 3.12
N ASP D 39 -37.67 17.36 2.65
CA ASP D 39 -38.45 17.84 1.52
C ASP D 39 -37.64 17.55 0.25
N ILE D 40 -38.10 16.59 -0.54
CA ILE D 40 -37.39 16.21 -1.76
C ILE D 40 -37.18 17.38 -2.72
N GLU D 41 -38.12 18.32 -2.74
CA GLU D 41 -37.99 19.47 -3.63
C GLU D 41 -36.78 20.32 -3.28
N ALA D 42 -36.49 20.44 -1.98
CA ALA D 42 -35.33 21.21 -1.53
C ALA D 42 -34.03 20.56 -1.98
N VAL D 43 -34.02 19.23 -2.05
CA VAL D 43 -32.84 18.49 -2.46
C VAL D 43 -32.63 18.65 -3.97
N THR D 44 -33.68 18.39 -4.74
CA THR D 44 -33.61 18.53 -6.19
C THR D 44 -33.12 19.93 -6.56
N ALA D 45 -33.64 20.94 -5.86
CA ALA D 45 -33.27 22.33 -6.12
C ALA D 45 -31.76 22.54 -5.98
N LYS D 46 -31.17 21.97 -4.95
CA LYS D 46 -29.73 22.12 -4.75
C LYS D 46 -28.95 21.29 -5.76
N VAL D 47 -29.46 20.10 -6.06
CA VAL D 47 -28.78 19.23 -7.02
C VAL D 47 -28.67 19.86 -8.41
N GLU D 48 -29.74 20.51 -8.87
CA GLU D 48 -29.67 21.13 -10.19
C GLU D 48 -28.73 22.32 -10.22
N LYS D 49 -28.23 22.72 -9.05
CA LYS D 49 -27.31 23.84 -8.94
C LYS D 49 -25.85 23.40 -8.75
N PHE D 50 -25.64 22.10 -8.55
CA PHE D 50 -24.29 21.60 -8.36
C PHE D 50 -23.60 21.39 -9.70
N PHE D 51 -22.50 22.10 -9.92
CA PHE D 51 -21.77 21.98 -11.17
C PHE D 51 -20.33 21.53 -10.97
N VAL D 52 -19.82 20.76 -11.91
CA VAL D 52 -18.45 20.27 -11.87
C VAL D 52 -17.85 20.46 -13.28
N ALA D 53 -16.64 21.00 -13.35
CA ALA D 53 -16.01 21.26 -14.63
C ALA D 53 -15.51 20.02 -15.35
N VAL D 54 -15.69 19.98 -16.67
CA VAL D 54 -15.24 18.85 -17.47
C VAL D 54 -13.88 19.16 -18.09
N PRO D 55 -12.96 18.19 -18.03
CA PRO D 55 -11.61 18.37 -18.59
C PRO D 55 -11.57 18.16 -20.11
N SER D 56 -10.96 19.10 -20.82
CA SER D 56 -10.84 19.00 -22.26
C SER D 56 -10.11 17.70 -22.60
N TRP D 57 -9.13 17.36 -21.77
CA TRP D 57 -8.32 16.16 -21.96
C TRP D 57 -9.07 14.86 -21.67
N GLY D 58 -10.29 14.99 -21.18
CA GLY D 58 -11.09 13.80 -20.88
C GLY D 58 -12.05 13.50 -22.01
N VAL D 59 -12.18 14.45 -22.94
CA VAL D 59 -13.09 14.34 -24.07
C VAL D 59 -12.60 13.41 -25.18
N GLY D 60 -11.29 13.30 -25.29
CA GLY D 60 -10.72 12.42 -26.30
C GLY D 60 -10.30 11.15 -25.57
N THR D 61 -10.00 10.09 -26.31
CA THR D 61 -9.59 8.84 -25.68
C THR D 61 -8.18 9.02 -25.12
N GLY D 62 -7.96 8.54 -23.90
CA GLY D 62 -6.66 8.65 -23.27
C GLY D 62 -5.82 7.41 -23.47
N GLY D 63 -4.60 7.43 -22.94
CA GLY D 63 -3.72 6.29 -23.06
C GLY D 63 -2.81 6.11 -21.86
N THR D 64 -2.11 4.99 -21.82
CA THR D 64 -1.17 4.68 -20.74
C THR D 64 0.23 4.78 -21.34
N ARG D 65 1.26 4.51 -20.55
CA ARG D 65 2.61 4.59 -21.09
C ARG D 65 2.85 3.43 -22.05
N PHE D 66 1.95 2.46 -22.05
CA PHE D 66 2.09 1.30 -22.95
C PHE D 66 1.38 1.48 -24.29
N ALA D 67 0.20 2.07 -24.29
CA ALA D 67 -0.51 2.26 -25.55
C ALA D 67 -1.71 3.18 -25.42
N ARG D 68 -2.24 3.56 -26.58
CA ARG D 68 -3.43 4.40 -26.68
C ARG D 68 -4.28 3.74 -27.77
N PHE D 69 -5.55 3.52 -27.47
CA PHE D 69 -6.47 2.86 -28.41
C PHE D 69 -7.63 3.81 -28.72
N PRO D 70 -7.43 4.73 -29.67
CA PRO D 70 -8.50 5.68 -30.01
C PRO D 70 -9.77 5.03 -30.56
N GLY D 71 -10.91 5.69 -30.31
CA GLY D 71 -12.18 5.18 -30.80
C GLY D 71 -12.46 5.90 -32.10
N THR D 72 -13.72 5.89 -32.55
CA THR D 72 -14.05 6.59 -33.79
C THR D 72 -14.43 8.02 -33.44
N GLY D 73 -14.37 8.90 -34.43
CA GLY D 73 -14.73 10.29 -34.20
C GLY D 73 -13.95 11.00 -33.10
N GLU D 74 -12.66 10.71 -33.00
CA GLU D 74 -11.83 11.34 -31.99
C GLU D 74 -11.77 12.84 -32.29
N PRO D 75 -11.87 13.68 -31.25
CA PRO D 75 -11.81 15.12 -31.51
C PRO D 75 -10.43 15.48 -32.06
N ARG D 76 -10.42 16.33 -33.08
CA ARG D 76 -9.17 16.75 -33.73
C ARG D 76 -8.39 17.80 -32.94
N GLY D 77 -9.09 18.58 -32.14
CA GLY D 77 -8.44 19.61 -31.34
C GLY D 77 -9.38 20.17 -30.29
N ILE D 78 -9.01 21.30 -29.70
CA ILE D 78 -9.84 21.89 -28.65
C ILE D 78 -11.24 22.28 -29.13
N PHE D 79 -11.36 22.68 -30.39
CA PHE D 79 -12.67 23.07 -30.90
C PHE D 79 -13.62 21.88 -31.00
N ASP D 80 -13.11 20.71 -31.39
CA ASP D 80 -13.95 19.51 -31.46
C ASP D 80 -14.28 19.12 -30.02
N LYS D 81 -13.30 19.30 -29.13
CA LYS D 81 -13.50 18.95 -27.72
C LYS D 81 -14.60 19.78 -27.09
N LEU D 82 -14.64 21.07 -27.41
CA LEU D 82 -15.67 21.93 -26.87
C LEU D 82 -17.04 21.45 -27.35
N ASP D 83 -17.12 21.10 -28.63
CA ASP D 83 -18.38 20.62 -29.19
C ASP D 83 -18.86 19.39 -28.41
N ASP D 84 -17.94 18.47 -28.14
CA ASP D 84 -18.29 17.26 -27.41
C ASP D 84 -18.67 17.58 -25.95
N CYS D 85 -18.01 18.57 -25.37
CA CYS D 85 -18.32 18.97 -23.99
C CYS D 85 -19.72 19.53 -23.94
N ALA D 86 -20.15 20.17 -25.03
CA ALA D 86 -21.47 20.75 -25.11
C ALA D 86 -22.53 19.67 -24.96
N VAL D 87 -22.23 18.47 -25.47
CA VAL D 87 -23.15 17.35 -25.37
C VAL D 87 -23.31 16.94 -23.90
N ILE D 88 -22.18 16.81 -23.22
CA ILE D 88 -22.19 16.44 -21.81
C ILE D 88 -23.05 17.41 -21.01
N GLN D 89 -22.87 18.70 -21.27
CA GLN D 89 -23.63 19.73 -20.56
C GLN D 89 -25.11 19.73 -20.95
N GLN D 90 -25.39 19.53 -22.24
CA GLN D 90 -26.78 19.52 -22.68
C GLN D 90 -27.57 18.40 -22.02
N LEU D 91 -26.95 17.23 -21.92
CA LEU D 91 -27.62 16.06 -21.33
C LEU D 91 -27.61 15.92 -19.81
N THR D 92 -26.51 16.31 -19.14
CA THR D 92 -26.44 16.21 -17.68
C THR D 92 -26.77 17.54 -17.01
N ARG D 93 -26.53 18.64 -17.72
CA ARG D 93 -26.77 19.98 -17.18
C ARG D 93 -25.98 20.19 -15.91
N ALA D 94 -24.89 19.43 -15.75
CA ALA D 94 -24.08 19.53 -14.55
C ALA D 94 -22.64 19.97 -14.84
N THR D 95 -22.33 20.16 -16.12
CA THR D 95 -20.97 20.53 -16.53
C THR D 95 -20.91 21.76 -17.44
N PRO D 96 -21.42 22.91 -16.95
CA PRO D 96 -21.40 24.13 -17.76
C PRO D 96 -20.02 24.74 -18.07
N ASN D 97 -19.00 24.34 -17.31
CA ASN D 97 -17.66 24.88 -17.53
C ASN D 97 -16.62 23.84 -17.95
N VAL D 98 -15.68 24.28 -18.79
CA VAL D 98 -14.63 23.41 -19.28
C VAL D 98 -13.25 23.80 -18.75
N SER D 99 -12.46 22.80 -18.40
CA SER D 99 -11.11 23.04 -17.90
C SER D 99 -10.15 22.90 -19.07
N LEU D 100 -9.38 23.95 -19.33
CA LEU D 100 -8.43 23.92 -20.43
C LEU D 100 -7.01 23.62 -19.99
N HIS D 101 -6.25 22.99 -20.90
CA HIS D 101 -4.87 22.64 -20.61
C HIS D 101 -4.00 23.20 -21.74
N ILE D 102 -2.99 24.00 -21.38
CA ILE D 102 -2.09 24.61 -22.35
C ILE D 102 -0.69 23.97 -22.27
N PRO D 103 -0.05 23.72 -23.43
CA PRO D 103 -0.45 23.99 -24.81
C PRO D 103 -1.39 23.02 -25.53
N TRP D 104 -1.82 21.94 -24.87
CA TRP D 104 -2.73 21.01 -25.56
C TRP D 104 -3.88 21.74 -26.22
N ASP D 105 -4.49 22.68 -25.50
CA ASP D 105 -5.64 23.42 -26.03
C ASP D 105 -5.30 24.81 -26.55
N LYS D 106 -4.04 25.05 -26.84
CA LYS D 106 -3.64 26.36 -27.33
C LYS D 106 -4.41 26.69 -28.62
N ALA D 107 -5.02 27.87 -28.63
CA ALA D 107 -5.80 28.33 -29.77
C ALA D 107 -6.10 29.80 -29.52
N ASP D 108 -6.57 30.50 -30.54
CA ASP D 108 -6.91 31.91 -30.37
C ASP D 108 -7.91 32.04 -29.24
N PRO D 109 -7.53 32.73 -28.15
CA PRO D 109 -8.42 32.91 -27.00
C PRO D 109 -9.79 33.44 -27.41
N LYS D 110 -9.77 34.51 -28.22
CA LYS D 110 -11.01 35.14 -28.68
C LYS D 110 -11.94 34.12 -29.33
N GLU D 111 -11.37 33.21 -30.12
CA GLU D 111 -12.18 32.20 -30.78
C GLU D 111 -12.70 31.16 -29.80
N LEU D 112 -11.88 30.81 -28.81
CA LEU D 112 -12.31 29.85 -27.79
C LEU D 112 -13.52 30.43 -27.07
N LYS D 113 -13.43 31.71 -26.71
CA LYS D 113 -14.50 32.39 -26.00
C LYS D 113 -15.77 32.40 -26.86
N ALA D 114 -15.62 32.71 -28.13
CA ALA D 114 -16.75 32.74 -29.05
C ALA D 114 -17.43 31.38 -29.14
N ARG D 115 -16.63 30.33 -29.29
CA ARG D 115 -17.18 28.99 -29.39
C ARG D 115 -17.87 28.58 -28.10
N GLY D 116 -17.24 28.90 -26.97
CA GLY D 116 -17.83 28.57 -25.68
C GLY D 116 -19.18 29.24 -25.51
N ASP D 117 -19.23 30.54 -25.76
CA ASP D 117 -20.48 31.28 -25.62
C ASP D 117 -21.57 30.71 -26.53
N ALA D 118 -21.20 30.35 -27.75
CA ALA D 118 -22.16 29.80 -28.70
C ALA D 118 -22.70 28.45 -28.22
N LEU D 119 -21.86 27.68 -27.52
CA LEU D 119 -22.26 26.38 -27.03
C LEU D 119 -22.87 26.43 -25.64
N GLY D 120 -22.81 27.61 -25.00
CA GLY D 120 -23.35 27.73 -23.66
C GLY D 120 -22.40 27.16 -22.62
N LEU D 121 -21.11 27.21 -22.92
CA LEU D 121 -20.09 26.69 -22.02
C LEU D 121 -19.16 27.78 -21.49
N GLY D 122 -18.78 27.65 -20.22
CA GLY D 122 -17.88 28.59 -19.60
C GLY D 122 -16.53 27.93 -19.41
N PHE D 123 -15.59 28.63 -18.79
CA PHE D 123 -14.26 28.08 -18.57
C PHE D 123 -13.85 28.12 -17.11
N ASP D 124 -13.39 26.98 -16.60
CA ASP D 124 -12.96 26.91 -15.22
C ASP D 124 -11.46 27.23 -15.18
N ALA D 125 -10.78 26.77 -14.13
CA ALA D 125 -9.36 27.03 -13.98
C ALA D 125 -8.50 26.60 -15.17
N MET D 126 -7.47 27.41 -15.44
CA MET D 126 -6.54 27.09 -16.52
C MET D 126 -5.56 26.08 -15.92
N ASN D 127 -4.94 25.28 -16.78
CA ASN D 127 -3.97 24.29 -16.32
C ASN D 127 -2.69 24.44 -17.14
N SER D 128 -1.58 24.68 -16.45
CA SER D 128 -0.29 24.82 -17.12
C SER D 128 0.35 23.46 -17.34
N ASN D 129 1.29 23.40 -18.27
CA ASN D 129 1.97 22.15 -18.60
C ASN D 129 3.48 22.33 -18.71
N THR D 130 4.20 22.04 -17.63
CA THR D 130 5.66 22.10 -17.67
C THR D 130 6.17 20.73 -17.25
N PHE D 131 5.40 19.71 -17.64
CA PHE D 131 5.74 18.32 -17.37
C PHE D 131 6.03 17.58 -18.68
N SER D 132 6.13 18.35 -19.76
CA SER D 132 6.42 17.80 -21.09
C SER D 132 7.03 18.91 -21.94
N ASP D 133 7.79 18.53 -22.95
CA ASP D 133 8.43 19.52 -23.82
C ASP D 133 7.66 19.71 -25.11
N ALA D 134 7.64 20.94 -25.60
CA ALA D 134 6.96 21.26 -26.85
C ALA D 134 8.05 21.41 -27.91
N PRO D 135 7.72 21.12 -29.17
CA PRO D 135 8.73 21.25 -30.23
C PRO D 135 9.36 22.64 -30.23
N GLY D 136 10.68 22.70 -30.39
CA GLY D 136 11.37 23.99 -30.43
C GLY D 136 11.56 24.65 -29.07
N GLN D 137 11.24 23.93 -28.01
CA GLN D 137 11.40 24.47 -26.66
C GLN D 137 12.87 24.68 -26.34
N ALA D 138 13.21 25.89 -25.90
CA ALA D 138 14.58 26.24 -25.58
C ALA D 138 15.19 25.37 -24.49
N HIS D 139 14.46 25.22 -23.38
CA HIS D 139 14.94 24.44 -22.26
C HIS D 139 14.00 23.28 -21.94
N SER D 140 14.56 22.09 -21.80
CA SER D 140 13.79 20.88 -21.51
C SER D 140 13.40 20.75 -20.05
N TYR D 141 12.25 20.14 -19.80
CA TYR D 141 11.77 19.93 -18.44
C TYR D 141 12.10 18.52 -17.97
N LYS D 142 13.02 17.86 -18.65
CA LYS D 142 13.42 16.51 -18.31
C LYS D 142 13.79 16.36 -16.84
N TYR D 143 14.54 17.33 -16.32
CA TYR D 143 14.98 17.29 -14.93
C TYR D 143 14.20 18.24 -14.02
N GLY D 144 13.05 18.70 -14.49
CA GLY D 144 12.24 19.60 -13.69
C GLY D 144 11.84 20.86 -14.44
N SER D 145 11.07 21.71 -13.77
CA SER D 145 10.60 22.94 -14.40
C SER D 145 10.69 24.11 -13.41
N LEU D 146 9.64 24.31 -12.60
CA LEU D 146 9.64 25.40 -11.63
C LEU D 146 10.72 25.22 -10.55
N SER D 147 11.19 23.97 -10.36
CA SER D 147 12.20 23.69 -9.36
C SER D 147 13.52 23.19 -9.98
N HIS D 148 13.64 23.37 -11.29
CA HIS D 148 14.83 22.95 -12.02
C HIS D 148 16.06 23.71 -11.47
N THR D 149 17.21 23.05 -11.49
CA THR D 149 18.44 23.68 -10.99
C THR D 149 18.86 24.86 -11.85
N ASN D 150 18.54 24.79 -13.14
CA ASN D 150 18.90 25.85 -14.08
C ASN D 150 17.94 27.04 -14.04
N ALA D 151 18.48 28.21 -13.73
CA ALA D 151 17.69 29.44 -13.64
C ALA D 151 16.86 29.73 -14.88
N ALA D 152 17.48 29.62 -16.06
CA ALA D 152 16.78 29.87 -17.31
C ALA D 152 15.57 28.96 -17.49
N THR D 153 15.72 27.70 -17.09
CA THR D 153 14.63 26.74 -17.22
C THR D 153 13.46 27.11 -16.33
N ARG D 154 13.76 27.54 -15.10
CA ARG D 154 12.69 27.95 -14.18
C ARG D 154 11.99 29.19 -14.75
N ALA D 155 12.77 30.13 -15.26
CA ALA D 155 12.22 31.36 -15.83
C ALA D 155 11.24 31.04 -16.95
N GLN D 156 11.61 30.08 -17.78
CA GLN D 156 10.77 29.65 -18.89
C GLN D 156 9.48 29.02 -18.38
N ALA D 157 9.57 28.26 -17.29
CA ALA D 157 8.39 27.61 -16.73
C ALA D 157 7.44 28.68 -16.18
N VAL D 158 8.01 29.67 -15.50
CA VAL D 158 7.21 30.77 -14.94
C VAL D 158 6.53 31.54 -16.05
N GLU D 159 7.28 31.86 -17.10
CA GLU D 159 6.71 32.59 -18.23
C GLU D 159 5.55 31.84 -18.85
N HIS D 160 5.68 30.52 -18.96
CA HIS D 160 4.61 29.71 -19.54
C HIS D 160 3.35 29.81 -18.68
N ASN D 161 3.52 29.85 -17.36
CA ASN D 161 2.37 29.95 -16.45
C ASN D 161 1.71 31.33 -16.59
N LEU D 162 2.52 32.36 -16.82
CA LEU D 162 1.97 33.70 -16.98
C LEU D 162 1.18 33.74 -18.28
N GLU D 163 1.67 33.04 -19.29
CA GLU D 163 0.97 33.00 -20.58
C GLU D 163 -0.38 32.30 -20.40
N CYS D 164 -0.42 31.30 -19.52
CA CYS D 164 -1.68 30.60 -19.26
C CYS D 164 -2.68 31.56 -18.64
N ILE D 165 -2.18 32.41 -17.75
CA ILE D 165 -3.02 33.40 -17.09
C ILE D 165 -3.58 34.37 -18.11
N GLU D 166 -2.75 34.78 -19.06
CA GLU D 166 -3.21 35.72 -20.09
C GLU D 166 -4.32 35.11 -20.94
N ILE D 167 -4.17 33.84 -21.32
CA ILE D 167 -5.19 33.17 -22.12
C ILE D 167 -6.47 33.09 -21.31
N GLY D 168 -6.33 32.71 -20.04
CA GLY D 168 -7.48 32.59 -19.17
C GLY D 168 -8.23 33.89 -19.02
N LYS D 169 -7.51 35.00 -18.88
CA LYS D 169 -8.16 36.30 -18.72
C LYS D 169 -8.98 36.66 -19.95
N ALA D 170 -8.53 36.20 -21.12
CA ALA D 170 -9.25 36.50 -22.35
C ALA D 170 -10.56 35.72 -22.46
N ILE D 171 -10.59 34.52 -21.89
CA ILE D 171 -11.79 33.69 -21.99
C ILE D 171 -12.73 33.67 -20.77
N GLY D 172 -12.32 34.30 -19.68
CA GLY D 172 -13.19 34.32 -18.51
C GLY D 172 -12.82 33.37 -17.38
N SER D 173 -11.61 32.83 -17.43
CA SER D 173 -11.14 31.92 -16.39
C SER D 173 -10.73 32.77 -15.20
N LYS D 174 -10.82 32.21 -13.98
CA LYS D 174 -10.45 32.98 -12.80
C LYS D 174 -9.48 32.24 -11.88
N ALA D 175 -8.72 31.31 -12.43
CA ALA D 175 -7.77 30.57 -11.62
C ALA D 175 -6.77 29.78 -12.44
N LEU D 176 -5.62 29.53 -11.83
CA LEU D 176 -4.56 28.77 -12.48
C LEU D 176 -4.22 27.58 -11.59
N THR D 177 -4.26 26.39 -12.17
CA THR D 177 -3.90 25.18 -11.41
C THR D 177 -2.52 24.77 -11.87
N VAL D 178 -1.63 24.55 -10.92
CA VAL D 178 -0.27 24.16 -11.24
C VAL D 178 0.05 22.76 -10.74
N TRP D 179 0.26 21.84 -11.67
CA TRP D 179 0.66 20.48 -11.32
C TRP D 179 1.92 20.21 -12.15
N ILE D 180 3.00 19.83 -11.49
CA ILE D 180 4.23 19.53 -12.22
C ILE D 180 4.73 18.14 -11.83
N GLY D 181 5.59 17.58 -12.68
CA GLY D 181 6.13 16.26 -12.40
C GLY D 181 7.42 16.33 -11.60
N ASP D 182 7.91 17.56 -11.39
CA ASP D 182 9.15 17.81 -10.67
C ASP D 182 9.43 16.89 -9.48
N GLY D 183 10.58 16.25 -9.51
CA GLY D 183 10.99 15.33 -8.46
C GLY D 183 12.26 14.63 -8.86
N SER D 184 12.48 13.43 -8.34
CA SER D 184 13.67 12.67 -8.66
C SER D 184 13.32 11.18 -8.74
N ASN D 185 14.14 10.42 -9.45
CA ASN D 185 13.92 8.98 -9.59
C ASN D 185 14.96 8.20 -8.79
N PHE D 186 15.95 8.92 -8.24
CA PHE D 186 17.00 8.27 -7.48
C PHE D 186 17.38 9.03 -6.22
N PRO D 187 17.68 8.30 -5.13
CA PRO D 187 18.07 8.99 -3.90
C PRO D 187 19.34 9.80 -4.20
N GLY D 188 19.39 11.03 -3.72
CA GLY D 188 20.57 11.86 -3.97
C GLY D 188 20.51 12.70 -5.23
N GLN D 189 19.67 12.32 -6.18
CA GLN D 189 19.56 13.07 -7.43
C GLN D 189 19.20 14.52 -7.12
N SER D 190 18.25 14.69 -6.22
CA SER D 190 17.80 16.01 -5.81
C SER D 190 18.03 16.24 -4.32
N ASN D 191 18.26 17.49 -3.94
CA ASN D 191 18.40 17.83 -2.54
C ASN D 191 16.97 18.28 -2.24
N PHE D 192 16.22 17.46 -1.50
CA PHE D 192 14.82 17.75 -1.19
C PHE D 192 14.52 19.21 -0.83
N THR D 193 15.28 19.76 0.11
CA THR D 193 15.05 21.12 0.55
C THR D 193 15.34 22.19 -0.49
N ARG D 194 16.51 22.11 -1.14
CA ARG D 194 16.85 23.10 -2.16
C ARG D 194 15.85 23.09 -3.32
N ALA D 195 15.43 21.89 -3.74
CA ALA D 195 14.48 21.80 -4.83
C ALA D 195 13.19 22.50 -4.41
N PHE D 196 12.75 22.26 -3.19
CA PHE D 196 11.52 22.89 -2.71
C PHE D 196 11.70 24.41 -2.62
N GLU D 197 12.89 24.86 -2.21
CA GLU D 197 13.14 26.30 -2.13
C GLU D 197 13.02 26.93 -3.52
N ARG D 198 13.57 26.25 -4.52
CA ARG D 198 13.50 26.77 -5.89
C ARG D 198 12.05 26.84 -6.36
N TYR D 199 11.29 25.78 -6.07
CA TYR D 199 9.88 25.74 -6.44
C TYR D 199 9.13 26.89 -5.80
N LEU D 200 9.36 27.11 -4.51
CA LEU D 200 8.68 28.19 -3.79
C LEU D 200 9.02 29.56 -4.35
N SER D 201 10.26 29.73 -4.76
CA SER D 201 10.71 31.01 -5.32
C SER D 201 10.05 31.23 -6.68
N ALA D 202 9.95 30.15 -7.46
CA ALA D 202 9.33 30.22 -8.79
C ALA D 202 7.84 30.47 -8.68
N MET D 203 7.19 29.80 -7.73
CA MET D 203 5.76 29.99 -7.53
C MET D 203 5.45 31.39 -7.02
N ALA D 204 6.41 32.01 -6.35
CA ALA D 204 6.23 33.37 -5.84
C ALA D 204 6.17 34.32 -7.02
N GLU D 205 6.93 34.02 -8.07
CA GLU D 205 6.93 34.84 -9.27
C GLU D 205 5.59 34.72 -10.00
N ILE D 206 5.03 33.51 -10.02
CA ILE D 206 3.74 33.31 -10.67
C ILE D 206 2.69 34.06 -9.85
N TYR D 207 2.77 33.90 -8.54
CA TYR D 207 1.83 34.57 -7.64
C TYR D 207 1.87 36.09 -7.85
N LYS D 208 3.05 36.62 -8.07
CA LYS D 208 3.22 38.05 -8.29
C LYS D 208 2.46 38.49 -9.54
N GLY D 209 2.44 37.63 -10.55
CA GLY D 209 1.74 37.95 -11.78
C GLY D 209 0.30 37.48 -11.81
N LEU D 210 -0.16 36.95 -10.68
CA LEU D 210 -1.54 36.46 -10.57
C LEU D 210 -2.51 37.62 -10.35
N PRO D 211 -3.56 37.71 -11.19
CA PRO D 211 -4.56 38.78 -11.05
C PRO D 211 -5.17 38.73 -9.66
N ASP D 212 -5.68 39.87 -9.17
CA ASP D 212 -6.28 39.88 -7.84
C ASP D 212 -7.71 39.33 -7.79
N ASP D 213 -8.22 38.87 -8.93
CA ASP D 213 -9.55 38.28 -8.97
C ASP D 213 -9.39 36.81 -9.37
N TRP D 214 -8.15 36.33 -9.23
CA TRP D 214 -7.81 34.95 -9.55
C TRP D 214 -7.30 34.20 -8.32
N LYS D 215 -7.27 32.87 -8.43
CA LYS D 215 -6.74 32.03 -7.36
C LYS D 215 -5.65 31.18 -7.99
N LEU D 216 -4.69 30.77 -7.17
CA LEU D 216 -3.59 29.92 -7.64
C LEU D 216 -3.72 28.58 -6.92
N PHE D 217 -3.95 27.51 -7.68
CA PHE D 217 -4.09 26.19 -7.08
C PHE D 217 -2.87 25.32 -7.35
N SER D 218 -2.29 24.76 -6.29
CA SER D 218 -1.15 23.86 -6.41
C SER D 218 -1.70 22.46 -6.13
N GLU D 219 -1.30 21.50 -6.95
CA GLU D 219 -1.80 20.13 -6.83
C GLU D 219 -0.71 19.12 -6.46
N HIS D 220 -0.87 18.49 -5.30
CA HIS D 220 0.10 17.50 -4.85
C HIS D 220 -0.14 16.13 -5.47
N LYS D 221 0.93 15.33 -5.53
CA LYS D 221 0.86 13.99 -6.09
C LYS D 221 2.01 13.19 -5.51
N MET D 222 1.71 12.02 -4.94
CA MET D 222 2.75 11.20 -4.32
C MET D 222 3.85 10.74 -5.28
N TYR D 223 3.48 10.37 -6.49
CA TYR D 223 4.47 9.93 -7.47
C TYR D 223 3.90 9.91 -8.88
N GLU D 224 4.81 9.73 -9.84
CA GLU D 224 4.51 9.69 -11.27
C GLU D 224 4.30 11.11 -11.79
N PRO D 225 5.16 11.56 -12.72
CA PRO D 225 6.31 10.88 -13.34
C PRO D 225 7.56 10.57 -12.51
N ALA D 226 7.71 11.21 -11.34
CA ALA D 226 8.89 10.97 -10.51
C ALA D 226 8.65 9.71 -9.68
N PHE D 227 9.61 8.80 -9.69
CA PHE D 227 9.44 7.54 -8.97
C PHE D 227 10.22 7.33 -7.67
N TYR D 228 10.90 8.36 -7.19
CA TYR D 228 11.59 8.25 -5.89
C TYR D 228 11.05 9.35 -4.98
N SER D 229 11.08 10.59 -5.46
CA SER D 229 10.55 11.70 -4.69
C SER D 229 9.88 12.69 -5.63
N THR D 230 8.92 13.43 -5.10
CA THR D 230 8.20 14.45 -5.85
C THR D 230 8.20 15.70 -4.97
N VAL D 231 8.51 16.86 -5.54
CA VAL D 231 8.55 18.09 -4.75
C VAL D 231 7.24 18.36 -4.03
N VAL D 232 6.13 18.39 -4.77
CA VAL D 232 4.83 18.62 -4.14
C VAL D 232 4.22 17.23 -4.02
N GLN D 233 4.72 16.45 -3.05
CA GLN D 233 4.30 15.07 -2.87
C GLN D 233 3.00 14.80 -2.11
N ASP D 234 2.67 15.63 -1.14
CA ASP D 234 1.43 15.40 -0.38
C ASP D 234 0.76 16.68 0.10
N TRP D 235 -0.36 16.55 0.81
CA TRP D 235 -1.09 17.72 1.26
C TRP D 235 -0.32 18.54 2.31
N GLY D 236 0.64 17.92 2.97
CA GLY D 236 1.43 18.63 3.97
C GLY D 236 2.29 19.67 3.27
N THR D 237 3.02 19.24 2.25
CA THR D 237 3.85 20.16 1.51
C THR D 237 2.96 21.19 0.80
N ASN D 238 1.80 20.74 0.34
CA ASN D 238 0.88 21.62 -0.35
C ASN D 238 0.41 22.75 0.56
N TYR D 239 0.14 22.42 1.82
CA TYR D 239 -0.30 23.43 2.78
C TYR D 239 0.81 24.46 2.96
N LEU D 240 2.04 23.99 3.11
CA LEU D 240 3.19 24.88 3.29
C LEU D 240 3.31 25.84 2.12
N ILE D 241 3.02 25.35 0.91
CA ILE D 241 3.08 26.18 -0.28
C ILE D 241 2.01 27.27 -0.23
N ALA D 242 0.75 26.85 -0.12
CA ALA D 242 -0.38 27.78 -0.08
C ALA D 242 -0.19 28.82 1.02
N GLN D 243 0.19 28.36 2.21
CA GLN D 243 0.39 29.27 3.34
C GLN D 243 1.48 30.28 3.02
N THR D 244 2.59 29.79 2.48
CA THR D 244 3.73 30.63 2.10
C THR D 244 3.45 31.66 1.01
N LEU D 245 2.78 31.23 -0.06
CA LEU D 245 2.50 32.11 -1.18
C LEU D 245 1.53 33.28 -0.92
N GLY D 246 0.42 33.00 -0.25
CA GLY D 246 -0.53 34.07 0.03
C GLY D 246 -1.99 33.63 0.07
N PRO D 247 -2.90 34.57 0.39
CA PRO D 247 -4.35 34.33 0.49
C PRO D 247 -4.98 33.79 -0.79
N LYS D 248 -4.41 34.15 -1.94
CA LYS D 248 -4.95 33.73 -3.21
C LYS D 248 -4.48 32.34 -3.63
N ALA D 249 -3.56 31.76 -2.86
CA ALA D 249 -3.04 30.43 -3.18
C ALA D 249 -3.69 29.38 -2.29
N GLN D 250 -4.22 28.34 -2.90
CA GLN D 250 -4.85 27.28 -2.14
C GLN D 250 -4.47 25.90 -2.69
N CYS D 251 -4.84 24.86 -1.95
CA CYS D 251 -4.51 23.50 -2.33
C CYS D 251 -5.61 22.77 -3.08
N LEU D 252 -5.23 22.07 -4.14
CA LEU D 252 -6.17 21.30 -4.93
C LEU D 252 -5.92 19.83 -4.64
N VAL D 253 -7.00 19.12 -4.28
CA VAL D 253 -6.94 17.70 -3.95
C VAL D 253 -7.46 16.85 -5.10
N ASP D 254 -6.59 16.02 -5.65
CA ASP D 254 -6.96 15.10 -6.73
C ASP D 254 -7.05 13.75 -6.01
N LEU D 255 -8.25 13.16 -5.97
CA LEU D 255 -8.48 11.91 -5.26
C LEU D 255 -7.47 10.79 -5.48
N GLY D 256 -6.96 10.62 -6.69
CA GLY D 256 -6.04 9.53 -6.93
C GLY D 256 -4.56 9.78 -6.64
N HIS D 257 -4.25 10.94 -6.07
CA HIS D 257 -2.84 11.30 -5.79
C HIS D 257 -2.33 11.01 -4.38
N HIS D 258 -2.93 10.05 -3.69
CA HIS D 258 -2.52 9.75 -2.33
C HIS D 258 -2.00 8.33 -2.13
N ALA D 259 -1.21 8.16 -1.08
CA ALA D 259 -0.64 6.86 -0.75
C ALA D 259 -1.75 5.84 -0.50
N PRO D 260 -1.43 4.55 -0.65
CA PRO D 260 -2.43 3.51 -0.43
C PRO D 260 -3.04 3.64 0.98
N ASN D 261 -4.36 3.48 1.06
CA ASN D 261 -5.12 3.52 2.31
C ASN D 261 -5.26 4.87 3.00
N THR D 262 -4.80 5.93 2.36
CA THR D 262 -4.90 7.27 2.95
C THR D 262 -6.35 7.62 3.23
N ASN D 263 -6.60 8.29 4.35
CA ASN D 263 -7.96 8.73 4.64
C ASN D 263 -8.03 10.09 3.96
N ILE D 264 -8.51 10.10 2.72
CA ILE D 264 -8.58 11.33 1.95
C ILE D 264 -9.59 12.34 2.46
N GLU D 265 -10.73 11.87 2.97
CA GLU D 265 -11.74 12.80 3.48
C GLU D 265 -11.20 13.60 4.66
N MET D 266 -10.26 13.04 5.42
CA MET D 266 -9.70 13.79 6.55
C MET D 266 -8.83 14.94 6.03
N ILE D 267 -8.10 14.68 4.94
CA ILE D 267 -7.26 15.74 4.36
C ILE D 267 -8.15 16.90 3.96
N VAL D 268 -9.28 16.58 3.32
CA VAL D 268 -10.25 17.58 2.90
C VAL D 268 -10.70 18.41 4.11
N ALA D 269 -11.02 17.72 5.21
CA ALA D 269 -11.46 18.40 6.42
C ALA D 269 -10.39 19.34 6.95
N ARG D 270 -9.15 18.85 6.99
CA ARG D 270 -8.04 19.65 7.51
C ARG D 270 -7.80 20.91 6.70
N LEU D 271 -7.83 20.79 5.37
CA LEU D 271 -7.60 21.94 4.51
C LEU D 271 -8.72 22.98 4.65
N ILE D 272 -9.94 22.51 4.85
CA ILE D 272 -11.07 23.41 5.02
C ILE D 272 -10.91 24.20 6.32
N GLN D 273 -10.57 23.50 7.40
CA GLN D 273 -10.40 24.12 8.70
C GLN D 273 -9.39 25.27 8.65
N PHE D 274 -8.32 25.07 7.88
CA PHE D 274 -7.28 26.08 7.78
C PHE D 274 -7.37 26.95 6.54
N GLY D 275 -8.56 26.95 5.93
CA GLY D 275 -8.85 27.77 4.76
C GLY D 275 -7.99 27.63 3.53
N LYS D 276 -7.48 26.43 3.26
CA LYS D 276 -6.65 26.25 2.09
C LYS D 276 -7.15 25.18 1.11
N LEU D 277 -8.44 24.85 1.16
CA LEU D 277 -8.99 23.88 0.23
C LEU D 277 -9.48 24.64 -1.01
N GLY D 278 -8.63 24.72 -2.02
CA GLY D 278 -8.99 25.43 -3.24
C GLY D 278 -10.03 24.74 -4.09
N GLY D 279 -9.88 23.43 -4.27
CA GLY D 279 -10.82 22.68 -5.07
C GLY D 279 -10.50 21.20 -5.14
N PHE D 280 -11.21 20.51 -6.04
CA PHE D 280 -11.05 19.08 -6.24
C PHE D 280 -10.88 18.67 -7.69
N HIS D 281 -10.19 17.55 -7.87
CA HIS D 281 -10.01 16.93 -9.16
C HIS D 281 -10.61 15.57 -8.87
N PHE D 282 -11.81 15.33 -9.38
CA PHE D 282 -12.51 14.08 -9.14
C PHE D 282 -12.16 12.98 -10.13
N ASN D 283 -12.09 11.76 -9.61
CA ASN D 283 -11.80 10.56 -10.39
C ASN D 283 -11.78 9.41 -9.39
N ASP D 284 -11.71 8.18 -9.87
CA ASP D 284 -11.65 7.04 -8.98
C ASP D 284 -10.41 6.23 -9.33
N SER D 285 -9.99 5.37 -8.40
CA SER D 285 -8.82 4.55 -8.61
C SER D 285 -8.80 3.35 -7.66
N LYS D 286 -7.93 2.39 -7.95
CA LYS D 286 -7.79 1.21 -7.11
C LYS D 286 -6.33 0.94 -6.80
N TYR D 287 -5.45 1.31 -7.73
CA TYR D 287 -4.02 1.05 -7.56
C TYR D 287 -3.14 2.29 -7.42
N GLY D 288 -3.15 3.15 -8.42
CA GLY D 288 -2.37 4.38 -8.37
C GLY D 288 -3.23 5.55 -8.82
N ASP D 289 -2.67 6.42 -9.65
CA ASP D 289 -3.44 7.55 -10.15
C ASP D 289 -4.11 7.04 -11.43
N ASP D 290 -5.01 6.09 -11.24
CA ASP D 290 -5.71 5.43 -12.34
C ASP D 290 -6.60 6.31 -13.21
N ASP D 291 -7.07 7.42 -12.64
CA ASP D 291 -7.90 8.35 -13.37
C ASP D 291 -9.16 7.75 -13.97
N LEU D 292 -9.79 6.84 -13.24
CA LEU D 292 -11.01 6.18 -13.71
C LEU D 292 -12.25 7.03 -13.42
N ASP D 293 -13.38 6.63 -13.98
CA ASP D 293 -14.66 7.33 -13.80
C ASP D 293 -14.98 7.45 -12.31
N ALA D 294 -15.31 8.67 -11.87
CA ALA D 294 -15.63 8.92 -10.47
C ALA D 294 -16.71 8.00 -9.91
N GLY D 295 -16.42 7.41 -8.76
CA GLY D 295 -17.36 6.52 -8.11
C GLY D 295 -17.49 5.11 -8.65
N ALA D 296 -16.78 4.80 -9.73
CA ALA D 296 -16.84 3.48 -10.34
C ALA D 296 -16.13 2.39 -9.55
N ILE D 297 -15.24 2.79 -8.64
CA ILE D 297 -14.49 1.83 -7.83
C ILE D 297 -14.85 1.88 -6.35
N GLU D 298 -14.90 3.08 -5.78
CA GLU D 298 -15.24 3.26 -4.37
C GLU D 298 -16.23 4.40 -4.24
N PRO D 299 -17.52 4.13 -4.48
CA PRO D 299 -18.52 5.18 -4.37
C PRO D 299 -18.71 5.72 -2.97
N TYR D 300 -18.51 4.89 -1.94
CA TYR D 300 -18.71 5.36 -0.57
C TYR D 300 -17.69 6.43 -0.22
N ARG D 301 -16.45 6.24 -0.65
CA ARG D 301 -15.38 7.20 -0.41
C ARG D 301 -15.76 8.56 -0.99
N LEU D 302 -16.33 8.55 -2.18
CA LEU D 302 -16.74 9.78 -2.84
C LEU D 302 -17.82 10.45 -1.99
N PHE D 303 -18.73 9.64 -1.44
CA PHE D 303 -19.80 10.15 -0.59
C PHE D 303 -19.19 10.76 0.68
N LEU D 304 -18.19 10.10 1.26
CA LEU D 304 -17.57 10.61 2.48
C LEU D 304 -16.83 11.93 2.26
N VAL D 305 -16.30 12.15 1.06
CA VAL D 305 -15.64 13.41 0.76
C VAL D 305 -16.70 14.50 0.77
N PHE D 306 -17.82 14.25 0.10
CA PHE D 306 -18.90 15.23 0.06
C PHE D 306 -19.52 15.45 1.44
N ASN D 307 -19.45 14.43 2.28
CA ASN D 307 -19.98 14.54 3.62
C ASN D 307 -19.20 15.63 4.37
N GLU D 308 -17.90 15.71 4.12
CA GLU D 308 -17.08 16.74 4.76
C GLU D 308 -17.42 18.11 4.20
N LEU D 309 -17.71 18.17 2.90
CA LEU D 309 -18.05 19.42 2.25
C LEU D 309 -19.37 19.96 2.81
N VAL D 310 -20.37 19.09 2.90
CA VAL D 310 -21.66 19.48 3.42
C VAL D 310 -21.55 19.83 4.90
N ASP D 311 -20.74 19.08 5.64
CA ASP D 311 -20.57 19.37 7.06
C ASP D 311 -19.99 20.76 7.25
N ALA D 312 -19.04 21.14 6.39
CA ALA D 312 -18.42 22.46 6.48
C ALA D 312 -19.51 23.53 6.49
N GLU D 313 -20.46 23.40 5.57
CA GLU D 313 -21.56 24.36 5.50
C GLU D 313 -22.37 24.30 6.79
N ALA D 314 -22.69 23.08 7.21
CA ALA D 314 -23.46 22.85 8.43
C ALA D 314 -22.83 23.46 9.67
N ARG D 315 -21.50 23.43 9.75
CA ARG D 315 -20.79 23.99 10.90
C ARG D 315 -20.77 25.51 10.83
N GLY D 316 -21.18 26.06 9.69
CA GLY D 316 -21.20 27.50 9.53
C GLY D 316 -19.94 28.07 8.91
N VAL D 317 -19.12 27.22 8.29
CA VAL D 317 -17.91 27.70 7.65
C VAL D 317 -18.34 28.68 6.58
N LYS D 318 -17.62 29.79 6.45
CA LYS D 318 -17.99 30.78 5.45
C LYS D 318 -16.87 31.11 4.47
N GLY D 319 -17.24 31.66 3.32
CA GLY D 319 -16.27 31.99 2.29
C GLY D 319 -15.76 30.70 1.67
N PHE D 320 -16.52 29.63 1.88
CA PHE D 320 -16.18 28.30 1.36
C PHE D 320 -16.90 27.97 0.05
N HIS D 321 -16.15 28.06 -1.06
CA HIS D 321 -16.69 27.78 -2.38
C HIS D 321 -15.62 27.04 -3.19
N PRO D 322 -15.35 25.77 -2.84
CA PRO D 322 -14.34 24.97 -3.54
C PRO D 322 -14.66 24.82 -5.02
N ALA D 323 -13.61 24.78 -5.82
CA ALA D 323 -13.78 24.58 -7.25
C ALA D 323 -13.92 23.08 -7.44
N HIS D 324 -14.87 22.66 -8.28
CA HIS D 324 -15.08 21.24 -8.54
C HIS D 324 -14.75 20.93 -9.98
N MET D 325 -13.82 19.99 -10.19
CA MET D 325 -13.43 19.61 -11.54
C MET D 325 -13.19 18.10 -11.65
N ILE D 326 -13.51 17.56 -12.81
CA ILE D 326 -13.29 16.13 -13.07
C ILE D 326 -11.94 16.07 -13.78
N ASP D 327 -11.08 15.16 -13.32
CA ASP D 327 -9.76 14.96 -13.94
C ASP D 327 -9.70 13.48 -14.19
N GLN D 328 -10.05 13.07 -15.40
CA GLN D 328 -10.05 11.65 -15.74
C GLN D 328 -9.54 11.42 -17.16
N PHE D 329 -9.20 10.16 -17.43
CA PHE D 329 -8.75 9.74 -18.75
C PHE D 329 -9.59 8.52 -19.03
N HIS D 330 -10.14 8.44 -20.23
CA HIS D 330 -11.00 7.32 -20.58
C HIS D 330 -10.32 6.53 -21.68
N ASN D 331 -9.73 5.41 -21.27
CA ASN D 331 -8.98 4.57 -22.18
C ASN D 331 -9.75 3.46 -22.88
N VAL D 332 -10.86 3.00 -22.29
CA VAL D 332 -11.60 1.91 -22.91
C VAL D 332 -13.11 2.13 -23.01
N THR D 333 -13.53 3.39 -23.03
CA THR D 333 -14.94 3.71 -23.15
C THR D 333 -15.10 4.95 -24.00
N ASP D 334 -16.35 5.27 -24.33
CA ASP D 334 -16.64 6.47 -25.10
C ASP D 334 -16.45 7.58 -24.07
N PRO D 335 -15.44 8.45 -24.27
CA PRO D 335 -15.13 9.55 -23.37
C PRO D 335 -16.36 10.36 -22.93
N ILE D 336 -17.22 10.68 -23.89
CA ILE D 336 -18.42 11.45 -23.59
C ILE D 336 -19.32 10.70 -22.61
N GLU D 337 -19.51 9.40 -22.82
CA GLU D 337 -20.36 8.61 -21.93
C GLU D 337 -19.81 8.56 -20.50
N SER D 338 -18.51 8.31 -20.38
CA SER D 338 -17.90 8.24 -19.05
C SER D 338 -18.02 9.57 -18.33
N LEU D 339 -17.74 10.67 -19.04
CA LEU D 339 -17.84 11.97 -18.42
C LEU D 339 -19.28 12.23 -17.98
N ILE D 340 -20.23 11.76 -18.77
CA ILE D 340 -21.64 11.93 -18.42
C ILE D 340 -21.95 11.22 -17.10
N ASN D 341 -21.63 9.93 -17.01
CA ASN D 341 -21.92 9.17 -15.80
C ASN D 341 -21.05 9.56 -14.61
N SER D 342 -19.86 10.08 -14.87
CA SER D 342 -18.98 10.51 -13.79
C SER D 342 -19.59 11.77 -13.17
N ALA D 343 -20.05 12.69 -14.01
CA ALA D 343 -20.67 13.92 -13.52
C ALA D 343 -21.92 13.55 -12.72
N ASN D 344 -22.66 12.56 -13.21
CA ASN D 344 -23.87 12.08 -12.55
C ASN D 344 -23.52 11.54 -11.17
N GLU D 345 -22.44 10.76 -11.11
CA GLU D 345 -21.98 10.15 -9.87
C GLU D 345 -21.57 11.16 -8.83
N ILE D 346 -20.98 12.26 -9.27
CA ILE D 346 -20.56 13.30 -8.32
C ILE D 346 -21.81 13.96 -7.75
N ARG D 347 -22.83 14.16 -8.59
CA ARG D 347 -24.08 14.74 -8.11
C ARG D 347 -24.76 13.73 -7.19
N ARG D 348 -24.57 12.44 -7.48
CA ARG D 348 -25.18 11.40 -6.67
C ARG D 348 -24.62 11.47 -5.25
N ALA D 349 -23.30 11.55 -5.13
CA ALA D 349 -22.66 11.63 -3.82
C ALA D 349 -23.06 12.90 -3.07
N TYR D 350 -23.14 14.01 -3.80
CA TYR D 350 -23.53 15.29 -3.22
C TYR D 350 -24.96 15.19 -2.70
N ALA D 351 -25.84 14.64 -3.51
CA ALA D 351 -27.25 14.49 -3.15
C ALA D 351 -27.44 13.67 -1.87
N GLN D 352 -26.69 12.58 -1.77
CA GLN D 352 -26.79 11.72 -0.59
C GLN D 352 -26.25 12.45 0.63
N ALA D 353 -25.18 13.22 0.45
CA ALA D 353 -24.60 13.97 1.57
C ALA D 353 -25.62 14.96 2.12
N LEU D 354 -26.46 15.51 1.24
CA LEU D 354 -27.48 16.47 1.65
C LEU D 354 -28.56 15.82 2.51
N LEU D 355 -28.71 14.50 2.38
CA LEU D 355 -29.73 13.77 3.13
C LEU D 355 -29.34 13.40 4.55
N VAL D 356 -28.05 13.54 4.87
CA VAL D 356 -27.58 13.20 6.22
C VAL D 356 -28.32 14.04 7.25
N ASP D 357 -28.84 13.39 8.30
CA ASP D 357 -29.54 14.09 9.37
C ASP D 357 -28.42 14.63 10.25
N ARG D 358 -28.02 15.88 10.03
CA ARG D 358 -26.91 16.47 10.80
C ARG D 358 -27.18 16.56 12.31
N ALA D 359 -28.43 16.87 12.68
CA ALA D 359 -28.79 16.97 14.09
C ALA D 359 -28.62 15.61 14.76
N ALA D 360 -29.13 14.57 14.11
CA ALA D 360 -29.01 13.21 14.65
C ALA D 360 -27.54 12.80 14.75
N LEU D 361 -26.80 13.03 13.69
CA LEU D 361 -25.37 12.67 13.64
C LEU D 361 -24.61 13.38 14.77
N SER D 362 -24.90 14.66 14.95
CA SER D 362 -24.24 15.45 15.99
C SER D 362 -24.44 14.85 17.37
N GLY D 363 -25.65 14.39 17.65
CA GLY D 363 -25.93 13.78 18.95
C GLY D 363 -25.21 12.47 19.16
N TYR D 364 -25.14 11.65 18.11
CA TYR D 364 -24.45 10.37 18.21
C TYR D 364 -22.95 10.56 18.35
N GLN D 365 -22.41 11.62 17.76
CA GLN D 365 -20.98 11.89 17.86
C GLN D 365 -20.68 12.34 19.29
N GLU D 366 -21.53 13.22 19.81
CA GLU D 366 -21.35 13.73 21.17
C GLU D 366 -21.46 12.63 22.23
N ASP D 367 -22.38 11.70 22.02
CA ASP D 367 -22.58 10.61 22.96
C ASP D 367 -21.70 9.40 22.70
N ASN D 368 -20.82 9.52 21.70
CA ASN D 368 -19.91 8.44 21.33
C ASN D 368 -20.63 7.15 20.97
N ASP D 369 -21.73 7.29 20.23
CA ASP D 369 -22.51 6.15 19.79
C ASP D 369 -22.04 5.91 18.36
N ALA D 370 -20.88 5.28 18.22
CA ALA D 370 -20.28 5.04 16.92
C ALA D 370 -21.16 4.30 15.91
N LEU D 371 -21.83 3.26 16.37
CA LEU D 371 -22.68 2.48 15.49
C LEU D 371 -23.83 3.30 14.91
N MET D 372 -24.54 4.04 15.76
CA MET D 372 -25.64 4.86 15.25
C MET D 372 -25.11 6.02 14.41
N ALA D 373 -23.93 6.52 14.75
CA ALA D 373 -23.36 7.62 13.99
C ALA D 373 -23.10 7.15 12.56
N THR D 374 -22.46 5.99 12.43
CA THR D 374 -22.15 5.46 11.11
C THR D 374 -23.42 5.03 10.38
N GLU D 375 -24.40 4.52 11.11
CA GLU D 375 -25.68 4.12 10.51
C GLU D 375 -26.41 5.37 10.01
N THR D 376 -26.16 6.50 10.66
CA THR D 376 -26.79 7.77 10.27
C THR D 376 -26.22 8.19 8.91
N LEU D 377 -24.93 7.94 8.72
CA LEU D 377 -24.30 8.28 7.44
C LEU D 377 -24.83 7.31 6.38
N LYS D 378 -24.92 6.03 6.75
CA LYS D 378 -25.40 5.00 5.82
C LYS D 378 -26.85 5.19 5.38
N ARG D 379 -27.71 5.67 6.27
CA ARG D 379 -29.10 5.86 5.90
C ARG D 379 -29.19 6.86 4.74
N ALA D 380 -28.22 7.76 4.69
CA ALA D 380 -28.15 8.76 3.63
C ALA D 380 -27.55 8.11 2.37
N TYR D 381 -26.37 7.52 2.53
CA TYR D 381 -25.69 6.87 1.42
C TYR D 381 -26.50 5.76 0.73
N ARG D 382 -27.20 4.95 1.52
CA ARG D 382 -27.99 3.85 0.95
C ARG D 382 -29.21 4.33 0.15
N THR D 383 -29.57 5.59 0.31
CA THR D 383 -30.72 6.12 -0.42
C THR D 383 -30.42 6.25 -1.91
N ASP D 384 -31.28 5.65 -2.74
CA ASP D 384 -31.12 5.72 -4.18
C ASP D 384 -31.66 7.07 -4.62
N VAL D 385 -30.77 8.02 -4.86
CA VAL D 385 -31.18 9.36 -5.27
C VAL D 385 -31.31 9.56 -6.78
N GLU D 386 -31.21 8.47 -7.55
CA GLU D 386 -31.31 8.57 -9.00
C GLU D 386 -32.56 9.35 -9.44
N PRO D 387 -33.72 9.12 -8.81
CA PRO D 387 -34.92 9.86 -9.22
C PRO D 387 -34.69 11.37 -9.16
N ILE D 388 -33.97 11.82 -8.14
CA ILE D 388 -33.66 13.24 -7.96
C ILE D 388 -32.73 13.73 -9.08
N LEU D 389 -31.69 12.95 -9.36
CA LEU D 389 -30.74 13.33 -10.40
C LEU D 389 -31.45 13.42 -11.76
N ALA D 390 -32.26 12.40 -12.07
CA ALA D 390 -32.98 12.37 -13.34
C ALA D 390 -33.95 13.54 -13.46
N GLU D 391 -34.70 13.80 -12.40
CA GLU D 391 -35.68 14.89 -12.42
C GLU D 391 -34.99 16.24 -12.56
N ALA D 392 -33.87 16.44 -11.88
CA ALA D 392 -33.13 17.70 -11.96
C ALA D 392 -32.74 17.92 -13.42
N ARG D 393 -32.25 16.86 -14.07
CA ARG D 393 -31.87 16.94 -15.47
C ARG D 393 -33.08 17.30 -16.33
N ARG D 394 -34.14 16.49 -16.21
CA ARG D 394 -35.35 16.73 -16.99
C ARG D 394 -35.87 18.17 -16.86
N ARG D 395 -35.91 18.68 -15.63
CA ARG D 395 -36.41 20.04 -15.35
C ARG D 395 -35.52 21.14 -15.88
N THR D 396 -34.25 20.83 -16.14
CA THR D 396 -33.32 21.84 -16.61
C THR D 396 -32.91 21.73 -18.06
N GLY D 397 -33.63 20.91 -18.82
CA GLY D 397 -33.33 20.75 -20.24
C GLY D 397 -32.45 19.56 -20.57
N GLY D 398 -32.17 18.73 -19.57
CA GLY D 398 -31.34 17.56 -19.79
C GLY D 398 -32.12 16.29 -20.06
N ALA D 399 -31.42 15.16 -20.03
CA ALA D 399 -32.04 13.87 -20.29
C ALA D 399 -32.25 13.06 -19.02
N VAL D 400 -33.37 12.33 -18.97
CA VAL D 400 -33.67 11.48 -17.83
C VAL D 400 -32.57 10.44 -17.74
N ASP D 401 -32.20 9.87 -18.88
CA ASP D 401 -31.12 8.88 -18.96
C ASP D 401 -30.18 9.39 -20.04
N PRO D 402 -29.18 10.19 -19.65
CA PRO D 402 -28.18 10.79 -20.54
C PRO D 402 -27.51 9.84 -21.54
N VAL D 403 -26.91 8.76 -21.03
CA VAL D 403 -26.23 7.82 -21.91
C VAL D 403 -27.19 7.18 -22.91
N ALA D 404 -28.40 6.87 -22.46
CA ALA D 404 -29.39 6.28 -23.36
C ALA D 404 -29.75 7.26 -24.47
N THR D 405 -29.98 8.52 -24.10
CA THR D 405 -30.32 9.56 -25.08
C THR D 405 -29.14 9.80 -26.00
N TYR D 406 -27.94 9.82 -25.43
CA TYR D 406 -26.72 10.03 -26.21
C TYR D 406 -26.63 8.96 -27.29
N ARG D 407 -26.84 7.71 -26.92
CA ARG D 407 -26.76 6.63 -27.90
C ARG D 407 -27.91 6.69 -28.90
N ALA D 408 -29.10 7.02 -28.42
CA ALA D 408 -30.27 7.12 -29.29
C ALA D 408 -30.07 8.21 -30.36
N SER D 409 -29.28 9.21 -30.03
CA SER D 409 -29.03 10.32 -30.94
C SER D 409 -28.07 9.97 -32.08
N GLY D 410 -27.21 8.99 -31.84
CA GLY D 410 -26.24 8.61 -32.86
C GLY D 410 -25.14 9.64 -33.02
N TYR D 411 -24.93 10.45 -32.00
CA TYR D 411 -23.89 11.49 -32.04
C TYR D 411 -22.50 10.97 -32.40
N ARG D 412 -22.09 9.87 -31.76
CA ARG D 412 -20.76 9.30 -32.01
C ARG D 412 -20.54 8.92 -33.48
N ALA D 413 -21.53 8.26 -34.08
CA ALA D 413 -21.41 7.87 -35.48
C ALA D 413 -21.40 9.15 -36.33
N ARG D 414 -22.13 10.17 -35.86
CA ARG D 414 -22.17 11.44 -36.58
C ARG D 414 -20.80 12.09 -36.63
N VAL D 415 -20.16 12.25 -35.48
CA VAL D 415 -18.84 12.85 -35.44
C VAL D 415 -17.78 11.96 -36.08
N ALA D 416 -18.02 10.66 -36.09
CA ALA D 416 -17.08 9.74 -36.70
C ALA D 416 -17.03 10.04 -38.20
N ALA D 417 -18.20 10.30 -38.77
CA ALA D 417 -18.31 10.61 -40.19
C ALA D 417 -17.75 11.99 -40.48
N GLU D 418 -17.87 12.92 -39.53
CA GLU D 418 -17.38 14.28 -39.72
C GLU D 418 -15.87 14.38 -39.49
N ARG D 419 -15.35 13.52 -38.62
CA ARG D 419 -13.93 13.57 -38.30
C ARG D 419 -13.12 12.43 -38.91
N PRO D 420 -11.83 12.69 -39.20
CA PRO D 420 -10.97 11.66 -39.79
C PRO D 420 -10.88 10.46 -38.85
N ALA D 421 -10.30 9.37 -39.33
CA ALA D 421 -10.16 8.17 -38.51
C ALA D 421 -8.80 8.14 -37.86
MN MN E . -10.37 -14.88 9.89
MN MN F . -7.67 -11.82 10.94
C1 PSJ G . -6.54 -14.01 12.56
O1 PSJ G . -6.17 -12.84 11.87
C2 PSJ G . -7.80 -14.61 11.92
O2 PSJ G . -8.53 -13.91 11.21
C3 PSJ G . -8.24 -15.99 12.35
O3 PSJ G . -9.43 -16.36 11.66
C4 PSJ G . -8.50 -16.02 13.86
O4 PSJ G . -8.63 -17.37 14.31
C5 PSJ G . -9.75 -15.22 14.22
O5 PSJ G . -9.64 -13.89 13.72
C6 PSJ G . -9.93 -15.19 15.73
O6 PSJ G . -8.88 -14.43 16.32
MN MN H . 6.79 5.78 18.64
MN MN I . 4.15 2.97 17.16
C1 PSJ J . 2.55 3.77 19.49
O1 PSJ J . 2.27 3.37 18.16
C2 PSJ J . 3.80 4.63 19.54
O2 PSJ J . 4.71 4.46 18.72
C3 PSJ J . 4.05 5.48 20.77
O3 PSJ J . 5.32 6.12 20.67
C4 PSJ J . 3.99 4.61 22.04
O4 PSJ J . 4.02 5.45 23.20
C5 PSJ J . 5.15 3.61 22.11
O5 PSJ J . 5.19 2.82 20.93
C6 PSJ J . 4.93 2.70 23.32
O6 PSJ J . 3.81 1.86 23.07
MN MN K . 8.95 -7.20 -17.02
MN MN L . 6.64 -3.90 -16.01
C1 PSJ M . 5.38 -4.56 -18.55
O1 PSJ M . 5.02 -4.10 -17.26
C2 PSJ M . 6.50 -5.58 -18.42
O2 PSJ M . 7.23 -5.60 -17.42
C3 PSJ M . 6.78 -6.51 -19.60
O3 PSJ M . 7.92 -7.32 -19.30
C4 PSJ M . 7.05 -5.69 -20.86
O4 PSJ M . 7.05 -6.54 -22.00
C5 PSJ M . 8.40 -4.95 -20.77
O5 PSJ M . 8.46 -4.21 -19.56
C6 PSJ M . 8.55 -4.03 -21.96
O6 PSJ M . 7.61 -2.97 -21.86
MN MN N . -5.45 16.27 -11.32
MN MN O . -3.22 12.76 -11.89
C1 PSJ P . -1.48 14.63 -13.27
O1 PSJ P . -1.36 13.46 -12.49
C2 PSJ P . -2.64 15.47 -12.77
O2 PSJ P . -3.58 14.95 -12.16
C3 PSJ P . -2.75 16.91 -13.25
O3 PSJ P . -3.96 17.50 -12.76
C4 PSJ P . -2.73 16.97 -14.78
O4 PSJ P . -2.59 18.32 -15.20
C5 PSJ P . -3.98 16.35 -15.42
O5 PSJ P . -4.19 15.04 -14.93
C6 PSJ P . -3.82 16.32 -16.92
O6 PSJ P . -2.73 15.49 -17.27
#